data_2A2K
# 
_entry.id   2A2K 
# 
_audit_conform.dict_name       mmcif_pdbx.dic 
_audit_conform.dict_version    5.376 
_audit_conform.dict_location   http://mmcif.pdb.org/dictionaries/ascii/mmcif_pdbx.dic 
# 
loop_
_database_2.database_id 
_database_2.database_code 
_database_2.pdbx_database_accession 
_database_2.pdbx_DOI 
PDB   2A2K         pdb_00002a2k 10.2210/pdb2a2k/pdb 
RCSB  RCSB033411   ?            ?                   
WWPDB D_1000033411 ?            ?                   
# 
loop_
_pdbx_database_related.db_name 
_pdbx_database_related.db_id 
_pdbx_database_related.details 
_pdbx_database_related.content_type 
PDB 1QB0 'Crystal structure of the catalytic domain of Cdc25B'                unspecified 
PDB 1YMK 'Crystal structure of the catalytic domain of Cdc25B in the apoform' unspecified 
# 
_pdbx_database_status.status_code                     REL 
_pdbx_database_status.entry_id                        2A2K 
_pdbx_database_status.recvd_initial_deposition_date   2005-06-22 
_pdbx_database_status.deposit_site                    RCSB 
_pdbx_database_status.process_site                    RCSB 
_pdbx_database_status.status_code_sf                  REL 
_pdbx_database_status.status_code_mr                  ? 
_pdbx_database_status.SG_entry                        ? 
_pdbx_database_status.pdb_format_compatible           Y 
_pdbx_database_status.status_code_cs                  ? 
_pdbx_database_status.status_code_nmr_data            ? 
_pdbx_database_status.methods_development_category    ? 
# 
loop_
_audit_author.name 
_audit_author.pdbx_ordinal 
'Sohn, J.'            1 
'Parks, J.'           2 
'Buhrman, G.'         3 
'Brown, P.'           4 
'Kristjansdottir, K.' 5 
'Safi, A.'            6 
'Yang, W.'            7 
'Edelsbrunner, H.'    8 
'Rudolph, J.'         9 
# 
_citation.id                        primary 
_citation.title                     
'Experimental Validation of the Docking Orientation of Cdc25 with Its Cdk2-CycA Protein Substrate.' 
_citation.journal_abbrev            Biochemistry 
_citation.journal_volume            44 
_citation.page_first                16563 
_citation.page_last                 16573 
_citation.year                      2005 
_citation.journal_id_ASTM           BICHAW 
_citation.country                   US 
_citation.journal_id_ISSN           0006-2960 
_citation.journal_id_CSD            0033 
_citation.book_publisher            ? 
_citation.pdbx_database_id_PubMed   16342947 
_citation.pdbx_database_id_DOI      10.1021/bi0516879 
# 
loop_
_citation_author.citation_id 
_citation_author.name 
_citation_author.ordinal 
_citation_author.identifier_ORCID 
primary 'Sohn, J.'         1 ? 
primary 'Parks, J.M.'      2 ? 
primary 'Buhrman, G.'      3 ? 
primary 'Brown, P.'        4 ? 
primary 'Safi, A.'         5 ? 
primary 'Edelsbrunner, H.' 6 ? 
primary 'Yang, W.'         7 ? 
primary 'Rudolph, J.'      8 ? 
# 
_cell.entry_id           2A2K 
_cell.length_a           50.247 
_cell.length_b           70.933 
_cell.length_c           74.056 
_cell.angle_alpha        90.00 
_cell.angle_beta         90.00 
_cell.angle_gamma        90.00 
_cell.Z_PDB              4 
_cell.pdbx_unique_axis   ? 
_cell.length_a_esd       ? 
_cell.length_b_esd       ? 
_cell.length_c_esd       ? 
_cell.angle_alpha_esd    ? 
_cell.angle_beta_esd     ? 
_cell.angle_gamma_esd    ? 
# 
_symmetry.entry_id                         2A2K 
_symmetry.space_group_name_H-M             'P 21 21 21' 
_symmetry.pdbx_full_space_group_name_H-M   ? 
_symmetry.cell_setting                     ? 
_symmetry.Int_Tables_number                19 
_symmetry.space_group_name_Hall            ? 
# 
loop_
_entity.id 
_entity.type 
_entity.src_method 
_entity.pdbx_description 
_entity.formula_weight 
_entity.pdbx_number_of_molecules 
_entity.pdbx_ec 
_entity.pdbx_mutation 
_entity.pdbx_fragment 
_entity.details 
1 polymer     man 'M-phase inducer phosphatase 2' 20665.736 1   3.1.3.48 C473S 'Catalytic Domain' ? 
2 non-polymer syn 'CHLORIDE ION'                  35.453    2   ?        ?     ?                  ? 
3 non-polymer syn 'SULFATE ION'                   96.063    1   ?        ?     ?                  ? 
4 water       nat water                           18.015    219 ?        ?     ?                  ? 
# 
_entity_name_com.entity_id   1 
_entity_name_com.name        'Dual specificity phosphatase Cdc25B' 
# 
_entity_poly.entity_id                      1 
_entity_poly.type                           'polypeptide(L)' 
_entity_poly.nstd_linkage                   no 
_entity_poly.nstd_monomer                   no 
_entity_poly.pdbx_seq_one_letter_code       
;MELIGDYSKAFLLQTVDGKHQDLKYISPETMVALLTGKFSNIVDKFVIVDCRYPYEYEGGHIKTAVNLPLERDAESFLLK
SPIAPCSLDKRVILIFHSEFSSERGPRMCRFIRERDRAVNDYPSLYYPEMYILKGGYKEFFPQHPNFCEPQDYRPMNHEA
FKDELKTFRLKTRSW
;
_entity_poly.pdbx_seq_one_letter_code_can   
;MELIGDYSKAFLLQTVDGKHQDLKYISPETMVALLTGKFSNIVDKFVIVDCRYPYEYEGGHIKTAVNLPLERDAESFLLK
SPIAPCSLDKRVILIFHSEFSSERGPRMCRFIRERDRAVNDYPSLYYPEMYILKGGYKEFFPQHPNFCEPQDYRPMNHEA
FKDELKTFRLKTRSW
;
_entity_poly.pdbx_strand_id                 A 
_entity_poly.pdbx_target_identifier         ? 
# 
loop_
_entity_poly_seq.entity_id 
_entity_poly_seq.num 
_entity_poly_seq.mon_id 
_entity_poly_seq.hetero 
1 1   MET n 
1 2   GLU n 
1 3   LEU n 
1 4   ILE n 
1 5   GLY n 
1 6   ASP n 
1 7   TYR n 
1 8   SER n 
1 9   LYS n 
1 10  ALA n 
1 11  PHE n 
1 12  LEU n 
1 13  LEU n 
1 14  GLN n 
1 15  THR n 
1 16  VAL n 
1 17  ASP n 
1 18  GLY n 
1 19  LYS n 
1 20  HIS n 
1 21  GLN n 
1 22  ASP n 
1 23  LEU n 
1 24  LYS n 
1 25  TYR n 
1 26  ILE n 
1 27  SER n 
1 28  PRO n 
1 29  GLU n 
1 30  THR n 
1 31  MET n 
1 32  VAL n 
1 33  ALA n 
1 34  LEU n 
1 35  LEU n 
1 36  THR n 
1 37  GLY n 
1 38  LYS n 
1 39  PHE n 
1 40  SER n 
1 41  ASN n 
1 42  ILE n 
1 43  VAL n 
1 44  ASP n 
1 45  LYS n 
1 46  PHE n 
1 47  VAL n 
1 48  ILE n 
1 49  VAL n 
1 50  ASP n 
1 51  CYS n 
1 52  ARG n 
1 53  TYR n 
1 54  PRO n 
1 55  TYR n 
1 56  GLU n 
1 57  TYR n 
1 58  GLU n 
1 59  GLY n 
1 60  GLY n 
1 61  HIS n 
1 62  ILE n 
1 63  LYS n 
1 64  THR n 
1 65  ALA n 
1 66  VAL n 
1 67  ASN n 
1 68  LEU n 
1 69  PRO n 
1 70  LEU n 
1 71  GLU n 
1 72  ARG n 
1 73  ASP n 
1 74  ALA n 
1 75  GLU n 
1 76  SER n 
1 77  PHE n 
1 78  LEU n 
1 79  LEU n 
1 80  LYS n 
1 81  SER n 
1 82  PRO n 
1 83  ILE n 
1 84  ALA n 
1 85  PRO n 
1 86  CYS n 
1 87  SER n 
1 88  LEU n 
1 89  ASP n 
1 90  LYS n 
1 91  ARG n 
1 92  VAL n 
1 93  ILE n 
1 94  LEU n 
1 95  ILE n 
1 96  PHE n 
1 97  HIS n 
1 98  SER n 
1 99  GLU n 
1 100 PHE n 
1 101 SER n 
1 102 SER n 
1 103 GLU n 
1 104 ARG n 
1 105 GLY n 
1 106 PRO n 
1 107 ARG n 
1 108 MET n 
1 109 CYS n 
1 110 ARG n 
1 111 PHE n 
1 112 ILE n 
1 113 ARG n 
1 114 GLU n 
1 115 ARG n 
1 116 ASP n 
1 117 ARG n 
1 118 ALA n 
1 119 VAL n 
1 120 ASN n 
1 121 ASP n 
1 122 TYR n 
1 123 PRO n 
1 124 SER n 
1 125 LEU n 
1 126 TYR n 
1 127 TYR n 
1 128 PRO n 
1 129 GLU n 
1 130 MET n 
1 131 TYR n 
1 132 ILE n 
1 133 LEU n 
1 134 LYS n 
1 135 GLY n 
1 136 GLY n 
1 137 TYR n 
1 138 LYS n 
1 139 GLU n 
1 140 PHE n 
1 141 PHE n 
1 142 PRO n 
1 143 GLN n 
1 144 HIS n 
1 145 PRO n 
1 146 ASN n 
1 147 PHE n 
1 148 CYS n 
1 149 GLU n 
1 150 PRO n 
1 151 GLN n 
1 152 ASP n 
1 153 TYR n 
1 154 ARG n 
1 155 PRO n 
1 156 MET n 
1 157 ASN n 
1 158 HIS n 
1 159 GLU n 
1 160 ALA n 
1 161 PHE n 
1 162 LYS n 
1 163 ASP n 
1 164 GLU n 
1 165 LEU n 
1 166 LYS n 
1 167 THR n 
1 168 PHE n 
1 169 ARG n 
1 170 LEU n 
1 171 LYS n 
1 172 THR n 
1 173 ARG n 
1 174 SER n 
1 175 TRP n 
# 
_entity_src_gen.entity_id                          1 
_entity_src_gen.pdbx_src_id                        1 
_entity_src_gen.pdbx_alt_source_flag               sample 
_entity_src_gen.pdbx_seq_type                      ? 
_entity_src_gen.pdbx_beg_seq_num                   ? 
_entity_src_gen.pdbx_end_seq_num                   ? 
_entity_src_gen.gene_src_common_name               human 
_entity_src_gen.gene_src_genus                     Homo 
_entity_src_gen.pdbx_gene_src_gene                 'CDC25B, CDC25HU2' 
_entity_src_gen.gene_src_species                   ? 
_entity_src_gen.gene_src_strain                    ? 
_entity_src_gen.gene_src_tissue                    ? 
_entity_src_gen.gene_src_tissue_fraction           ? 
_entity_src_gen.gene_src_details                   ? 
_entity_src_gen.pdbx_gene_src_fragment             ? 
_entity_src_gen.pdbx_gene_src_scientific_name      'Homo sapiens' 
_entity_src_gen.pdbx_gene_src_ncbi_taxonomy_id     9606 
_entity_src_gen.pdbx_gene_src_variant              ? 
_entity_src_gen.pdbx_gene_src_cell_line            ? 
_entity_src_gen.pdbx_gene_src_atcc                 ? 
_entity_src_gen.pdbx_gene_src_organ                ? 
_entity_src_gen.pdbx_gene_src_organelle            ? 
_entity_src_gen.pdbx_gene_src_cell                 ? 
_entity_src_gen.pdbx_gene_src_cellular_location    ? 
_entity_src_gen.host_org_common_name               ? 
_entity_src_gen.pdbx_host_org_scientific_name      'Escherichia coli BL21' 
_entity_src_gen.pdbx_host_org_ncbi_taxonomy_id     511693 
_entity_src_gen.host_org_genus                     Escherichia 
_entity_src_gen.pdbx_host_org_gene                 ? 
_entity_src_gen.pdbx_host_org_organ                ? 
_entity_src_gen.host_org_species                   'Escherichia coli' 
_entity_src_gen.pdbx_host_org_tissue               ? 
_entity_src_gen.pdbx_host_org_tissue_fraction      ? 
_entity_src_gen.pdbx_host_org_strain               BL21 
_entity_src_gen.pdbx_host_org_variant              ? 
_entity_src_gen.pdbx_host_org_cell_line            ? 
_entity_src_gen.pdbx_host_org_atcc                 ? 
_entity_src_gen.pdbx_host_org_culture_collection   ? 
_entity_src_gen.pdbx_host_org_cell                 ? 
_entity_src_gen.pdbx_host_org_organelle            ? 
_entity_src_gen.pdbx_host_org_cellular_location    ? 
_entity_src_gen.pdbx_host_org_vector_type          PLASMID 
_entity_src_gen.pdbx_host_org_vector               ? 
_entity_src_gen.host_org_details                   ? 
_entity_src_gen.expression_system_id               ? 
_entity_src_gen.plasmid_name                       pET3 
_entity_src_gen.plasmid_details                    ? 
_entity_src_gen.pdbx_description                   ? 
# 
_struct_ref.id                         1 
_struct_ref.db_name                    UNP 
_struct_ref.db_code                    MPIP2_HUMAN 
_struct_ref.pdbx_db_accession          P30305 
_struct_ref.entity_id                  1 
_struct_ref.pdbx_seq_one_letter_code   
;ELIGDYSKAFLLQTVDGKHQDLKYISPETMVALLTGKFSNIVDKFVIVDCRYPYEYEGGHIKTAVNLPLERDAESFLLKS
PIAPCSLDKRVILIFHCEFSSERGPRMCRFIRERDRAVNDYPSLYYPEMYILKGGYKEFFPQHPNFCEPQDYRPMNHEAF
KDELKTFRLKTRSW
;
_struct_ref.pdbx_align_begin           377 
_struct_ref.pdbx_db_isoform            ? 
# 
_struct_ref_seq.align_id                      1 
_struct_ref_seq.ref_id                        1 
_struct_ref_seq.pdbx_PDB_id_code              2A2K 
_struct_ref_seq.pdbx_strand_id                A 
_struct_ref_seq.seq_align_beg                 2 
_struct_ref_seq.pdbx_seq_align_beg_ins_code   ? 
_struct_ref_seq.seq_align_end                 175 
_struct_ref_seq.pdbx_seq_align_end_ins_code   ? 
_struct_ref_seq.pdbx_db_accession             P30305 
_struct_ref_seq.db_align_beg                  377 
_struct_ref_seq.pdbx_db_align_beg_ins_code    ? 
_struct_ref_seq.db_align_end                  550 
_struct_ref_seq.pdbx_db_align_end_ins_code    ? 
_struct_ref_seq.pdbx_auth_seq_align_beg       377 
_struct_ref_seq.pdbx_auth_seq_align_end       550 
# 
loop_
_struct_ref_seq_dif.align_id 
_struct_ref_seq_dif.pdbx_pdb_id_code 
_struct_ref_seq_dif.mon_id 
_struct_ref_seq_dif.pdbx_pdb_strand_id 
_struct_ref_seq_dif.seq_num 
_struct_ref_seq_dif.pdbx_pdb_ins_code 
_struct_ref_seq_dif.pdbx_seq_db_name 
_struct_ref_seq_dif.pdbx_seq_db_accession_code 
_struct_ref_seq_dif.db_mon_id 
_struct_ref_seq_dif.pdbx_seq_db_seq_num 
_struct_ref_seq_dif.details 
_struct_ref_seq_dif.pdbx_auth_seq_num 
_struct_ref_seq_dif.pdbx_ordinal 
1 2A2K MET A 1  ? UNP P30305 ?   ?   'initiating methionine' 376 1 
1 2A2K SER A 98 ? UNP P30305 CYS 473 'engineered mutation'   473 2 
# 
loop_
_chem_comp.id 
_chem_comp.type 
_chem_comp.mon_nstd_flag 
_chem_comp.name 
_chem_comp.pdbx_synonyms 
_chem_comp.formula 
_chem_comp.formula_weight 
ALA 'L-peptide linking' y ALANINE         ? 'C3 H7 N O2'     89.093  
ARG 'L-peptide linking' y ARGININE        ? 'C6 H15 N4 O2 1' 175.209 
ASN 'L-peptide linking' y ASPARAGINE      ? 'C4 H8 N2 O3'    132.118 
ASP 'L-peptide linking' y 'ASPARTIC ACID' ? 'C4 H7 N O4'     133.103 
CL  non-polymer         . 'CHLORIDE ION'  ? 'Cl -1'          35.453  
CYS 'L-peptide linking' y CYSTEINE        ? 'C3 H7 N O2 S'   121.158 
GLN 'L-peptide linking' y GLUTAMINE       ? 'C5 H10 N2 O3'   146.144 
GLU 'L-peptide linking' y 'GLUTAMIC ACID' ? 'C5 H9 N O4'     147.129 
GLY 'peptide linking'   y GLYCINE         ? 'C2 H5 N O2'     75.067  
HIS 'L-peptide linking' y HISTIDINE       ? 'C6 H10 N3 O2 1' 156.162 
HOH non-polymer         . WATER           ? 'H2 O'           18.015  
ILE 'L-peptide linking' y ISOLEUCINE      ? 'C6 H13 N O2'    131.173 
LEU 'L-peptide linking' y LEUCINE         ? 'C6 H13 N O2'    131.173 
LYS 'L-peptide linking' y LYSINE          ? 'C6 H15 N2 O2 1' 147.195 
MET 'L-peptide linking' y METHIONINE      ? 'C5 H11 N O2 S'  149.211 
PHE 'L-peptide linking' y PHENYLALANINE   ? 'C9 H11 N O2'    165.189 
PRO 'L-peptide linking' y PROLINE         ? 'C5 H9 N O2'     115.130 
SER 'L-peptide linking' y SERINE          ? 'C3 H7 N O3'     105.093 
SO4 non-polymer         . 'SULFATE ION'   ? 'O4 S -2'        96.063  
THR 'L-peptide linking' y THREONINE       ? 'C4 H9 N O3'     119.119 
TRP 'L-peptide linking' y TRYPTOPHAN      ? 'C11 H12 N2 O2'  204.225 
TYR 'L-peptide linking' y TYROSINE        ? 'C9 H11 N O3'    181.189 
VAL 'L-peptide linking' y VALINE          ? 'C5 H11 N O2'    117.146 
# 
_exptl.entry_id          2A2K 
_exptl.method            'X-RAY DIFFRACTION' 
_exptl.crystals_number   1 
# 
_exptl_crystal.id                    1 
_exptl_crystal.density_meas          ? 
_exptl_crystal.density_Matthews      3.19 
_exptl_crystal.density_percent_sol   61.46 
_exptl_crystal.description           ? 
_exptl_crystal.F_000                 ? 
_exptl_crystal.preparation           ? 
# 
_exptl_crystal_grow.crystal_id      1 
_exptl_crystal_grow.method          'VAPOR DIFFUSION, HANGING DROP' 
_exptl_crystal_grow.temp            291 
_exptl_crystal_grow.temp_details    ? 
_exptl_crystal_grow.pH              7.5 
_exptl_crystal_grow.pdbx_details    'DTT, Ammonium Sulfate, Tris, pH 7.5, VAPOR DIFFUSION, HANGING DROP, temperature 291K' 
_exptl_crystal_grow.pdbx_pH_range   . 
# 
_diffrn.id                     1 
_diffrn.ambient_temp           100.0 
_diffrn.ambient_temp_details   ? 
_diffrn.crystal_id             1 
# 
_diffrn_detector.diffrn_id              1 
_diffrn_detector.detector               ? 
_diffrn_detector.type                   ? 
_diffrn_detector.pdbx_collection_date   2004-08-16 
_diffrn_detector.details                ? 
# 
_diffrn_radiation.diffrn_id                        1 
_diffrn_radiation.wavelength_id                    1 
_diffrn_radiation.pdbx_monochromatic_or_laue_m_l   M 
_diffrn_radiation.monochromator                    ? 
_diffrn_radiation.pdbx_diffrn_protocol             'SINGLE WAVELENGTH' 
_diffrn_radiation.pdbx_scattering_type             x-ray 
# 
_diffrn_radiation_wavelength.id           1 
_diffrn_radiation_wavelength.wavelength   1.0 
_diffrn_radiation_wavelength.wt           1.0 
# 
_diffrn_source.diffrn_id                   1 
_diffrn_source.source                      SYNCHROTRON 
_diffrn_source.type                        'APS BEAMLINE 22-ID' 
_diffrn_source.pdbx_synchrotron_site       APS 
_diffrn_source.pdbx_synchrotron_beamline   22-ID 
_diffrn_source.pdbx_wavelength             ? 
_diffrn_source.pdbx_wavelength_list        1.0 
# 
_reflns.entry_id                     2A2K 
_reflns.observed_criterion_sigma_I   ? 
_reflns.observed_criterion_sigma_F   ? 
_reflns.d_resolution_low             23.68 
_reflns.d_resolution_high            1.52 
_reflns.number_obs                   37967 
_reflns.number_all                   37967 
_reflns.percent_possible_obs         ? 
_reflns.pdbx_Rmerge_I_obs            ? 
_reflns.pdbx_Rsym_value              ? 
_reflns.pdbx_netI_over_sigmaI        ? 
_reflns.B_iso_Wilson_estimate        14.5 
_reflns.pdbx_redundancy              ? 
_reflns.R_free_details               ? 
_reflns.limit_h_max                  ? 
_reflns.limit_h_min                  ? 
_reflns.limit_k_max                  ? 
_reflns.limit_k_min                  ? 
_reflns.limit_l_max                  ? 
_reflns.limit_l_min                  ? 
_reflns.observed_criterion_F_max     ? 
_reflns.observed_criterion_F_min     ? 
_reflns.pdbx_chi_squared             ? 
_reflns.pdbx_scaling_rejects         ? 
_reflns.pdbx_diffrn_id               1 
_reflns.pdbx_ordinal                 1 
# 
_refine.entry_id                                 2A2K 
_refine.ls_number_reflns_obs                     37967 
_refine.ls_number_reflns_all                     37967 
_refine.pdbx_ls_sigma_I                          ? 
_refine.pdbx_ls_sigma_F                          0.0 
_refine.pdbx_data_cutoff_high_absF               274807.47 
_refine.pdbx_data_cutoff_low_absF                0.000000 
_refine.pdbx_data_cutoff_high_rms_absF           ? 
_refine.ls_d_res_low                             23.68 
_refine.ls_d_res_high                            1.52 
_refine.ls_percent_reflns_obs                    91.5 
_refine.ls_R_factor_obs                          0.182 
_refine.ls_R_factor_all                          0.183 
_refine.ls_R_factor_R_work                       0.182 
_refine.ls_R_factor_R_free                       0.191 
_refine.ls_R_factor_R_free_error                 0.003 
_refine.ls_R_factor_R_free_error_details         ? 
_refine.ls_percent_reflns_R_free                 10.0 
_refine.ls_number_reflns_R_free                  3810 
_refine.ls_number_parameters                     ? 
_refine.ls_number_restraints                     ? 
_refine.occupancy_min                            ? 
_refine.occupancy_max                            ? 
_refine.correlation_coeff_Fo_to_Fc               ? 
_refine.correlation_coeff_Fo_to_Fc_free          ? 
_refine.B_iso_mean                               16.0 
_refine.aniso_B[1][1]                            3.05 
_refine.aniso_B[2][2]                            -2.14 
_refine.aniso_B[3][3]                            -0.90 
_refine.aniso_B[1][2]                            0.00 
_refine.aniso_B[1][3]                            0.00 
_refine.aniso_B[2][3]                            0.00 
_refine.solvent_model_details                    'FLAT MODEL' 
_refine.solvent_model_param_ksol                 0.363967 
_refine.solvent_model_param_bsol                 38.4357 
_refine.pdbx_solvent_vdw_probe_radii             ? 
_refine.pdbx_solvent_ion_probe_radii             ? 
_refine.pdbx_solvent_shrinkage_radii             ? 
_refine.pdbx_ls_cross_valid_method               THROUGHOUT 
_refine.details                                  ? 
_refine.pdbx_starting_model                      'PDB ENTRY 1YMK' 
_refine.pdbx_method_to_determine_struct          'MOLECULAR REPLACEMENT' 
_refine.pdbx_isotropic_thermal_model             RESTRAINED 
_refine.pdbx_stereochemistry_target_values       'Engh & Huber' 
_refine.pdbx_stereochem_target_val_spec_case     ? 
_refine.pdbx_R_Free_selection_details            RANDOM 
_refine.pdbx_overall_ESU_R                       ? 
_refine.pdbx_overall_ESU_R_Free                  ? 
_refine.overall_SU_ML                            ? 
_refine.overall_SU_B                             ? 
_refine.ls_redundancy_reflns_obs                 ? 
_refine.B_iso_min                                ? 
_refine.B_iso_max                                ? 
_refine.overall_SU_R_Cruickshank_DPI             ? 
_refine.overall_SU_R_free                        ? 
_refine.ls_wR_factor_R_free                      ? 
_refine.ls_wR_factor_R_work                      ? 
_refine.overall_FOM_free_R_set                   ? 
_refine.overall_FOM_work_R_set                   ? 
_refine.pdbx_refine_id                           'X-RAY DIFFRACTION' 
_refine.pdbx_diffrn_id                           1 
_refine.pdbx_TLS_residual_ADP_flag               ? 
_refine.pdbx_overall_phase_error                 ? 
_refine.pdbx_overall_SU_R_free_Cruickshank_DPI   ? 
_refine.pdbx_overall_SU_R_Blow_DPI               ? 
_refine.pdbx_overall_SU_R_free_Blow_DPI          ? 
# 
_refine_analyze.entry_id                        2A2K 
_refine_analyze.Luzzati_coordinate_error_obs    0.16 
_refine_analyze.Luzzati_sigma_a_obs             0.12 
_refine_analyze.Luzzati_d_res_low_obs           5.00 
_refine_analyze.Luzzati_coordinate_error_free   0.17 
_refine_analyze.Luzzati_sigma_a_free            0.17 
_refine_analyze.Luzzati_d_res_low_free          ? 
_refine_analyze.number_disordered_residues      ? 
_refine_analyze.occupancy_sum_hydrogen          ? 
_refine_analyze.occupancy_sum_non_hydrogen      ? 
_refine_analyze.pdbx_Luzzati_d_res_high_obs     ? 
_refine_analyze.pdbx_refine_id                  'X-RAY DIFFRACTION' 
# 
_refine_hist.pdbx_refine_id                   'X-RAY DIFFRACTION' 
_refine_hist.cycle_id                         LAST 
_refine_hist.pdbx_number_atoms_protein        1472 
_refine_hist.pdbx_number_atoms_nucleic_acid   0 
_refine_hist.pdbx_number_atoms_ligand         7 
_refine_hist.number_atoms_solvent             219 
_refine_hist.number_atoms_total               1698 
_refine_hist.d_res_high                       1.52 
_refine_hist.d_res_low                        23.68 
# 
loop_
_refine_ls_restr.type 
_refine_ls_restr.dev_ideal 
_refine_ls_restr.dev_ideal_target 
_refine_ls_restr.weight 
_refine_ls_restr.number 
_refine_ls_restr.pdbx_refine_id 
_refine_ls_restr.pdbx_restraint_function 
c_bond_d                0.005 ?    ? ? 'X-RAY DIFFRACTION' ? 
c_bond_d_na             ?     ?    ? ? 'X-RAY DIFFRACTION' ? 
c_bond_d_prot           ?     ?    ? ? 'X-RAY DIFFRACTION' ? 
c_angle_d               ?     ?    ? ? 'X-RAY DIFFRACTION' ? 
c_angle_d_na            ?     ?    ? ? 'X-RAY DIFFRACTION' ? 
c_angle_d_prot          ?     ?    ? ? 'X-RAY DIFFRACTION' ? 
c_angle_deg             1.2   ?    ? ? 'X-RAY DIFFRACTION' ? 
c_angle_deg_na          ?     ?    ? ? 'X-RAY DIFFRACTION' ? 
c_angle_deg_prot        ?     ?    ? ? 'X-RAY DIFFRACTION' ? 
c_dihedral_angle_d      22.4  ?    ? ? 'X-RAY DIFFRACTION' ? 
c_dihedral_angle_d_na   ?     ?    ? ? 'X-RAY DIFFRACTION' ? 
c_dihedral_angle_d_prot ?     ?    ? ? 'X-RAY DIFFRACTION' ? 
c_improper_angle_d      0.85  ?    ? ? 'X-RAY DIFFRACTION' ? 
c_improper_angle_d_na   ?     ?    ? ? 'X-RAY DIFFRACTION' ? 
c_improper_angle_d_prot ?     ?    ? ? 'X-RAY DIFFRACTION' ? 
c_mcbond_it             1.02  1.50 ? ? 'X-RAY DIFFRACTION' ? 
c_mcangle_it            1.55  2.00 ? ? 'X-RAY DIFFRACTION' ? 
c_scbond_it             2.05  2.00 ? ? 'X-RAY DIFFRACTION' ? 
c_scangle_it            3.15  2.50 ? ? 'X-RAY DIFFRACTION' ? 
# 
_refine_ls_shell.pdbx_total_number_of_bins_used   6 
_refine_ls_shell.d_res_high                       1.52 
_refine_ls_shell.d_res_low                        1.62 
_refine_ls_shell.number_reflns_R_work             4390 
_refine_ls_shell.R_factor_R_work                  0.227 
_refine_ls_shell.percent_reflns_obs               72.2 
_refine_ls_shell.R_factor_R_free                  0.253 
_refine_ls_shell.R_factor_R_free_error            0.011 
_refine_ls_shell.percent_reflns_R_free            10.5 
_refine_ls_shell.number_reflns_R_free             517 
_refine_ls_shell.number_reflns_obs                ? 
_refine_ls_shell.redundancy_reflns_obs            ? 
_refine_ls_shell.number_reflns_all                ? 
_refine_ls_shell.R_factor_all                     ? 
_refine_ls_shell.pdbx_refine_id                   'X-RAY DIFFRACTION' 
# 
loop_
_pdbx_xplor_file.serial_no 
_pdbx_xplor_file.param_file 
_pdbx_xplor_file.topol_file 
_pdbx_xplor_file.pdbx_refine_id 
1 protein_rep.param protein.top 'X-RAY DIFFRACTION' 
2 water_rep.param   water.top   'X-RAY DIFFRACTION' 
3 ion.param         ion.top     'X-RAY DIFFRACTION' 
# 
_struct.entry_id                  2A2K 
_struct.title                     'Crystal Structure of an active site mutant, C473S, of Cdc25B Phosphatase Catalytic Domain' 
_struct.pdbx_model_details        ? 
_struct.pdbx_CASP_flag            ? 
_struct.pdbx_model_type_details   ? 
# 
_struct_keywords.entry_id        2A2K 
_struct_keywords.pdbx_keywords   HYDROLASE 
_struct_keywords.text            'PHOSPHATASE, DUAL SPECIFICITY, SUBSTRATE TRAPPING, ACTIVE SITE MUTANT, HYDROLASE' 
# 
loop_
_struct_asym.id 
_struct_asym.pdbx_blank_PDB_chainid_flag 
_struct_asym.pdbx_modified 
_struct_asym.entity_id 
_struct_asym.details 
A N N 1 ? 
B N N 2 ? 
C N N 2 ? 
D N N 3 ? 
E N N 4 ? 
# 
_struct_biol.id                    1 
_struct_biol.pdbx_parent_biol_id   ? 
_struct_biol.details               ? 
# 
loop_
_struct_conf.conf_type_id 
_struct_conf.id 
_struct_conf.pdbx_PDB_helix_id 
_struct_conf.beg_label_comp_id 
_struct_conf.beg_label_asym_id 
_struct_conf.beg_label_seq_id 
_struct_conf.pdbx_beg_PDB_ins_code 
_struct_conf.end_label_comp_id 
_struct_conf.end_label_asym_id 
_struct_conf.end_label_seq_id 
_struct_conf.pdbx_end_PDB_ins_code 
_struct_conf.beg_auth_comp_id 
_struct_conf.beg_auth_asym_id 
_struct_conf.beg_auth_seq_id 
_struct_conf.end_auth_comp_id 
_struct_conf.end_auth_asym_id 
_struct_conf.end_auth_seq_id 
_struct_conf.pdbx_PDB_helix_class 
_struct_conf.details 
_struct_conf.pdbx_PDB_helix_length 
HELX_P HELX_P1 1 SER A 27  ? THR A 36  ? SER A 402 THR A 411 1 ? 10 
HELX_P HELX_P2 2 TYR A 53  ? GLY A 59  ? TYR A 428 GLY A 434 1 ? 7  
HELX_P HELX_P3 3 LEU A 70  ? LYS A 80  ? LEU A 445 LYS A 455 1 ? 11 
HELX_P HELX_P4 4 GLU A 103 ? VAL A 119 ? GLU A 478 VAL A 494 1 ? 17 
HELX_P HELX_P5 5 GLY A 135 ? PHE A 141 ? GLY A 510 PHE A 516 1 ? 7  
HELX_P HELX_P6 6 HIS A 144 ? ASN A 146 ? HIS A 519 ASN A 521 5 ? 3  
HELX_P HELX_P7 7 HIS A 158 ? ALA A 160 ? HIS A 533 ALA A 535 5 ? 3  
HELX_P HELX_P8 8 PHE A 161 ? LEU A 170 ? PHE A 536 LEU A 545 1 ? 10 
# 
_struct_conf_type.id          HELX_P 
_struct_conf_type.criteria    ? 
_struct_conf_type.reference   ? 
# 
loop_
_struct_mon_prot_cis.pdbx_id 
_struct_mon_prot_cis.label_comp_id 
_struct_mon_prot_cis.label_seq_id 
_struct_mon_prot_cis.label_asym_id 
_struct_mon_prot_cis.label_alt_id 
_struct_mon_prot_cis.pdbx_PDB_ins_code 
_struct_mon_prot_cis.auth_comp_id 
_struct_mon_prot_cis.auth_seq_id 
_struct_mon_prot_cis.auth_asym_id 
_struct_mon_prot_cis.pdbx_label_comp_id_2 
_struct_mon_prot_cis.pdbx_label_seq_id_2 
_struct_mon_prot_cis.pdbx_label_asym_id_2 
_struct_mon_prot_cis.pdbx_PDB_ins_code_2 
_struct_mon_prot_cis.pdbx_auth_comp_id_2 
_struct_mon_prot_cis.pdbx_auth_seq_id_2 
_struct_mon_prot_cis.pdbx_auth_asym_id_2 
_struct_mon_prot_cis.pdbx_PDB_model_num 
_struct_mon_prot_cis.pdbx_omega_angle 
1 TYR 122 A . ? TYR 497 A PRO 123 A ? PRO 498 A 1 -0.34 
2 GLU 149 A . ? GLU 524 A PRO 150 A ? PRO 525 A 1 -0.70 
# 
loop_
_struct_sheet.id 
_struct_sheet.type 
_struct_sheet.number_strands 
_struct_sheet.details 
A ? 5 ? 
B ? 2 ? 
# 
loop_
_struct_sheet_order.sheet_id 
_struct_sheet_order.range_id_1 
_struct_sheet_order.range_id_2 
_struct_sheet_order.offset 
_struct_sheet_order.sense 
A 1 2 ? parallel      
A 2 3 ? parallel      
A 3 4 ? parallel      
A 4 5 ? parallel      
B 1 2 ? anti-parallel 
# 
loop_
_struct_sheet_range.sheet_id 
_struct_sheet_range.id 
_struct_sheet_range.beg_label_comp_id 
_struct_sheet_range.beg_label_asym_id 
_struct_sheet_range.beg_label_seq_id 
_struct_sheet_range.pdbx_beg_PDB_ins_code 
_struct_sheet_range.end_label_comp_id 
_struct_sheet_range.end_label_asym_id 
_struct_sheet_range.end_label_seq_id 
_struct_sheet_range.pdbx_end_PDB_ins_code 
_struct_sheet_range.beg_auth_comp_id 
_struct_sheet_range.beg_auth_asym_id 
_struct_sheet_range.beg_auth_seq_id 
_struct_sheet_range.end_auth_comp_id 
_struct_sheet_range.end_auth_asym_id 
_struct_sheet_range.end_auth_seq_id 
A 1 TYR A 25  ? ILE A 26  ? TYR A 400 ILE A 401 
A 2 MET A 130 ? LEU A 133 ? MET A 505 LEU A 508 
A 3 ARG A 91  ? HIS A 97  ? ARG A 466 HIS A 472 
A 4 VAL A 43  ? ASP A 50  ? VAL A 418 ASP A 425 
A 5 VAL A 66  ? ASN A 67  ? VAL A 441 ASN A 442 
B 1 HIS A 61  ? ILE A 62  ? HIS A 436 ILE A 437 
B 2 CYS A 148 ? GLU A 149 ? CYS A 523 GLU A 524 
# 
loop_
_pdbx_struct_sheet_hbond.sheet_id 
_pdbx_struct_sheet_hbond.range_id_1 
_pdbx_struct_sheet_hbond.range_id_2 
_pdbx_struct_sheet_hbond.range_1_label_atom_id 
_pdbx_struct_sheet_hbond.range_1_label_comp_id 
_pdbx_struct_sheet_hbond.range_1_label_asym_id 
_pdbx_struct_sheet_hbond.range_1_label_seq_id 
_pdbx_struct_sheet_hbond.range_1_PDB_ins_code 
_pdbx_struct_sheet_hbond.range_1_auth_atom_id 
_pdbx_struct_sheet_hbond.range_1_auth_comp_id 
_pdbx_struct_sheet_hbond.range_1_auth_asym_id 
_pdbx_struct_sheet_hbond.range_1_auth_seq_id 
_pdbx_struct_sheet_hbond.range_2_label_atom_id 
_pdbx_struct_sheet_hbond.range_2_label_comp_id 
_pdbx_struct_sheet_hbond.range_2_label_asym_id 
_pdbx_struct_sheet_hbond.range_2_label_seq_id 
_pdbx_struct_sheet_hbond.range_2_PDB_ins_code 
_pdbx_struct_sheet_hbond.range_2_auth_atom_id 
_pdbx_struct_sheet_hbond.range_2_auth_comp_id 
_pdbx_struct_sheet_hbond.range_2_auth_asym_id 
_pdbx_struct_sheet_hbond.range_2_auth_seq_id 
A 1 2 N ILE A 26  ? N ILE A 401 O ILE A 132 ? O ILE A 507 
A 2 3 O TYR A 131 ? O TYR A 506 N PHE A 96  ? N PHE A 471 
A 3 4 O ILE A 95  ? O ILE A 470 N VAL A 49  ? N VAL A 424 
A 4 5 N ILE A 48  ? N ILE A 423 O VAL A 66  ? O VAL A 441 
B 1 2 N HIS A 61  ? N HIS A 436 O GLU A 149 ? O GLU A 524 
# 
loop_
_struct_site.id 
_struct_site.pdbx_evidence_code 
_struct_site.pdbx_auth_asym_id 
_struct_site.pdbx_auth_comp_id 
_struct_site.pdbx_auth_seq_id 
_struct_site.pdbx_auth_ins_code 
_struct_site.pdbx_num_residues 
_struct_site.details 
AC1 Software A CL  551 ? 3 'BINDING SITE FOR RESIDUE CL A 551'  
AC2 Software A CL  552 ? 3 'BINDING SITE FOR RESIDUE CL A 552'  
AC3 Software A SO4 553 ? 9 'BINDING SITE FOR RESIDUE SO4 A 553' 
# 
loop_
_struct_site_gen.id 
_struct_site_gen.site_id 
_struct_site_gen.pdbx_num_res 
_struct_site_gen.label_comp_id 
_struct_site_gen.label_asym_id 
_struct_site_gen.label_seq_id 
_struct_site_gen.pdbx_auth_ins_code 
_struct_site_gen.auth_comp_id 
_struct_site_gen.auth_asym_id 
_struct_site_gen.auth_seq_id 
_struct_site_gen.label_atom_id 
_struct_site_gen.label_alt_id 
_struct_site_gen.symmetry 
_struct_site_gen.details 
1  AC1 3 HOH E .   ? HOH A 120 . ? 1_555 ? 
2  AC1 3 GLU A 71  ? GLU A 446 . ? 1_555 ? 
3  AC1 3 ARG A 173 ? ARG A 548 . ? 1_555 ? 
4  AC2 3 HOH E .   ? HOH A 23  . ? 1_555 ? 
5  AC2 3 LYS A 19  ? LYS A 394 . ? 1_555 ? 
6  AC2 3 LYS A 134 ? LYS A 509 . ? 1_555 ? 
7  AC3 9 HOH E .   ? HOH A 42  . ? 1_555 ? 
8  AC3 9 HOH E .   ? HOH A 231 . ? 1_555 ? 
9  AC3 9 SER A 98  ? SER A 473 . ? 1_555 ? 
10 AC3 9 GLU A 99  ? GLU A 474 . ? 1_555 ? 
11 AC3 9 PHE A 100 ? PHE A 475 . ? 1_555 ? 
12 AC3 9 SER A 101 ? SER A 476 . ? 1_555 ? 
13 AC3 9 SER A 102 ? SER A 477 . ? 1_555 ? 
14 AC3 9 GLU A 103 ? GLU A 478 . ? 1_555 ? 
15 AC3 9 ARG A 104 ? ARG A 479 . ? 1_555 ? 
# 
_atom_sites.entry_id                    2A2K 
_atom_sites.fract_transf_matrix[1][1]   0.01760651 
_atom_sites.fract_transf_matrix[1][2]   -0.00833914 
_atom_sites.fract_transf_matrix[1][3]   0.00406930 
_atom_sites.fract_transf_matrix[2][1]   -0.00244695 
_atom_sites.fract_transf_matrix[2][2]   -0.00991094 
_atom_sites.fract_transf_matrix[2][3]   -0.00972313 
_atom_sites.fract_transf_matrix[3][1]   0.00584308 
_atom_sites.fract_transf_matrix[3][2]   0.00775943 
_atom_sites.fract_transf_matrix[3][3]   -0.00937980 
_atom_sites.fract_transf_vector[1]      0.399875 
_atom_sites.fract_transf_vector[2]      0.161579 
_atom_sites.fract_transf_vector[3]      0.356432 
# 
loop_
_atom_type.symbol 
C  
CL 
N  
O  
S  
# 
loop_
_atom_site.group_PDB 
_atom_site.id 
_atom_site.type_symbol 
_atom_site.label_atom_id 
_atom_site.label_alt_id 
_atom_site.label_comp_id 
_atom_site.label_asym_id 
_atom_site.label_entity_id 
_atom_site.label_seq_id 
_atom_site.pdbx_PDB_ins_code 
_atom_site.Cartn_x 
_atom_site.Cartn_y 
_atom_site.Cartn_z 
_atom_site.occupancy 
_atom_site.B_iso_or_equiv 
_atom_site.pdbx_formal_charge 
_atom_site.auth_seq_id 
_atom_site.auth_comp_id 
_atom_site.auth_asym_id 
_atom_site.auth_atom_id 
_atom_site.pdbx_PDB_model_num 
ATOM   1    N  N   . MET A 1 1   ? -10.945 8.395   -18.098 1.00 18.01 ? 376 MET A N   1 
ATOM   2    C  CA  . MET A 1 1   ? -10.458 8.372   -16.688 1.00 18.92 ? 376 MET A CA  1 
ATOM   3    C  C   . MET A 1 1   ? -9.570  9.578   -16.402 1.00 17.77 ? 376 MET A C   1 
ATOM   4    O  O   . MET A 1 1   ? -8.820  10.034  -17.270 1.00 17.90 ? 376 MET A O   1 
ATOM   5    C  CB  . MET A 1 1   ? -9.679  7.083   -16.422 1.00 21.59 ? 376 MET A CB  1 
ATOM   6    C  CG  . MET A 1 1   ? -9.216  6.923   -14.984 1.00 23.69 ? 376 MET A CG  1 
ATOM   7    S  SD  . MET A 1 1   ? -8.346  5.366   -14.720 1.00 29.72 ? 376 MET A SD  1 
ATOM   8    C  CE  . MET A 1 1   ? -9.733  4.259   -14.443 1.00 29.69 ? 376 MET A CE  1 
ATOM   9    N  N   . GLU A 1 2   ? -9.657  10.090  -15.179 1.00 17.42 ? 377 GLU A N   1 
ATOM   10   C  CA  . GLU A 1 2   ? -8.870  11.247  -14.777 1.00 16.41 ? 377 GLU A CA  1 
ATOM   11   C  C   . GLU A 1 2   ? -7.372  10.949  -14.783 1.00 15.22 ? 377 GLU A C   1 
ATOM   12   O  O   . GLU A 1 2   ? -6.953  9.789   -14.793 1.00 15.47 ? 377 GLU A O   1 
ATOM   13   C  CB  . GLU A 1 2   ? -9.282  11.706  -13.372 1.00 17.72 ? 377 GLU A CB  1 
ATOM   14   C  CG  . GLU A 1 2   ? -8.863  10.743  -12.265 1.00 19.76 ? 377 GLU A CG  1 
ATOM   15   C  CD  . GLU A 1 2   ? -9.948  9.749   -11.879 1.00 20.96 ? 377 GLU A CD  1 
ATOM   16   O  OE1 . GLU A 1 2   ? -10.694 9.271   -12.761 1.00 20.13 ? 377 GLU A OE1 1 
ATOM   17   O  OE2 . GLU A 1 2   ? -10.040 9.434   -10.679 1.00 25.11 ? 377 GLU A OE2 1 
ATOM   18   N  N   . LEU A 1 3   ? -6.578  12.015  -14.772 1.00 11.49 ? 378 LEU A N   1 
ATOM   19   C  CA  . LEU A 1 3   ? -5.119  11.932  -14.750 1.00 11.12 ? 378 LEU A CA  1 
ATOM   20   C  C   . LEU A 1 3   ? -4.677  11.650  -13.315 1.00 10.28 ? 378 LEU A C   1 
ATOM   21   O  O   . LEU A 1 3   ? -5.492  11.697  -12.394 1.00 10.91 ? 378 LEU A O   1 
ATOM   22   C  CB  . LEU A 1 3   ? -4.519  13.266  -15.193 1.00 10.06 ? 378 LEU A CB  1 
ATOM   23   C  CG  . LEU A 1 3   ? -4.912  13.771  -16.582 1.00 10.30 ? 378 LEU A CG  1 
ATOM   24   C  CD1 . LEU A 1 3   ? -4.490  15.226  -16.737 1.00 11.71 ? 378 LEU A CD1 1 
ATOM   25   C  CD2 . LEU A 1 3   ? -4.263  12.901  -17.640 1.00 14.11 ? 378 LEU A CD2 1 
ATOM   26   N  N   . ILE A 1 4   ? -3.391  11.367  -13.121 1.00 9.81  ? 379 ILE A N   1 
ATOM   27   C  CA  . ILE A 1 4   ? -2.892  11.111  -11.778 1.00 10.16 ? 379 ILE A CA  1 
ATOM   28   C  C   . ILE A 1 4   ? -2.887  12.409  -10.961 1.00 10.72 ? 379 ILE A C   1 
ATOM   29   O  O   . ILE A 1 4   ? -3.198  13.483  -11.486 1.00 11.14 ? 379 ILE A O   1 
ATOM   30   C  CB  . ILE A 1 4   ? -1.480  10.445  -11.802 1.00 7.90  ? 379 ILE A CB  1 
ATOM   31   C  CG1 . ILE A 1 4   ? -0.460  11.333  -12.515 1.00 9.49  ? 379 ILE A CG1 1 
ATOM   32   C  CG2 . ILE A 1 4   ? -1.566  9.097   -12.518 1.00 8.90  ? 379 ILE A CG2 1 
ATOM   33   C  CD1 . ILE A 1 4   ? 0.950   10.740  -12.505 1.00 8.99  ? 379 ILE A CD1 1 
ATOM   34   N  N   . GLY A 1 5   ? -2.542  12.291  -9.679  1.00 11.18 ? 380 GLY A N   1 
ATOM   35   C  CA  . GLY A 1 5   ? -2.547  13.412  -8.747  1.00 11.60 ? 380 GLY A CA  1 
ATOM   36   C  C   . GLY A 1 5   ? -1.993  14.774  -9.121  1.00 10.32 ? 380 GLY A C   1 
ATOM   37   O  O   . GLY A 1 5   ? -2.513  15.801  -8.663  1.00 10.81 ? 380 GLY A O   1 
ATOM   38   N  N   . ASP A 1 6   ? -0.924  14.806  -9.906  1.00 10.35 ? 381 ASP A N   1 
ATOM   39   C  CA  . ASP A 1 6   ? -0.345  16.082  -10.307 1.00 10.74 ? 381 ASP A CA  1 
ATOM   40   C  C   . ASP A 1 6   ? -0.776  16.451  -11.720 1.00 11.89 ? 381 ASP A C   1 
ATOM   41   O  O   . ASP A 1 6   ? -0.215  17.357  -12.332 1.00 12.37 ? 381 ASP A O   1 
ATOM   42   C  CB  . ASP A 1 6   ? 1.183   16.039  -10.209 1.00 11.78 ? 381 ASP A CB  1 
ATOM   43   C  CG  . ASP A 1 6   ? 1.802   14.975  -11.087 1.00 12.88 ? 381 ASP A CG  1 
ATOM   44   O  OD1 . ASP A 1 6   ? 1.061   14.278  -11.813 1.00 11.08 ? 381 ASP A OD1 1 
ATOM   45   O  OD2 . ASP A 1 6   ? 3.044   14.835  -11.046 1.00 13.65 ? 381 ASP A OD2 1 
ATOM   46   N  N   . TYR A 1 7   ? -1.775  15.728  -12.223 1.00 12.03 ? 382 TYR A N   1 
ATOM   47   C  CA  . TYR A 1 7   ? -2.352  15.950  -13.548 1.00 12.58 ? 382 TYR A CA  1 
ATOM   48   C  C   . TYR A 1 7   ? -1.331  15.967  -14.678 1.00 12.23 ? 382 TYR A C   1 
ATOM   49   O  O   . TYR A 1 7   ? -1.497  16.679  -15.672 1.00 13.02 ? 382 TYR A O   1 
ATOM   50   C  CB  . TYR A 1 7   ? -3.149  17.259  -13.528 1.00 12.83 ? 382 TYR A CB  1 
ATOM   51   C  CG  . TYR A 1 7   ? -3.963  17.419  -12.263 1.00 12.55 ? 382 TYR A CG  1 
ATOM   52   C  CD1 . TYR A 1 7   ? -4.752  16.373  -11.786 1.00 13.42 ? 382 TYR A CD1 1 
ATOM   53   C  CD2 . TYR A 1 7   ? -3.923  18.600  -11.529 1.00 14.02 ? 382 TYR A CD2 1 
ATOM   54   C  CE1 . TYR A 1 7   ? -5.478  16.498  -10.606 1.00 14.04 ? 382 TYR A CE1 1 
ATOM   55   C  CE2 . TYR A 1 7   ? -4.646  18.738  -10.347 1.00 15.48 ? 382 TYR A CE2 1 
ATOM   56   C  CZ  . TYR A 1 7   ? -5.421  17.683  -9.893  1.00 16.09 ? 382 TYR A CZ  1 
ATOM   57   O  OH  . TYR A 1 7   ? -6.149  17.814  -8.733  1.00 20.07 ? 382 TYR A OH  1 
ATOM   58   N  N   . SER A 1 8   ? -0.288  15.158  -14.532 1.00 10.97 ? 383 SER A N   1 
ATOM   59   C  CA  . SER A 1 8   ? 0.779   15.089  -15.523 1.00 11.25 ? 383 SER A CA  1 
ATOM   60   C  C   . SER A 1 8   ? 0.560   14.047  -16.612 1.00 12.50 ? 383 SER A C   1 
ATOM   61   O  O   . SER A 1 8   ? 0.993   14.230  -17.750 1.00 13.55 ? 383 SER A O   1 
ATOM   62   C  CB  . SER A 1 8   ? 2.109   14.794  -14.827 1.00 11.40 ? 383 SER A CB  1 
ATOM   63   O  OG  . SER A 1 8   ? 2.060   13.542  -14.157 1.00 11.96 ? 383 SER A OG  1 
ATOM   64   N  N   . LYS A 1 9   ? -0.115  12.957  -16.264 1.00 12.52 ? 384 LYS A N   1 
ATOM   65   C  CA  . LYS A 1 9   ? -0.337  11.870  -17.206 1.00 11.79 ? 384 LYS A CA  1 
ATOM   66   C  C   . LYS A 1 9   ? -1.438  10.941  -16.710 1.00 11.55 ? 384 LYS A C   1 
ATOM   67   O  O   . LYS A 1 9   ? -1.935  11.089  -15.595 1.00 9.86  ? 384 LYS A O   1 
ATOM   68   C  CB  . LYS A 1 9   ? 0.966   11.082  -17.368 1.00 13.09 ? 384 LYS A CB  1 
ATOM   69   C  CG  . LYS A 1 9   ? 1.475   10.483  -16.056 1.00 15.49 ? 384 LYS A CG  1 
ATOM   70   C  CD  . LYS A 1 9   ? 2.883   9.914   -16.194 1.00 18.45 ? 384 LYS A CD  1 
ATOM   71   C  CE  . LYS A 1 9   ? 3.930   11.009  -16.310 1.00 21.16 ? 384 LYS A CE  1 
ATOM   72   N  NZ  . LYS A 1 9   ? 4.063   11.796  -15.052 1.00 22.78 ? 384 LYS A NZ  1 
ATOM   73   N  N   . ALA A 1 10  ? -1.810  9.973   -17.540 1.00 10.57 ? 385 ALA A N   1 
ATOM   74   C  CA  . ALA A 1 10  ? -2.850  9.026   -17.164 1.00 10.99 ? 385 ALA A CA  1 
ATOM   75   C  C   . ALA A 1 10  ? -2.312  7.975   -16.204 1.00 10.99 ? 385 ALA A C   1 
ATOM   76   O  O   . ALA A 1 10  ? -1.100  7.772   -16.101 1.00 11.45 ? 385 ALA A O   1 
ATOM   77   C  CB  . ALA A 1 10  ? -3.403  8.338   -18.408 1.00 12.66 ? 385 ALA A CB  1 
ATOM   78   N  N   . PHE A 1 11  ? -3.221  7.320   -15.491 1.00 10.55 ? 386 PHE A N   1 
ATOM   79   C  CA  . PHE A 1 11  ? -2.830  6.241   -14.595 1.00 10.12 ? 386 PHE A CA  1 
ATOM   80   C  C   . PHE A 1 11  ? -2.300  5.153   -15.526 1.00 10.06 ? 386 PHE A C   1 
ATOM   81   O  O   . PHE A 1 11  ? -2.871  4.903   -16.590 1.00 10.98 ? 386 PHE A O   1 
ATOM   82   C  CB  . PHE A 1 11  ? -4.045  5.732   -13.817 1.00 9.57  ? 386 PHE A CB  1 
ATOM   83   C  CG  . PHE A 1 11  ? -4.363  6.543   -12.593 1.00 9.94  ? 386 PHE A CG  1 
ATOM   84   C  CD1 . PHE A 1 11  ? -3.788  6.222   -11.364 1.00 8.79  ? 386 PHE A CD1 1 
ATOM   85   C  CD2 . PHE A 1 11  ? -5.217  7.640   -12.670 1.00 9.78  ? 386 PHE A CD2 1 
ATOM   86   C  CE1 . PHE A 1 11  ? -4.061  6.983   -10.227 1.00 9.48  ? 386 PHE A CE1 1 
ATOM   87   C  CE2 . PHE A 1 11  ? -5.496  8.409   -11.539 1.00 11.22 ? 386 PHE A CE2 1 
ATOM   88   C  CZ  . PHE A 1 11  ? -4.917  8.080   -10.316 1.00 10.50 ? 386 PHE A CZ  1 
ATOM   89   N  N   . LEU A 1 12  ? -1.210  4.507   -15.130 1.00 10.32 ? 387 LEU A N   1 
ATOM   90   C  CA  . LEU A 1 12  ? -0.600  3.472   -15.956 1.00 10.22 ? 387 LEU A CA  1 
ATOM   91   C  C   . LEU A 1 12  ? -1.261  2.100   -15.885 1.00 10.56 ? 387 LEU A C   1 
ATOM   92   O  O   . LEU A 1 12  ? -1.370  1.402   -16.894 1.00 11.39 ? 387 LEU A O   1 
ATOM   93   C  CB  . LEU A 1 12  ? 0.870   3.312   -15.570 1.00 11.74 ? 387 LEU A CB  1 
ATOM   94   C  CG  . LEU A 1 12  ? 1.650   2.259   -16.354 1.00 11.77 ? 387 LEU A CG  1 
ATOM   95   C  CD1 . LEU A 1 12  ? 1.861   2.752   -17.779 1.00 14.36 ? 387 LEU A CD1 1 
ATOM   96   C  CD2 . LEU A 1 12  ? 2.990   2.000   -15.677 1.00 14.33 ? 387 LEU A CD2 1 
ATOM   97   N  N   . LEU A 1 13  ? -1.707  1.719   -14.694 1.00 9.85  ? 388 LEU A N   1 
ATOM   98   C  CA  . LEU A 1 13  ? -2.283  0.398   -14.484 1.00 11.08 ? 388 LEU A CA  1 
ATOM   99   C  C   . LEU A 1 13  ? -3.781  0.239   -14.689 1.00 12.09 ? 388 LEU A C   1 
ATOM   100  O  O   . LEU A 1 13  ? -4.563  1.161   -14.452 1.00 13.35 ? 388 LEU A O   1 
ATOM   101  C  CB  . LEU A 1 13  ? -1.934  -0.082  -13.074 1.00 11.59 ? 388 LEU A CB  1 
ATOM   102  C  CG  . LEU A 1 13  ? -0.483  0.123   -12.632 1.00 11.92 ? 388 LEU A CG  1 
ATOM   103  C  CD1 . LEU A 1 13  ? -0.322  -0.367  -11.199 1.00 12.06 ? 388 LEU A CD1 1 
ATOM   104  C  CD2 . LEU A 1 13  ? 0.465   -0.619  -13.566 1.00 12.70 ? 388 LEU A CD2 1 
ATOM   105  N  N   . GLN A 1 14  ? -4.173  -0.948  -15.139 1.00 14.19 ? 389 GLN A N   1 
ATOM   106  C  CA  . GLN A 1 14  ? -5.584  -1.247  -15.319 1.00 15.34 ? 389 GLN A CA  1 
ATOM   107  C  C   . GLN A 1 14  ? -6.132  -1.352  -13.903 1.00 15.37 ? 389 GLN A C   1 
ATOM   108  O  O   . GLN A 1 14  ? -5.465  -1.876  -13.008 1.00 14.22 ? 389 GLN A O   1 
ATOM   109  C  CB  . GLN A 1 14  ? -5.772  -2.579  -16.044 1.00 20.17 ? 389 GLN A CB  1 
ATOM   110  C  CG  . GLN A 1 14  ? -5.284  -2.578  -17.479 1.00 25.84 ? 389 GLN A CG  1 
ATOM   111  C  CD  . GLN A 1 14  ? -5.526  -3.907  -18.167 1.00 30.80 ? 389 GLN A CD  1 
ATOM   112  O  OE1 . GLN A 1 14  ? -6.664  -4.369  -18.266 1.00 34.13 ? 389 GLN A OE1 1 
ATOM   113  N  NE2 . GLN A 1 14  ? -4.455  -4.529  -18.648 1.00 33.32 ? 389 GLN A NE2 1 
ATOM   114  N  N   . THR A 1 15  ? -7.339  -0.850  -13.697 1.00 13.96 ? 390 THR A N   1 
ATOM   115  C  CA  . THR A 1 15  ? -7.939  -0.883  -12.375 1.00 15.62 ? 390 THR A CA  1 
ATOM   116  C  C   . THR A 1 15  ? -9.185  -1.750  -12.312 1.00 15.35 ? 390 THR A C   1 
ATOM   117  O  O   . THR A 1 15  ? -9.753  -2.120  -13.338 1.00 15.81 ? 390 THR A O   1 
ATOM   118  C  CB  . THR A 1 15  ? -8.316  0.534   -11.914 1.00 17.18 ? 390 THR A CB  1 
ATOM   119  O  OG1 . THR A 1 15  ? -9.192  1.131   -12.880 1.00 19.86 ? 390 THR A OG1 1 
ATOM   120  C  CG2 . THR A 1 15  ? -7.071  1.397   -11.770 1.00 17.08 ? 390 THR A CG2 1 
ATOM   121  N  N   . VAL A 1 16  ? -9.589  -2.075  -11.090 1.00 15.57 ? 391 VAL A N   1 
ATOM   122  C  CA  . VAL A 1 16  ? -10.784 -2.870  -10.835 1.00 15.79 ? 391 VAL A CA  1 
ATOM   123  C  C   . VAL A 1 16  ? -11.620 -2.078  -9.838  1.00 16.18 ? 391 VAL A C   1 
ATOM   124  O  O   . VAL A 1 16  ? -11.112 -1.155  -9.200  1.00 15.78 ? 391 VAL A O   1 
ATOM   125  C  CB  . VAL A 1 16  ? -10.439 -4.254  -10.229 1.00 15.24 ? 391 VAL A CB  1 
ATOM   126  C  CG1 . VAL A 1 16  ? -9.641  -5.071  -11.232 1.00 14.56 ? 391 VAL A CG1 1 
ATOM   127  C  CG2 . VAL A 1 16  ? -9.658  -4.084  -8.928  1.00 14.30 ? 391 VAL A CG2 1 
ATOM   128  N  N   . ASP A 1 17  ? -12.895 -2.424  -9.705  1.00 18.14 ? 392 ASP A N   1 
ATOM   129  C  CA  . ASP A 1 17  ? -13.764 -1.713  -8.774  1.00 19.72 ? 392 ASP A CA  1 
ATOM   130  C  C   . ASP A 1 17  ? -13.393 -2.021  -7.328  1.00 18.90 ? 392 ASP A C   1 
ATOM   131  O  O   . ASP A 1 17  ? -12.982 -3.135  -7.004  1.00 19.80 ? 392 ASP A O   1 
ATOM   132  C  CB  . ASP A 1 17  ? -15.230 -2.082  -9.028  1.00 23.62 ? 392 ASP A CB  1 
ATOM   133  C  CG  . ASP A 1 17  ? -16.188 -1.351  -8.100  1.00 27.66 ? 392 ASP A CG  1 
ATOM   134  O  OD1 . ASP A 1 17  ? -16.103 -0.106  -8.007  1.00 30.19 ? 392 ASP A OD1 1 
ATOM   135  O  OD2 . ASP A 1 17  ? -17.034 -2.019  -7.468  1.00 30.35 ? 392 ASP A OD2 1 
ATOM   136  N  N   . GLY A 1 18  ? -13.532 -1.014  -6.468  1.00 18.54 ? 393 GLY A N   1 
ATOM   137  C  CA  . GLY A 1 18  ? -13.226 -1.169  -5.056  1.00 18.51 ? 393 GLY A CA  1 
ATOM   138  C  C   . GLY A 1 18  ? -14.220 -0.396  -4.208  1.00 20.43 ? 393 GLY A C   1 
ATOM   139  O  O   . GLY A 1 18  ? -14.894 0.505   -4.708  1.00 21.20 ? 393 GLY A O   1 
ATOM   140  N  N   . LYS A 1 19  ? -14.301 -0.736  -2.925  1.00 20.48 ? 394 LYS A N   1 
ATOM   141  C  CA  . LYS A 1 19  ? -15.229 -0.092  -1.996  1.00 21.76 ? 394 LYS A CA  1 
ATOM   142  C  C   . LYS A 1 19  ? -15.154 1.434   -1.999  1.00 21.17 ? 394 LYS A C   1 
ATOM   143  O  O   . LYS A 1 19  ? -16.179 2.115   -2.085  1.00 20.75 ? 394 LYS A O   1 
ATOM   144  C  CB  . LYS A 1 19  ? -14.987 -0.618  -0.576  1.00 23.83 ? 394 LYS A CB  1 
ATOM   145  C  CG  . LYS A 1 19  ? -16.042 -0.192  0.433   1.00 28.47 ? 394 LYS A CG  1 
ATOM   146  C  CD  . LYS A 1 19  ? -15.845 -0.863  1.788   1.00 30.91 ? 394 LYS A CD  1 
ATOM   147  C  CE  . LYS A 1 19  ? -14.573 -0.394  2.476   1.00 31.62 ? 394 LYS A CE  1 
ATOM   148  N  NZ  . LYS A 1 19  ? -14.466 -0.945  3.857   1.00 34.16 ? 394 LYS A NZ  1 
ATOM   149  N  N   . HIS A 1 20  ? -13.944 1.970   -1.893  1.00 19.56 ? 395 HIS A N   1 
ATOM   150  C  CA  . HIS A 1 20  ? -13.744 3.414   -1.886  1.00 19.79 ? 395 HIS A CA  1 
ATOM   151  C  C   . HIS A 1 20  ? -13.719 3.904   -3.330  1.00 20.31 ? 395 HIS A C   1 
ATOM   152  O  O   . HIS A 1 20  ? -12.708 3.800   -4.024  1.00 18.93 ? 395 HIS A O   1 
ATOM   153  C  CB  . HIS A 1 20  ? -12.444 3.740   -1.151  1.00 21.72 ? 395 HIS A CB  1 
ATOM   154  C  CG  . HIS A 1 20  ? -12.438 3.277   0.273   1.00 23.51 ? 395 HIS A CG  1 
ATOM   155  N  ND1 . HIS A 1 20  ? -13.096 3.953   1.280   1.00 26.73 ? 395 HIS A ND1 1 
ATOM   156  C  CD2 . HIS A 1 20  ? -11.907 2.173   0.850   1.00 24.88 ? 395 HIS A CD2 1 
ATOM   157  C  CE1 . HIS A 1 20  ? -12.971 3.285   2.412   1.00 26.54 ? 395 HIS A CE1 1 
ATOM   158  N  NE2 . HIS A 1 20  ? -12.254 2.200   2.178   1.00 26.69 ? 395 HIS A NE2 1 
ATOM   159  N  N   . GLN A 1 21  ? -14.854 4.441   -3.766  1.00 21.22 ? 396 GLN A N   1 
ATOM   160  C  CA  . GLN A 1 21  ? -15.052 4.917   -5.132  1.00 22.58 ? 396 GLN A CA  1 
ATOM   161  C  C   . GLN A 1 21  ? -14.058 5.935   -5.679  1.00 22.26 ? 396 GLN A C   1 
ATOM   162  O  O   . GLN A 1 21  ? -13.852 6.009   -6.889  1.00 23.57 ? 396 GLN A O   1 
ATOM   163  C  CB  . GLN A 1 21  ? -16.467 5.484   -5.267  1.00 24.59 ? 396 GLN A CB  1 
ATOM   164  C  CG  . GLN A 1 21  ? -17.548 4.502   -4.857  1.00 28.35 ? 396 GLN A CG  1 
ATOM   165  C  CD  . GLN A 1 21  ? -17.586 3.277   -5.749  1.00 30.98 ? 396 GLN A CD  1 
ATOM   166  O  OE1 . GLN A 1 21  ? -17.994 3.352   -6.908  1.00 34.25 ? 396 GLN A OE1 1 
ATOM   167  N  NE2 . GLN A 1 21  ? -17.152 2.141   -5.214  1.00 32.19 ? 396 GLN A NE2 1 
ATOM   168  N  N   . ASP A 1 22  ? -13.440 6.711   -4.799  1.00 23.10 ? 397 ASP A N   1 
ATOM   169  C  CA  . ASP A 1 22  ? -12.494 7.731   -5.235  1.00 24.14 ? 397 ASP A CA  1 
ATOM   170  C  C   . ASP A 1 22  ? -11.059 7.232   -5.371  1.00 22.73 ? 397 ASP A C   1 
ATOM   171  O  O   . ASP A 1 22  ? -10.212 7.927   -5.937  1.00 23.77 ? 397 ASP A O   1 
ATOM   172  C  CB  . ASP A 1 22  ? -12.519 8.907   -4.264  1.00 27.27 ? 397 ASP A CB  1 
ATOM   173  C  CG  . ASP A 1 22  ? -12.022 8.529   -2.891  1.00 29.38 ? 397 ASP A CG  1 
ATOM   174  O  OD1 . ASP A 1 22  ? -12.644 7.657   -2.249  1.00 32.18 ? 397 ASP A OD1 1 
ATOM   175  O  OD2 . ASP A 1 22  ? -11.000 9.101   -2.460  1.00 35.66 ? 397 ASP A OD2 1 
ATOM   176  N  N   . LEU A 1 23  ? -10.782 6.040   -4.853  1.00 19.03 ? 398 LEU A N   1 
ATOM   177  C  CA  . LEU A 1 23  ? -9.434  5.482   -4.935  1.00 15.66 ? 398 LEU A CA  1 
ATOM   178  C  C   . LEU A 1 23  ? -9.314  4.498   -6.094  1.00 14.36 ? 398 LEU A C   1 
ATOM   179  O  O   . LEU A 1 23  ? -10.316 3.982   -6.586  1.00 14.52 ? 398 LEU A O   1 
ATOM   180  C  CB  . LEU A 1 23  ? -9.069  4.785   -3.621  1.00 15.71 ? 398 LEU A CB  1 
ATOM   181  C  CG  . LEU A 1 23  ? -9.026  5.662   -2.365  1.00 16.39 ? 398 LEU A CG  1 
ATOM   182  C  CD1 . LEU A 1 23  ? -8.700  4.799   -1.151  1.00 17.00 ? 398 LEU A CD1 1 
ATOM   183  C  CD2 . LEU A 1 23  ? -7.988  6.761   -2.539  1.00 18.00 ? 398 LEU A CD2 1 
ATOM   184  N  N   . LYS A 1 24  ? -8.083  4.242   -6.526  1.00 12.32 ? 399 LYS A N   1 
ATOM   185  C  CA  . LYS A 1 24  ? -7.829  3.321   -7.631  1.00 12.27 ? 399 LYS A CA  1 
ATOM   186  C  C   . LYS A 1 24  ? -7.348  1.973   -7.101  1.00 12.42 ? 399 LYS A C   1 
ATOM   187  O  O   . LYS A 1 24  ? -6.389  1.906   -6.334  1.00 12.81 ? 399 LYS A O   1 
ATOM   188  C  CB  . LYS A 1 24  ? -6.781  3.911   -8.579  1.00 12.87 ? 399 LYS A CB  1 
ATOM   189  C  CG  . LYS A 1 24  ? -7.208  5.224   -9.234  1.00 16.31 ? 399 LYS A CG  1 
ATOM   190  C  CD  . LYS A 1 24  ? -8.401  5.019   -10.159 1.00 19.08 ? 399 LYS A CD  1 
ATOM   191  C  CE  . LYS A 1 24  ? -8.901  6.338   -10.726 1.00 21.53 ? 399 LYS A CE  1 
ATOM   192  N  NZ  . LYS A 1 24  ? -9.446  7.214   -9.655  1.00 27.19 ? 399 LYS A NZ  1 
ATOM   193  N  N   . TYR A 1 25  ? -8.017  0.901   -7.519  1.00 11.48 ? 400 TYR A N   1 
ATOM   194  C  CA  . TYR A 1 25  ? -7.674  -0.451  -7.076  1.00 11.02 ? 400 TYR A CA  1 
ATOM   195  C  C   . TYR A 1 25  ? -7.080  -1.302  -8.193  1.00 10.69 ? 400 TYR A C   1 
ATOM   196  O  O   . TYR A 1 25  ? -7.458  -1.159  -9.354  1.00 11.49 ? 400 TYR A O   1 
ATOM   197  C  CB  . TYR A 1 25  ? -8.922  -1.178  -6.559  1.00 11.61 ? 400 TYR A CB  1 
ATOM   198  C  CG  . TYR A 1 25  ? -9.511  -0.644  -5.277  1.00 10.35 ? 400 TYR A CG  1 
ATOM   199  C  CD1 . TYR A 1 25  ? -10.148 0.595   -5.235  1.00 11.93 ? 400 TYR A CD1 1 
ATOM   200  C  CD2 . TYR A 1 25  ? -9.466  -1.401  -4.109  1.00 10.71 ? 400 TYR A CD2 1 
ATOM   201  C  CE1 . TYR A 1 25  ? -10.730 1.063   -4.059  1.00 12.08 ? 400 TYR A CE1 1 
ATOM   202  C  CE2 . TYR A 1 25  ? -10.042 -0.946  -2.929  1.00 10.54 ? 400 TYR A CE2 1 
ATOM   203  C  CZ  . TYR A 1 25  ? -10.674 0.287   -2.913  1.00 11.70 ? 400 TYR A CZ  1 
ATOM   204  O  OH  . TYR A 1 25  ? -11.260 0.733   -1.751  1.00 13.43 ? 400 TYR A OH  1 
ATOM   205  N  N   . ILE A 1 26  ? -6.154  -2.188  -7.835  1.00 9.20  ? 401 ILE A N   1 
ATOM   206  C  CA  . ILE A 1 26  ? -5.553  -3.096  -8.805  1.00 9.26  ? 401 ILE A CA  1 
ATOM   207  C  C   . ILE A 1 26  ? -5.696  -4.530  -8.301  1.00 8.45  ? 401 ILE A C   1 
ATOM   208  O  O   . ILE A 1 26  ? -5.864  -4.771  -7.104  1.00 10.17 ? 401 ILE A O   1 
ATOM   209  C  CB  . ILE A 1 26  ? -4.052  -2.812  -9.056  1.00 9.00  ? 401 ILE A CB  1 
ATOM   210  C  CG1 . ILE A 1 26  ? -3.253  -2.971  -7.763  1.00 8.66  ? 401 ILE A CG1 1 
ATOM   211  C  CG2 . ILE A 1 26  ? -3.876  -1.416  -9.640  1.00 9.22  ? 401 ILE A CG2 1 
ATOM   212  C  CD1 . ILE A 1 26  ? -1.760  -3.012  -7.994  1.00 11.44 ? 401 ILE A CD1 1 
ATOM   213  N  N   . SER A 1 27  ? -5.629  -5.476  -9.226  1.00 8.71  ? 402 SER A N   1 
ATOM   214  C  CA  . SER A 1 27  ? -5.761  -6.890  -8.900  1.00 9.59  ? 402 SER A CA  1 
ATOM   215  C  C   . SER A 1 27  ? -4.421  -7.534  -8.563  1.00 9.68  ? 402 SER A C   1 
ATOM   216  O  O   . SER A 1 27  ? -3.362  -6.951  -8.796  1.00 9.02  ? 402 SER A O   1 
ATOM   217  C  CB  . SER A 1 27  ? -6.348  -7.631  -10.095 1.00 9.63  ? 402 SER A CB  1 
ATOM   218  O  OG  . SER A 1 27  ? -5.421  -7.598  -11.171 1.00 12.08 ? 402 SER A OG  1 
ATOM   219  N  N   . PRO A 1 28  ? -4.454  -8.751  -7.998  1.00 9.24  ? 403 PRO A N   1 
ATOM   220  C  CA  . PRO A 1 28  ? -3.215  -9.452  -7.659  1.00 10.14 ? 403 PRO A CA  1 
ATOM   221  C  C   . PRO A 1 28  ? -2.376  -9.659  -8.923  1.00 9.39  ? 403 PRO A C   1 
ATOM   222  O  O   . PRO A 1 28  ? -1.151  -9.585  -8.883  1.00 10.10 ? 403 PRO A O   1 
ATOM   223  C  CB  . PRO A 1 28  ? -3.722  -10.766 -7.075  1.00 10.37 ? 403 PRO A CB  1 
ATOM   224  C  CG  . PRO A 1 28  ? -4.958  -10.327 -6.350  1.00 11.17 ? 403 PRO A CG  1 
ATOM   225  C  CD  . PRO A 1 28  ? -5.613  -9.395  -7.351  1.00 10.65 ? 403 PRO A CD  1 
ATOM   226  N  N   . GLU A 1 29  ? -3.044  -9.918  -10.047 1.00 10.13 ? 404 GLU A N   1 
ATOM   227  C  CA  . GLU A 1 29  ? -2.346  -10.127 -11.311 1.00 11.49 ? 404 GLU A CA  1 
ATOM   228  C  C   . GLU A 1 29  ? -1.560  -8.878  -11.701 1.00 11.24 ? 404 GLU A C   1 
ATOM   229  O  O   . GLU A 1 29  ? -0.411  -8.967  -12.137 1.00 11.47 ? 404 GLU A O   1 
ATOM   230  C  CB  . GLU A 1 29  ? -3.346  -10.490 -12.415 1.00 13.82 ? 404 GLU A CB  1 
ATOM   231  C  CG  . GLU A 1 29  ? -2.725  -10.629 -13.798 1.00 20.45 ? 404 GLU A CG  1 
ATOM   232  C  CD  . GLU A 1 29  ? -3.708  -11.159 -14.826 1.00 24.76 ? 404 GLU A CD  1 
ATOM   233  O  OE1 . GLU A 1 29  ? -4.788  -10.553 -14.991 1.00 27.71 ? 404 GLU A OE1 1 
ATOM   234  O  OE2 . GLU A 1 29  ? -3.397  -12.182 -15.471 1.00 29.06 ? 404 GLU A OE2 1 
ATOM   235  N  N   . THR A 1 30  ? -2.173  -7.710  -11.540 1.00 9.74  ? 405 THR A N   1 
ATOM   236  C  CA  . THR A 1 30  ? -1.487  -6.469  -11.871 1.00 10.83 ? 405 THR A CA  1 
ATOM   237  C  C   . THR A 1 30  ? -0.324  -6.236  -10.909 1.00 9.86  ? 405 THR A C   1 
ATOM   238  O  O   . THR A 1 30  ? 0.722   -5.721  -11.306 1.00 9.98  ? 405 THR A O   1 
ATOM   239  C  CB  . THR A 1 30  ? -2.461  -5.279  -11.846 1.00 10.20 ? 405 THR A CB  1 
ATOM   240  O  OG1 . THR A 1 30  ? -3.455  -5.476  -12.862 1.00 12.43 ? 405 THR A OG1 1 
ATOM   241  C  CG2 . THR A 1 30  ? -1.728  -3.966  -12.117 1.00 11.36 ? 405 THR A CG2 1 
ATOM   242  N  N   . MET A 1 31  ? -0.497  -6.624  -9.648  1.00 10.00 ? 406 MET A N   1 
ATOM   243  C  CA  . MET A 1 31  ? 0.578   -6.475  -8.672  1.00 9.26  ? 406 MET A CA  1 
ATOM   244  C  C   . MET A 1 31  ? 1.755   -7.342  -9.130  1.00 9.96  ? 406 MET A C   1 
ATOM   245  O  O   . MET A 1 31  ? 2.913   -6.931  -9.053  1.00 8.93  ? 406 MET A O   1 
ATOM   246  C  CB  . MET A 1 31  ? 0.109   -6.926  -7.283  1.00 10.41 ? 406 MET A CB  1 
ATOM   247  C  CG  . MET A 1 31  ? 1.158   -6.785  -6.182  1.00 10.18 ? 406 MET A CG  1 
ATOM   248  S  SD  . MET A 1 31  ? 1.494   -5.068  -5.686  1.00 13.79 ? 406 MET A SD  1 
ATOM   249  C  CE  . MET A 1 31  ? 2.886   -4.659  -6.724  1.00 12.45 ? 406 MET A CE  1 
ATOM   250  N  N   . VAL A 1 32  ? 1.458   -8.547  -9.609  1.00 9.71  ? 407 VAL A N   1 
ATOM   251  C  CA  . VAL A 1 32  ? 2.508   -9.442  -10.085 1.00 9.47  ? 407 VAL A CA  1 
ATOM   252  C  C   . VAL A 1 32  ? 3.160   -8.888  -11.353 1.00 10.64 ? 407 VAL A C   1 
ATOM   253  O  O   . VAL A 1 32  ? 4.358   -9.070  -11.571 1.00 10.62 ? 407 VAL A O   1 
ATOM   254  C  CB  . VAL A 1 32  ? 1.951   -10.862 -10.337 1.00 10.43 ? 407 VAL A CB  1 
ATOM   255  C  CG1 . VAL A 1 32  ? 2.975   -11.721 -11.078 1.00 12.49 ? 407 VAL A CG1 1 
ATOM   256  C  CG2 . VAL A 1 32  ? 1.619   -11.508 -9.004  1.00 10.84 ? 407 VAL A CG2 1 
ATOM   257  N  N   . ALA A 1 33  ? 2.378   -8.199  -12.181 1.00 10.19 ? 408 ALA A N   1 
ATOM   258  C  CA  . ALA A 1 33  ? 2.916   -7.602  -13.401 1.00 10.89 ? 408 ALA A CA  1 
ATOM   259  C  C   . ALA A 1 33  ? 4.008   -6.603  -13.012 1.00 10.85 ? 408 ALA A C   1 
ATOM   260  O  O   . ALA A 1 33  ? 5.060   -6.527  -13.649 1.00 11.55 ? 408 ALA A O   1 
ATOM   261  C  CB  . ALA A 1 33  ? 1.805   -6.900  -14.179 1.00 10.00 ? 408 ALA A CB  1 
ATOM   262  N  N   . LEU A 1 34  ? 3.754   -5.830  -11.962 1.00 10.50 ? 409 LEU A N   1 
ATOM   263  C  CA  . LEU A 1 34  ? 4.740   -4.869  -11.488 1.00 9.55  ? 409 LEU A CA  1 
ATOM   264  C  C   . LEU A 1 34  ? 5.973   -5.605  -10.969 1.00 9.48  ? 409 LEU A C   1 
ATOM   265  O  O   . LEU A 1 34  ? 7.102   -5.291  -11.346 1.00 10.07 ? 409 LEU A O   1 
ATOM   266  C  CB  . LEU A 1 34  ? 4.157   -4.008  -10.362 1.00 10.31 ? 409 LEU A CB  1 
ATOM   267  C  CG  . LEU A 1 34  ? 3.244   -2.855  -10.781 1.00 11.96 ? 409 LEU A CG  1 
ATOM   268  C  CD1 . LEU A 1 34  ? 2.540   -2.293  -9.555  1.00 12.50 ? 409 LEU A CD1 1 
ATOM   269  C  CD2 . LEU A 1 34  ? 4.066   -1.779  -11.477 1.00 12.44 ? 409 LEU A CD2 1 
ATOM   270  N  N   . LEU A 1 35  ? 5.746   -6.592  -10.106 1.00 9.01  ? 410 LEU A N   1 
ATOM   271  C  CA  . LEU A 1 35  ? 6.841   -7.360  -9.525  1.00 9.37  ? 410 LEU A CA  1 
ATOM   272  C  C   . LEU A 1 35  ? 7.670   -8.135  -10.547 1.00 10.31 ? 410 LEU A C   1 
ATOM   273  O  O   . LEU A 1 35  ? 8.852   -8.395  -10.313 1.00 10.88 ? 410 LEU A O   1 
ATOM   274  C  CB  . LEU A 1 35  ? 6.302   -8.311  -8.448  1.00 9.39  ? 410 LEU A CB  1 
ATOM   275  C  CG  . LEU A 1 35  ? 5.899   -7.609  -7.145  1.00 8.97  ? 410 LEU A CG  1 
ATOM   276  C  CD1 . LEU A 1 35  ? 5.023   -8.517  -6.304  1.00 8.92  ? 410 LEU A CD1 1 
ATOM   277  C  CD2 . LEU A 1 35  ? 7.152   -7.198  -6.377  1.00 9.85  ? 410 LEU A CD2 1 
ATOM   278  N  N   . THR A 1 36  ? 7.069   -8.496  -11.678 1.00 10.88 ? 411 THR A N   1 
ATOM   279  C  CA  . THR A 1 36  ? 7.808   -9.241  -12.696 1.00 11.18 ? 411 THR A CA  1 
ATOM   280  C  C   . THR A 1 36  ? 8.413   -8.341  -13.772 1.00 12.34 ? 411 THR A C   1 
ATOM   281  O  O   . THR A 1 36  ? 8.907   -8.823  -14.790 1.00 13.40 ? 411 THR A O   1 
ATOM   282  C  CB  . THR A 1 36  ? 6.925   -10.325 -13.361 1.00 11.94 ? 411 THR A CB  1 
ATOM   283  O  OG1 . THR A 1 36  ? 5.773   -9.718  -13.958 1.00 12.76 ? 411 THR A OG1 1 
ATOM   284  C  CG2 . THR A 1 36  ? 6.479   -11.350 -12.328 1.00 10.73 ? 411 THR A CG2 1 
ATOM   285  N  N   . GLY A 1 37  ? 8.374   -7.031  -13.536 1.00 11.52 ? 412 GLY A N   1 
ATOM   286  C  CA  . GLY A 1 37  ? 8.958   -6.084  -14.473 1.00 13.26 ? 412 GLY A CA  1 
ATOM   287  C  C   . GLY A 1 37  ? 8.236   -5.805  -15.779 1.00 14.52 ? 412 GLY A C   1 
ATOM   288  O  O   . GLY A 1 37  ? 8.848   -5.306  -16.727 1.00 14.60 ? 412 GLY A O   1 
ATOM   289  N  N   . LYS A 1 38  ? 6.945   -6.101  -15.844 1.00 13.32 ? 413 LYS A N   1 
ATOM   290  C  CA  . LYS A 1 38  ? 6.199   -5.852  -17.072 1.00 15.32 ? 413 LYS A CA  1 
ATOM   291  C  C   . LYS A 1 38  ? 6.155   -4.366  -17.414 1.00 15.59 ? 413 LYS A C   1 
ATOM   292  O  O   . LYS A 1 38  ? 5.892   -3.994  -18.557 1.00 16.95 ? 413 LYS A O   1 
ATOM   293  C  CB  . LYS A 1 38  ? 4.773   -6.393  -16.954 1.00 17.88 ? 413 LYS A CB  1 
ATOM   294  C  CG  . LYS A 1 38  ? 4.696   -7.900  -16.774 1.00 23.40 ? 413 LYS A CG  1 
ATOM   295  C  CD  . LYS A 1 38  ? 3.260   -8.397  -16.877 1.00 28.86 ? 413 LYS A CD  1 
ATOM   296  C  CE  . LYS A 1 38  ? 3.180   -9.901  -16.666 1.00 31.63 ? 413 LYS A CE  1 
ATOM   297  N  NZ  . LYS A 1 38  ? 1.805   -10.430 -16.866 1.00 35.38 ? 413 LYS A NZ  1 
ATOM   298  N  N   . PHE A 1 39  ? 6.425   -3.519  -16.423 1.00 14.06 ? 414 PHE A N   1 
ATOM   299  C  CA  . PHE A 1 39  ? 6.407   -2.071  -16.618 1.00 15.21 ? 414 PHE A CA  1 
ATOM   300  C  C   . PHE A 1 39  ? 7.770   -1.440  -16.344 1.00 15.17 ? 414 PHE A C   1 
ATOM   301  O  O   . PHE A 1 39  ? 7.860   -0.233  -16.131 1.00 15.25 ? 414 PHE A O   1 
ATOM   302  C  CB  . PHE A 1 39  ? 5.376   -1.431  -15.680 1.00 15.00 ? 414 PHE A CB  1 
ATOM   303  C  CG  . PHE A 1 39  ? 3.974   -1.929  -15.882 1.00 15.86 ? 414 PHE A CG  1 
ATOM   304  C  CD1 . PHE A 1 39  ? 3.199   -1.458  -16.935 1.00 17.93 ? 414 PHE A CD1 1 
ATOM   305  C  CD2 . PHE A 1 39  ? 3.433   -2.882  -15.025 1.00 16.20 ? 414 PHE A CD2 1 
ATOM   306  C  CE1 . PHE A 1 39  ? 1.900   -1.929  -17.133 1.00 19.74 ? 414 PHE A CE1 1 
ATOM   307  C  CE2 . PHE A 1 39  ? 2.138   -3.360  -15.213 1.00 18.30 ? 414 PHE A CE2 1 
ATOM   308  C  CZ  . PHE A 1 39  ? 1.370   -2.882  -16.272 1.00 18.87 ? 414 PHE A CZ  1 
ATOM   309  N  N   . SER A 1 40  ? 8.825   -2.249  -16.362 1.00 15.96 ? 415 SER A N   1 
ATOM   310  C  CA  . SER A 1 40  ? 10.169  -1.757  -16.065 1.00 17.85 ? 415 SER A CA  1 
ATOM   311  C  C   . SER A 1 40  ? 10.682  -0.619  -16.942 1.00 18.03 ? 415 SER A C   1 
ATOM   312  O  O   . SER A 1 40  ? 11.517  0.169   -16.504 1.00 19.51 ? 415 SER A O   1 
ATOM   313  C  CB  . SER A 1 40  ? 11.175  -2.914  -16.096 1.00 19.23 ? 415 SER A CB  1 
ATOM   314  O  OG  . SER A 1 40  ? 11.253  -3.497  -17.381 1.00 23.36 ? 415 SER A OG  1 
ATOM   315  N  N   . ASN A 1 41  ? 10.193  -0.524  -18.173 1.00 18.36 ? 416 ASN A N   1 
ATOM   316  C  CA  . ASN A 1 41  ? 10.645  0.542   -19.061 1.00 19.12 ? 416 ASN A CA  1 
ATOM   317  C  C   . ASN A 1 41  ? 10.024  1.895   -18.724 1.00 18.51 ? 416 ASN A C   1 
ATOM   318  O  O   . ASN A 1 41  ? 10.522  2.938   -19.156 1.00 18.35 ? 416 ASN A O   1 
ATOM   319  C  CB  . ASN A 1 41  ? 10.338  0.184   -20.517 1.00 22.92 ? 416 ASN A CB  1 
ATOM   320  C  CG  . ASN A 1 41  ? 9.023   -0.548  -20.670 1.00 28.02 ? 416 ASN A CG  1 
ATOM   321  O  OD1 . ASN A 1 41  ? 7.987   -0.106  -20.172 1.00 31.32 ? 416 ASN A OD1 1 
ATOM   322  N  ND2 . ASN A 1 41  ? 9.056   -1.680  -21.368 1.00 31.57 ? 416 ASN A ND2 1 
ATOM   323  N  N   . ILE A 1 42  ? 8.952   1.875   -17.938 1.00 16.09 ? 417 ILE A N   1 
ATOM   324  C  CA  . ILE A 1 42  ? 8.249   3.097   -17.560 1.00 17.34 ? 417 ILE A CA  1 
ATOM   325  C  C   . ILE A 1 42  ? 8.290   3.381   -16.061 1.00 16.00 ? 417 ILE A C   1 
ATOM   326  O  O   . ILE A 1 42  ? 8.435   4.529   -15.641 1.00 18.14 ? 417 ILE A O   1 
ATOM   327  C  CB  . ILE A 1 42  ? 6.767   3.029   -17.990 1.00 20.19 ? 417 ILE A CB  1 
ATOM   328  C  CG1 . ILE A 1 42  ? 6.672   2.853   -19.505 1.00 23.49 ? 417 ILE A CG1 1 
ATOM   329  C  CG2 . ILE A 1 42  ? 6.034   4.291   -17.551 1.00 22.56 ? 417 ILE A CG2 1 
ATOM   330  C  CD1 . ILE A 1 42  ? 5.256   2.644   -20.005 1.00 26.32 ? 417 ILE A CD1 1 
ATOM   331  N  N   . VAL A 1 43  ? 8.153   2.337   -15.253 1.00 14.30 ? 418 VAL A N   1 
ATOM   332  C  CA  . VAL A 1 43  ? 8.161   2.500   -13.806 1.00 13.77 ? 418 VAL A CA  1 
ATOM   333  C  C   . VAL A 1 43  ? 9.554   2.306   -13.227 1.00 14.75 ? 418 VAL A C   1 
ATOM   334  O  O   . VAL A 1 43  ? 10.086  1.195   -13.213 1.00 16.38 ? 418 VAL A O   1 
ATOM   335  C  CB  . VAL A 1 43  ? 7.182   1.512   -13.142 1.00 11.29 ? 418 VAL A CB  1 
ATOM   336  C  CG1 . VAL A 1 43  ? 7.202   1.685   -11.626 1.00 11.26 ? 418 VAL A CG1 1 
ATOM   337  C  CG2 . VAL A 1 43  ? 5.775   1.753   -13.683 1.00 11.07 ? 418 VAL A CG2 1 
ATOM   338  N  N   . ASP A 1 44  ? 10.130  3.402   -12.745 1.00 15.10 ? 419 ASP A N   1 
ATOM   339  C  CA  . ASP A 1 44  ? 11.465  3.382   -12.168 1.00 17.81 ? 419 ASP A CA  1 
ATOM   340  C  C   . ASP A 1 44  ? 11.458  2.641   -10.838 1.00 17.61 ? 419 ASP A C   1 
ATOM   341  O  O   . ASP A 1 44  ? 12.310  1.788   -10.583 1.00 18.86 ? 419 ASP A O   1 
ATOM   342  C  CB  . ASP A 1 44  ? 11.960  4.814   -11.957 1.00 20.89 ? 419 ASP A CB  1 
ATOM   343  C  CG  . ASP A 1 44  ? 13.443  4.880   -11.660 1.00 26.60 ? 419 ASP A CG  1 
ATOM   344  O  OD1 . ASP A 1 44  ? 14.240  4.456   -12.525 1.00 30.33 ? 419 ASP A OD1 1 
ATOM   345  O  OD2 . ASP A 1 44  ? 13.814  5.355   -10.566 1.00 29.11 ? 419 ASP A OD2 1 
ATOM   346  N  N   . LYS A 1 45  ? 10.486  2.967   -9.994  1.00 16.06 ? 420 LYS A N   1 
ATOM   347  C  CA  . LYS A 1 45  ? 10.384  2.335   -8.691  1.00 15.99 ? 420 LYS A CA  1 
ATOM   348  C  C   . LYS A 1 45  ? 8.955   2.357   -8.180  1.00 13.74 ? 420 LYS A C   1 
ATOM   349  O  O   . LYS A 1 45  ? 8.180   3.258   -8.497  1.00 13.28 ? 420 LYS A O   1 
ATOM   350  C  CB  . LYS A 1 45  ? 11.266  3.071   -7.674  1.00 19.34 ? 420 LYS A CB  1 
ATOM   351  C  CG  . LYS A 1 45  ? 12.729  3.215   -8.065  1.00 24.83 ? 420 LYS A CG  1 
ATOM   352  C  CD  . LYS A 1 45  ? 13.477  4.099   -7.078  1.00 28.69 ? 420 LYS A CD  1 
ATOM   353  C  CE  . LYS A 1 45  ? 14.906  4.363   -7.535  1.00 30.36 ? 420 LYS A CE  1 
ATOM   354  N  NZ  . LYS A 1 45  ? 15.632  5.254   -6.582  1.00 33.14 ? 420 LYS A NZ  1 
ATOM   355  N  N   . PHE A 1 46  ? 8.604   1.339   -7.408  1.00 12.01 ? 421 PHE A N   1 
ATOM   356  C  CA  . PHE A 1 46  ? 7.294   1.290   -6.786  1.00 10.65 ? 421 PHE A CA  1 
ATOM   357  C  C   . PHE A 1 46  ? 7.507   0.731   -5.394  1.00 10.71 ? 421 PHE A C   1 
ATOM   358  O  O   . PHE A 1 46  ? 8.478   0.017   -5.140  1.00 11.99 ? 421 PHE A O   1 
ATOM   359  C  CB  . PHE A 1 46  ? 6.286   0.438   -7.583  1.00 10.53 ? 421 PHE A CB  1 
ATOM   360  C  CG  . PHE A 1 46  ? 6.694   -0.994  -7.785  1.00 10.81 ? 421 PHE A CG  1 
ATOM   361  C  CD1 . PHE A 1 46  ? 7.354   -1.386  -8.946  1.00 11.98 ? 421 PHE A CD1 1 
ATOM   362  C  CD2 . PHE A 1 46  ? 6.388   -1.959  -6.831  1.00 11.20 ? 421 PHE A CD2 1 
ATOM   363  C  CE1 . PHE A 1 46  ? 7.699   -2.717  -9.156  1.00 11.43 ? 421 PHE A CE1 1 
ATOM   364  C  CE2 . PHE A 1 46  ? 6.733   -3.298  -7.030  1.00 13.09 ? 421 PHE A CE2 1 
ATOM   365  C  CZ  . PHE A 1 46  ? 7.387   -3.676  -8.196  1.00 12.20 ? 421 PHE A CZ  1 
ATOM   366  N  N   . VAL A 1 47  ? 6.627   1.101   -4.479  1.00 8.90  ? 422 VAL A N   1 
ATOM   367  C  CA  . VAL A 1 47  ? 6.731   0.628   -3.112  1.00 8.88  ? 422 VAL A CA  1 
ATOM   368  C  C   . VAL A 1 47  ? 5.413   0.001   -2.716  1.00 8.35  ? 422 VAL A C   1 
ATOM   369  O  O   . VAL A 1 47  ? 4.354   0.586   -2.932  1.00 9.60  ? 422 VAL A O   1 
ATOM   370  C  CB  . VAL A 1 47  ? 7.028   1.783   -2.133  1.00 9.74  ? 422 VAL A CB  1 
ATOM   371  C  CG1 . VAL A 1 47  ? 7.158   1.242   -0.716  1.00 9.97  ? 422 VAL A CG1 1 
ATOM   372  C  CG2 . VAL A 1 47  ? 8.298   2.502   -2.548  1.00 12.29 ? 422 VAL A CG2 1 
ATOM   373  N  N   . ILE A 1 48  ? 5.485   -1.204  -2.161  1.00 8.54  ? 423 ILE A N   1 
ATOM   374  C  CA  . ILE A 1 48  ? 4.298   -1.899  -1.692  1.00 8.88  ? 423 ILE A CA  1 
ATOM   375  C  C   . ILE A 1 48  ? 4.255   -1.608  -0.200  1.00 8.76  ? 423 ILE A C   1 
ATOM   376  O  O   . ILE A 1 48  ? 5.132   -2.036  0.550   1.00 10.06 ? 423 ILE A O   1 
ATOM   377  C  CB  . ILE A 1 48  ? 4.403   -3.419  -1.910  1.00 8.69  ? 423 ILE A CB  1 
ATOM   378  C  CG1 . ILE A 1 48  ? 4.578   -3.716  -3.401  1.00 8.67  ? 423 ILE A CG1 1 
ATOM   379  C  CG2 . ILE A 1 48  ? 3.154   -4.112  -1.371  1.00 9.87  ? 423 ILE A CG2 1 
ATOM   380  C  CD1 . ILE A 1 48  ? 4.880   -5.174  -3.704  1.00 11.79 ? 423 ILE A CD1 1 
ATOM   381  N  N   . VAL A 1 49  ? 3.241   -0.863  0.221   1.00 8.14  ? 424 VAL A N   1 
ATOM   382  C  CA  . VAL A 1 49  ? 3.099   -0.485  1.619   1.00 7.94  ? 424 VAL A CA  1 
ATOM   383  C  C   . VAL A 1 49  ? 2.100   -1.388  2.336   1.00 8.39  ? 424 VAL A C   1 
ATOM   384  O  O   . VAL A 1 49  ? 0.890   -1.268  2.135   1.00 8.63  ? 424 VAL A O   1 
ATOM   385  C  CB  . VAL A 1 49  ? 2.635   0.988   1.733   1.00 8.44  ? 424 VAL A CB  1 
ATOM   386  C  CG1 . VAL A 1 49  ? 2.569   1.408   3.193   1.00 8.84  ? 424 VAL A CG1 1 
ATOM   387  C  CG2 . VAL A 1 49  ? 3.588   1.892   0.955   1.00 10.37 ? 424 VAL A CG2 1 
ATOM   388  N  N   . ASP A 1 50  ? 2.620   -2.298  3.158   1.00 7.91  ? 425 ASP A N   1 
ATOM   389  C  CA  . ASP A 1 50  ? 1.792   -3.224  3.928   1.00 8.00  ? 425 ASP A CA  1 
ATOM   390  C  C   . ASP A 1 50  ? 1.396   -2.468  5.196   1.00 7.76  ? 425 ASP A C   1 
ATOM   391  O  O   . ASP A 1 50  ? 2.235   -2.193  6.058   1.00 8.41  ? 425 ASP A O   1 
ATOM   392  C  CB  . ASP A 1 50  ? 2.601   -4.483  4.277   1.00 8.42  ? 425 ASP A CB  1 
ATOM   393  C  CG  . ASP A 1 50  ? 1.750   -5.580  4.891   1.00 9.34  ? 425 ASP A CG  1 
ATOM   394  O  OD1 . ASP A 1 50  ? 0.747   -5.258  5.563   1.00 7.94  ? 425 ASP A OD1 1 
ATOM   395  O  OD2 . ASP A 1 50  ? 2.093   -6.770  4.714   1.00 9.23  ? 425 ASP A OD2 1 
ATOM   396  N  N   . CYS A 1 51  ? 0.113   -2.136  5.297   1.00 6.33  ? 426 CYS A N   1 
ATOM   397  C  CA  . CYS A 1 51  ? -0.403  -1.369  6.425   1.00 7.98  ? 426 CYS A CA  1 
ATOM   398  C  C   . CYS A 1 51  ? -0.913  -2.201  7.592   1.00 8.81  ? 426 CYS A C   1 
ATOM   399  O  O   . CYS A 1 51  ? -1.532  -1.667  8.513   1.00 9.95  ? 426 CYS A O   1 
ATOM   400  C  CB  . CYS A 1 51  ? -1.514  -0.439  5.934   1.00 7.28  ? 426 CYS A CB  1 
ATOM   401  S  SG  . CYS A 1 51  ? -0.970  0.675   4.607   1.00 9.61  ? 426 CYS A SG  1 
ATOM   402  N  N   . ARG A 1 52  ? -0.650  -3.503  7.560   1.00 8.74  ? 427 ARG A N   1 
ATOM   403  C  CA  . ARG A 1 52  ? -1.090  -4.381  8.638   1.00 8.97  ? 427 ARG A CA  1 
ATOM   404  C  C   . ARG A 1 52  ? -0.138  -4.279  9.826   1.00 9.96  ? 427 ARG A C   1 
ATOM   405  O  O   . ARG A 1 52  ? 0.929   -3.670  9.729   1.00 10.05 ? 427 ARG A O   1 
ATOM   406  C  CB  . ARG A 1 52  ? -1.157  -5.823  8.136   1.00 8.61  ? 427 ARG A CB  1 
ATOM   407  C  CG  . ARG A 1 52  ? -2.134  -6.032  6.987   1.00 8.48  ? 427 ARG A CG  1 
ATOM   408  C  CD  . ARG A 1 52  ? -2.083  -7.478  6.516   1.00 8.72  ? 427 ARG A CD  1 
ATOM   409  N  NE  . ARG A 1 52  ? -0.754  -7.818  6.014   1.00 8.76  ? 427 ARG A NE  1 
ATOM   410  C  CZ  . ARG A 1 52  ? -0.294  -9.057  5.876   1.00 8.98  ? 427 ARG A CZ  1 
ATOM   411  N  NH1 . ARG A 1 52  ? -1.051  -10.096 6.205   1.00 9.83  ? 427 ARG A NH1 1 
ATOM   412  N  NH2 . ARG A 1 52  ? 0.931   -9.258  5.405   1.00 9.64  ? 427 ARG A NH2 1 
ATOM   413  N  N   . TYR A 1 53  ? -0.523  -4.872  10.953  1.00 10.55 ? 428 TYR A N   1 
ATOM   414  C  CA  . TYR A 1 53  ? 0.318   -4.824  12.141  1.00 9.81  ? 428 TYR A CA  1 
ATOM   415  C  C   . TYR A 1 53  ? 1.536   -5.726  11.946  1.00 10.92 ? 428 TYR A C   1 
ATOM   416  O  O   . TYR A 1 53  ? 1.506   -6.659  11.142  1.00 10.00 ? 428 TYR A O   1 
ATOM   417  C  CB  . TYR A 1 53  ? -0.491  -5.238  13.377  1.00 10.87 ? 428 TYR A CB  1 
ATOM   418  C  CG  . TYR A 1 53  ? -1.808  -4.489  13.521  1.00 10.93 ? 428 TYR A CG  1 
ATOM   419  C  CD1 . TYR A 1 53  ? -1.959  -3.194  13.021  1.00 12.58 ? 428 TYR A CD1 1 
ATOM   420  C  CD2 . TYR A 1 53  ? -2.895  -5.069  14.177  1.00 12.62 ? 428 TYR A CD2 1 
ATOM   421  C  CE1 . TYR A 1 53  ? -3.161  -2.493  13.173  1.00 13.77 ? 428 TYR A CE1 1 
ATOM   422  C  CE2 . TYR A 1 53  ? -4.100  -4.379  14.334  1.00 13.50 ? 428 TYR A CE2 1 
ATOM   423  C  CZ  . TYR A 1 53  ? -4.225  -3.093  13.831  1.00 14.18 ? 428 TYR A CZ  1 
ATOM   424  O  OH  . TYR A 1 53  ? -5.412  -2.410  13.982  1.00 15.46 ? 428 TYR A OH  1 
ATOM   425  N  N   . PRO A 1 54  ? 2.628   -5.458  12.676  1.00 10.52 ? 429 PRO A N   1 
ATOM   426  C  CA  . PRO A 1 54  ? 3.845   -6.264  12.540  1.00 10.60 ? 429 PRO A CA  1 
ATOM   427  C  C   . PRO A 1 54  ? 3.683   -7.785  12.588  1.00 11.19 ? 429 PRO A C   1 
ATOM   428  O  O   . PRO A 1 54  ? 4.251   -8.488  11.751  1.00 11.54 ? 429 PRO A O   1 
ATOM   429  C  CB  . PRO A 1 54  ? 4.739   -5.723  13.653  1.00 11.24 ? 429 PRO A CB  1 
ATOM   430  C  CG  . PRO A 1 54  ? 4.338   -4.271  13.700  1.00 11.44 ? 429 PRO A CG  1 
ATOM   431  C  CD  . PRO A 1 54  ? 2.830   -4.367  13.645  1.00 10.92 ? 429 PRO A CD  1 
ATOM   432  N  N   . TYR A 1 55  ? 2.912   -8.304  13.542  1.00 11.00 ? 430 TYR A N   1 
ATOM   433  C  CA  . TYR A 1 55  ? 2.750   -9.752  13.612  1.00 11.22 ? 430 TYR A CA  1 
ATOM   434  C  C   . TYR A 1 55  ? 2.096   -10.316 12.351  1.00 10.68 ? 430 TYR A C   1 
ATOM   435  O  O   . TYR A 1 55  ? 2.389   -11.442 11.950  1.00 10.28 ? 430 TYR A O   1 
ATOM   436  C  CB  . TYR A 1 55  ? 1.959   -10.178 14.864  1.00 10.29 ? 430 TYR A CB  1 
ATOM   437  C  CG  . TYR A 1 55  ? 0.523   -9.705  14.939  1.00 11.26 ? 430 TYR A CG  1 
ATOM   438  C  CD1 . TYR A 1 55  ? 0.199   -8.488  15.540  1.00 10.55 ? 430 TYR A CD1 1 
ATOM   439  C  CD2 . TYR A 1 55  ? -0.515  -10.489 14.433  1.00 9.62  ? 430 TYR A CD2 1 
ATOM   440  C  CE1 . TYR A 1 55  ? -1.126  -8.067  15.638  1.00 10.53 ? 430 TYR A CE1 1 
ATOM   441  C  CE2 . TYR A 1 55  ? -1.842  -10.078 14.524  1.00 10.42 ? 430 TYR A CE2 1 
ATOM   442  C  CZ  . TYR A 1 55  ? -2.140  -8.864  15.130  1.00 10.92 ? 430 TYR A CZ  1 
ATOM   443  O  OH  . TYR A 1 55  ? -3.451  -8.455  15.220  1.00 12.30 ? 430 TYR A OH  1 
ATOM   444  N  N   . GLU A 1 56  ? 1.217   -9.540  11.719  1.00 9.58  ? 431 GLU A N   1 
ATOM   445  C  CA  . GLU A 1 56  ? 0.572   -10.000 10.491  1.00 10.04 ? 431 GLU A CA  1 
ATOM   446  C  C   . GLU A 1 56  ? 1.618   -10.058 9.387   1.00 10.32 ? 431 GLU A C   1 
ATOM   447  O  O   . GLU A 1 56  ? 1.719   -11.043 8.658   1.00 9.93  ? 431 GLU A O   1 
ATOM   448  C  CB  . GLU A 1 56  ? -0.548  -9.046  10.070  1.00 9.78  ? 431 GLU A CB  1 
ATOM   449  C  CG  . GLU A 1 56  ? -1.738  -9.019  11.012  1.00 9.49  ? 431 GLU A CG  1 
ATOM   450  C  CD  . GLU A 1 56  ? -2.721  -7.924  10.652  1.00 9.63  ? 431 GLU A CD  1 
ATOM   451  O  OE1 . GLU A 1 56  ? -3.529  -8.117  9.720   1.00 10.73 ? 431 GLU A OE1 1 
ATOM   452  O  OE2 . GLU A 1 56  ? -2.671  -6.859  11.299  1.00 11.01 ? 431 GLU A OE2 1 
ATOM   453  N  N   . TYR A 1 57  ? 2.392   -8.987  9.272   1.00 9.83  ? 432 TYR A N   1 
ATOM   454  C  CA  . TYR A 1 57  ? 3.447   -8.890  8.270   1.00 9.92  ? 432 TYR A CA  1 
ATOM   455  C  C   . TYR A 1 57  ? 4.436   -10.047 8.441   1.00 10.49 ? 432 TYR A C   1 
ATOM   456  O  O   . TYR A 1 57  ? 4.811   -10.710 7.475   1.00 10.01 ? 432 TYR A O   1 
ATOM   457  C  CB  . TYR A 1 57  ? 4.166   -7.552  8.441   1.00 10.07 ? 432 TYR A CB  1 
ATOM   458  C  CG  . TYR A 1 57  ? 5.325   -7.317  7.506   1.00 9.31  ? 432 TYR A CG  1 
ATOM   459  C  CD1 . TYR A 1 57  ? 5.119   -6.867  6.204   1.00 7.85  ? 432 TYR A CD1 1 
ATOM   460  C  CD2 . TYR A 1 57  ? 6.639   -7.493  7.945   1.00 9.98  ? 432 TYR A CD2 1 
ATOM   461  C  CE1 . TYR A 1 57  ? 6.198   -6.587  5.363   1.00 9.42  ? 432 TYR A CE1 1 
ATOM   462  C  CE2 . TYR A 1 57  ? 7.720   -7.220  7.113   1.00 11.06 ? 432 TYR A CE2 1 
ATOM   463  C  CZ  . TYR A 1 57  ? 7.492   -6.764  5.827   1.00 12.22 ? 432 TYR A CZ  1 
ATOM   464  O  OH  . TYR A 1 57  ? 8.565   -6.460  5.019   1.00 12.40 ? 432 TYR A OH  1 
ATOM   465  N  N   . GLU A 1 58  ? 4.841   -10.285 9.685   1.00 11.11 ? 433 GLU A N   1 
ATOM   466  C  CA  . GLU A 1 58  ? 5.784   -11.352 10.005  1.00 12.17 ? 433 GLU A CA  1 
ATOM   467  C  C   . GLU A 1 58  ? 5.256   -12.741 9.661   1.00 11.84 ? 433 GLU A C   1 
ATOM   468  O  O   . GLU A 1 58  ? 6.035   -13.656 9.377   1.00 14.42 ? 433 GLU A O   1 
ATOM   469  C  CB  . GLU A 1 58  ? 6.136   -11.285 11.493  1.00 13.10 ? 433 GLU A CB  1 
ATOM   470  C  CG  . GLU A 1 58  ? 7.002   -10.088 11.864  1.00 17.30 ? 433 GLU A CG  1 
ATOM   471  C  CD  . GLU A 1 58  ? 6.890   -9.710  13.330  1.00 21.54 ? 433 GLU A CD  1 
ATOM   472  O  OE1 . GLU A 1 58  ? 6.571   -10.590 14.156  1.00 24.58 ? 433 GLU A OE1 1 
ATOM   473  O  OE2 . GLU A 1 58  ? 7.132   -8.529  13.658  1.00 22.75 ? 433 GLU A OE2 1 
ATOM   474  N  N   . GLY A 1 59  ? 3.937   -12.897 9.685   1.00 11.20 ? 434 GLY A N   1 
ATOM   475  C  CA  . GLY A 1 59  ? 3.332   -14.184 9.384   1.00 11.09 ? 434 GLY A CA  1 
ATOM   476  C  C   . GLY A 1 59  ? 3.205   -14.478 7.903   1.00 11.32 ? 434 GLY A C   1 
ATOM   477  O  O   . GLY A 1 59  ? 2.729   -15.547 7.518   1.00 13.39 ? 434 GLY A O   1 
ATOM   478  N  N   . GLY A 1 60  ? 3.633   -13.533 7.072   1.00 10.72 ? 435 GLY A N   1 
ATOM   479  C  CA  . GLY A 1 60  ? 3.553   -13.716 5.636   1.00 10.17 ? 435 GLY A CA  1 
ATOM   480  C  C   . GLY A 1 60  ? 3.194   -12.417 4.948   1.00 8.60  ? 435 GLY A C   1 
ATOM   481  O  O   . GLY A 1 60  ? 2.123   -11.859 5.183   1.00 9.14  ? 435 GLY A O   1 
ATOM   482  N  N   . HIS A 1 61  ? 4.093   -11.929 4.102   1.00 8.88  ? 436 HIS A N   1 
ATOM   483  C  CA  . HIS A 1 61  ? 3.858   -10.684 3.376   1.00 8.36  ? 436 HIS A CA  1 
ATOM   484  C  C   . HIS A 1 61  ? 4.330   -10.811 1.938   1.00 9.77  ? 436 HIS A C   1 
ATOM   485  O  O   . HIS A 1 61  ? 4.994   -11.780 1.579   1.00 10.16 ? 436 HIS A O   1 
ATOM   486  C  CB  . HIS A 1 61  ? 4.594   -9.520  4.055   1.00 10.00 ? 436 HIS A CB  1 
ATOM   487  C  CG  . HIS A 1 61  ? 6.073   -9.726  4.177   1.00 9.73  ? 436 HIS A CG  1 
ATOM   488  N  ND1 . HIS A 1 61  ? 6.657   -10.282 5.294   1.00 12.39 ? 436 HIS A ND1 1 
ATOM   489  C  CD2 . HIS A 1 61  ? 7.082   -9.481  3.308   1.00 11.45 ? 436 HIS A CD2 1 
ATOM   490  C  CE1 . HIS A 1 61  ? 7.962   -10.371 5.108   1.00 12.63 ? 436 HIS A CE1 1 
ATOM   491  N  NE2 . HIS A 1 61  ? 8.246   -9.893  3.911   1.00 13.25 ? 436 HIS A NE2 1 
ATOM   492  N  N   . ILE A 1 62  ? 3.983   -9.828  1.113   1.00 8.36  ? 437 ILE A N   1 
ATOM   493  C  CA  . ILE A 1 62  ? 4.396   -9.838  -0.284  1.00 8.32  ? 437 ILE A CA  1 
ATOM   494  C  C   . ILE A 1 62  ? 5.884   -9.497  -0.342  1.00 8.72  ? 437 ILE A C   1 
ATOM   495  O  O   . ILE A 1 62  ? 6.349   -8.597  0.359   1.00 9.33  ? 437 ILE A O   1 
ATOM   496  C  CB  . ILE A 1 62  ? 3.593   -8.803  -1.102  1.00 7.42  ? 437 ILE A CB  1 
ATOM   497  C  CG1 . ILE A 1 62  ? 2.098   -9.111  -0.983  1.00 7.46  ? 437 ILE A CG1 1 
ATOM   498  C  CG2 . ILE A 1 62  ? 4.024   -8.837  -2.567  1.00 8.87  ? 437 ILE A CG2 1 
ATOM   499  C  CD1 . ILE A 1 62  ? 1.198   -8.134  -1.725  1.00 8.80  ? 437 ILE A CD1 1 
ATOM   500  N  N   . LYS A 1 63  ? 6.632   -10.226 -1.161  1.00 8.65  ? 438 LYS A N   1 
ATOM   501  C  CA  . LYS A 1 63  ? 8.063   -9.972  -1.289  1.00 9.05  ? 438 LYS A CA  1 
ATOM   502  C  C   . LYS A 1 63  ? 8.333   -8.516  -1.645  1.00 9.16  ? 438 LYS A C   1 
ATOM   503  O  O   . LYS A 1 63  ? 7.693   -7.958  -2.537  1.00 10.21 ? 438 LYS A O   1 
ATOM   504  C  CB  . LYS A 1 63  ? 8.678   -10.892 -2.346  1.00 10.69 ? 438 LYS A CB  1 
ATOM   505  C  CG  . LYS A 1 63  ? 8.740   -12.346 -1.909  1.00 12.42 ? 438 LYS A CG  1 
ATOM   506  C  CD  . LYS A 1 63  ? 9.525   -13.201 -2.889  1.00 14.87 ? 438 LYS A CD  1 
ATOM   507  C  CE  . LYS A 1 63  ? 9.632   -14.627 -2.372  1.00 16.28 ? 438 LYS A CE  1 
ATOM   508  N  NZ  . LYS A 1 63  ? 10.503  -15.473 -3.237  1.00 17.58 ? 438 LYS A NZ  1 
ATOM   509  N  N   . THR A 1 64  ? 9.288   -7.931  -0.918  1.00 9.75  ? 439 THR A N   1 
ATOM   510  C  CA  . THR A 1 64  ? 9.749   -6.541  -1.035  1.00 10.00 ? 439 THR A CA  1 
ATOM   511  C  C   . THR A 1 64  ? 8.828   -5.512  -0.389  1.00 9.12  ? 439 THR A C   1 
ATOM   512  O  O   . THR A 1 64  ? 9.158   -4.329  -0.341  1.00 10.27 ? 439 THR A O   1 
ATOM   513  C  CB  . THR A 1 64  ? 10.002  -6.090  -2.502  1.00 10.97 ? 439 THR A CB  1 
ATOM   514  O  OG1 . THR A 1 64  ? 8.757   -5.850  -3.164  1.00 11.80 ? 439 THR A OG1 1 
ATOM   515  C  CG2 . THR A 1 64  ? 10.806  -7.140  -3.255  1.00 12.05 ? 439 THR A CG2 1 
ATOM   516  N  N   . ALA A 1 65  ? 7.678   -5.949  0.115   1.00 9.16  ? 440 ALA A N   1 
ATOM   517  C  CA  . ALA A 1 65  ? 6.766   -5.012  0.760   1.00 8.03  ? 440 ALA A CA  1 
ATOM   518  C  C   . ALA A 1 65  ? 7.390   -4.453  2.035   1.00 9.84  ? 440 ALA A C   1 
ATOM   519  O  O   . ALA A 1 65  ? 8.161   -5.138  2.717   1.00 9.90  ? 440 ALA A O   1 
ATOM   520  C  CB  . ALA A 1 65  ? 5.441   -5.701  1.091   1.00 10.02 ? 440 ALA A CB  1 
ATOM   521  N  N   A VAL A 1 66  ? 7.054   -3.204  2.339   0.50 8.49  ? 441 VAL A N   1 
ATOM   522  N  N   B VAL A 1 66  ? 7.067   -3.202  2.343   0.50 8.64  ? 441 VAL A N   1 
ATOM   523  C  CA  A VAL A 1 66  ? 7.551   -2.523  3.529   0.50 8.25  ? 441 VAL A CA  1 
ATOM   524  C  CA  B VAL A 1 66  ? 7.572   -2.549  3.546   0.50 8.57  ? 441 VAL A CA  1 
ATOM   525  C  C   A VAL A 1 66  ? 6.396   -2.383  4.517   0.50 9.07  ? 441 VAL A C   1 
ATOM   526  C  C   B VAL A 1 66  ? 6.409   -2.385  4.517   0.50 9.21  ? 441 VAL A C   1 
ATOM   527  O  O   A VAL A 1 66  ? 5.302   -1.964  4.142   0.50 9.92  ? 441 VAL A O   1 
ATOM   528  O  O   B VAL A 1 66  ? 5.325   -1.951  4.131   0.50 10.00 ? 441 VAL A O   1 
ATOM   529  C  CB  A VAL A 1 66  ? 8.088   -1.120  3.177   0.50 8.87  ? 441 VAL A CB  1 
ATOM   530  C  CB  B VAL A 1 66  ? 8.174   -1.165  3.232   0.50 9.31  ? 441 VAL A CB  1 
ATOM   531  C  CG1 A VAL A 1 66  ? 8.600   -0.425  4.427   0.50 8.29  ? 441 VAL A CG1 1 
ATOM   532  C  CG1 B VAL A 1 66  ? 9.387   -1.323  2.327   0.50 11.09 ? 441 VAL A CG1 1 
ATOM   533  C  CG2 A VAL A 1 66  ? 9.197   -1.236  2.140   0.50 10.90 ? 441 VAL A CG2 1 
ATOM   534  C  CG2 B VAL A 1 66  ? 7.132   -0.278  2.577   0.50 9.61  ? 441 VAL A CG2 1 
ATOM   535  N  N   . ASN A 1 67  ? 6.640   -2.737  5.777   1.00 8.02  ? 442 ASN A N   1 
ATOM   536  C  CA  . ASN A 1 67  ? 5.603   -2.656  6.806   1.00 9.01  ? 442 ASN A CA  1 
ATOM   537  C  C   . ASN A 1 67  ? 5.598   -1.267  7.451   1.00 9.42  ? 442 ASN A C   1 
ATOM   538  O  O   . ASN A 1 67  ? 6.499   -0.931  8.217   1.00 10.77 ? 442 ASN A O   1 
ATOM   539  C  CB  . ASN A 1 67  ? 5.864   -3.739  7.862   1.00 8.41  ? 442 ASN A CB  1 
ATOM   540  C  CG  . ASN A 1 67  ? 4.651   -4.037  8.734   1.00 9.87  ? 442 ASN A CG  1 
ATOM   541  O  OD1 . ASN A 1 67  ? 4.797   -4.492  9.869   1.00 11.21 ? 442 ASN A OD1 1 
ATOM   542  N  ND2 . ASN A 1 67  ? 3.454   -3.805  8.208   1.00 8.50  ? 442 ASN A ND2 1 
ATOM   543  N  N   . LEU A 1 68  ? 4.580   -0.468  7.136   1.00 8.42  ? 443 LEU A N   1 
ATOM   544  C  CA  . LEU A 1 68  ? 4.459   0.893   7.676   1.00 8.36  ? 443 LEU A CA  1 
ATOM   545  C  C   . LEU A 1 68  ? 3.035   1.139   8.195   1.00 9.09  ? 443 LEU A C   1 
ATOM   546  O  O   . LEU A 1 68  ? 2.317   1.994   7.679   1.00 10.02 ? 443 LEU A O   1 
ATOM   547  C  CB  . LEU A 1 68  ? 4.791   1.914   6.577   1.00 8.51  ? 443 LEU A CB  1 
ATOM   548  C  CG  . LEU A 1 68  ? 6.168   1.764   5.927   1.00 10.52 ? 443 LEU A CG  1 
ATOM   549  C  CD1 . LEU A 1 68  ? 6.255   2.635   4.678   1.00 11.96 ? 443 LEU A CD1 1 
ATOM   550  C  CD2 . LEU A 1 68  ? 7.246   2.144   6.925   1.00 12.22 ? 443 LEU A CD2 1 
ATOM   551  N  N   . PRO A 1 69  ? 2.617   0.401   9.237   1.00 9.50  ? 444 PRO A N   1 
ATOM   552  C  CA  . PRO A 1 69  ? 1.273   0.541   9.811   1.00 9.31  ? 444 PRO A CA  1 
ATOM   553  C  C   . PRO A 1 69  ? 0.977   1.841   10.564  1.00 8.80  ? 444 PRO A C   1 
ATOM   554  O  O   . PRO A 1 69  ? -0.178  2.268   10.636  1.00 10.03 ? 444 PRO A O   1 
ATOM   555  C  CB  . PRO A 1 69  ? 1.159   -0.688  10.712  1.00 9.32  ? 444 PRO A CB  1 
ATOM   556  C  CG  . PRO A 1 69  ? 2.563   -0.873  11.187  1.00 10.74 ? 444 PRO A CG  1 
ATOM   557  C  CD  . PRO A 1 69  ? 3.365   -0.674  9.915   1.00 10.48 ? 444 PRO A CD  1 
ATOM   558  N  N   . LEU A 1 70  ? 2.007   2.460   11.129  1.00 9.07  ? 445 LEU A N   1 
ATOM   559  C  CA  . LEU A 1 70  ? 1.824   3.707   11.870  1.00 9.67  ? 445 LEU A CA  1 
ATOM   560  C  C   . LEU A 1 70  ? 1.996   4.889   10.928  1.00 9.30  ? 445 LEU A C   1 
ATOM   561  O  O   . LEU A 1 70  ? 2.972   4.957   10.188  1.00 10.41 ? 445 LEU A O   1 
ATOM   562  C  CB  . LEU A 1 70  ? 2.841   3.799   13.008  1.00 9.70  ? 445 LEU A CB  1 
ATOM   563  C  CG  . LEU A 1 70  ? 2.705   2.712   14.078  1.00 9.57  ? 445 LEU A CG  1 
ATOM   564  C  CD1 . LEU A 1 70  ? 3.865   2.805   15.054  1.00 11.31 ? 445 LEU A CD1 1 
ATOM   565  C  CD2 . LEU A 1 70  ? 1.367   2.869   14.795  1.00 10.39 ? 445 LEU A CD2 1 
ATOM   566  N  N   . GLU A 1 71  ? 1.049   5.818   10.959  1.00 9.68  ? 446 GLU A N   1 
ATOM   567  C  CA  . GLU A 1 71  ? 1.111   6.981   10.085  1.00 10.19 ? 446 GLU A CA  1 
ATOM   568  C  C   . GLU A 1 71  ? 2.434   7.733   10.156  1.00 9.86  ? 446 GLU A C   1 
ATOM   569  O  O   . GLU A 1 71  ? 2.999   8.105   9.125   1.00 10.53 ? 446 GLU A O   1 
ATOM   570  C  CB  . GLU A 1 71  ? -0.059  7.921   10.385  1.00 13.05 ? 446 GLU A CB  1 
ATOM   571  C  CG  . GLU A 1 71  ? -1.369  7.400   9.808   1.00 17.93 ? 446 GLU A CG  1 
ATOM   572  C  CD  . GLU A 1 71  ? -2.572  8.237   10.183  1.00 21.22 ? 446 GLU A CD  1 
ATOM   573  O  OE1 . GLU A 1 71  ? -2.392  9.416   10.548  1.00 22.93 ? 446 GLU A OE1 1 
ATOM   574  O  OE2 . GLU A 1 71  ? -3.703  7.709   10.096  1.00 25.73 ? 446 GLU A OE2 1 
ATOM   575  N  N   . ARG A 1 72  ? 2.949   7.943   11.362  1.00 9.69  ? 447 ARG A N   1 
ATOM   576  C  CA  . ARG A 1 72  ? 4.208   8.662   11.497  1.00 10.06 ? 447 ARG A CA  1 
ATOM   577  C  C   . ARG A 1 72  ? 5.381   7.950   10.830  1.00 10.62 ? 447 ARG A C   1 
ATOM   578  O  O   . ARG A 1 72  ? 6.298   8.603   10.333  1.00 11.79 ? 447 ARG A O   1 
ATOM   579  C  CB  . ARG A 1 72  ? 4.514   8.938   12.974  1.00 9.72  ? 447 ARG A CB  1 
ATOM   580  C  CG  . ARG A 1 72  ? 4.585   7.714   13.877  1.00 10.63 ? 447 ARG A CG  1 
ATOM   581  C  CD  . ARG A 1 72  ? 4.616   8.173   15.330  1.00 10.51 ? 447 ARG A CD  1 
ATOM   582  N  NE  . ARG A 1 72  ? 4.703   7.090   16.307  1.00 11.46 ? 447 ARG A NE  1 
ATOM   583  C  CZ  . ARG A 1 72  ? 3.692   6.307   16.671  1.00 10.70 ? 447 ARG A CZ  1 
ATOM   584  N  NH1 . ARG A 1 72  ? 2.484   6.461   16.138  1.00 10.37 ? 447 ARG A NH1 1 
ATOM   585  N  NH2 . ARG A 1 72  ? 3.880   5.388   17.607  1.00 10.68 ? 447 ARG A NH2 1 
ATOM   586  N  N   . ASP A 1 73  ? 5.353   6.620   10.803  1.00 9.97  ? 448 ASP A N   1 
ATOM   587  C  CA  . ASP A 1 73  ? 6.441   5.875   10.176  1.00 10.86 ? 448 ASP A CA  1 
ATOM   588  C  C   . ASP A 1 73  ? 6.285   5.848   8.661   1.00 9.96  ? 448 ASP A C   1 
ATOM   589  O  O   . ASP A 1 73  ? 7.273   5.870   7.930   1.00 10.34 ? 448 ASP A O   1 
ATOM   590  C  CB  . ASP A 1 73  ? 6.510   4.449   10.724  1.00 11.11 ? 448 ASP A CB  1 
ATOM   591  C  CG  . ASP A 1 73  ? 6.904   4.409   12.187  1.00 13.79 ? 448 ASP A CG  1 
ATOM   592  O  OD1 . ASP A 1 73  ? 7.680   5.290   12.619  1.00 14.71 ? 448 ASP A OD1 1 
ATOM   593  O  OD2 . ASP A 1 73  ? 6.450   3.492   12.901  1.00 14.22 ? 448 ASP A OD2 1 
ATOM   594  N  N   . ALA A 1 74  ? 5.042   5.790   8.193   1.00 9.99  ? 449 ALA A N   1 
ATOM   595  C  CA  . ALA A 1 74  ? 4.790   5.795   6.758   1.00 9.74  ? 449 ALA A CA  1 
ATOM   596  C  C   . ALA A 1 74  ? 5.230   7.160   6.223   1.00 11.44 ? 449 ALA A C   1 
ATOM   597  O  O   . ALA A 1 74  ? 5.869   7.250   5.175   1.00 9.66  ? 449 ALA A O   1 
ATOM   598  C  CB  . ALA A 1 74  ? 3.303   5.568   6.480   1.00 9.94  ? 449 ALA A CB  1 
ATOM   599  N  N   . GLU A 1 75  ? 4.904   8.221   6.957   1.00 10.90 ? 450 GLU A N   1 
ATOM   600  C  CA  . GLU A 1 75  ? 5.277   9.567   6.525   1.00 12.22 ? 450 GLU A CA  1 
ATOM   601  C  C   . GLU A 1 75  ? 6.790   9.781   6.500   1.00 13.43 ? 450 GLU A C   1 
ATOM   602  O  O   . GLU A 1 75  ? 7.325   10.388  5.569   1.00 14.72 ? 450 GLU A O   1 
ATOM   603  C  CB  . GLU A 1 75  ? 4.627   10.630  7.417   1.00 13.08 ? 450 GLU A CB  1 
ATOM   604  C  CG  . GLU A 1 75  ? 4.946   12.048  6.951   1.00 16.07 ? 450 GLU A CG  1 
ATOM   605  C  CD  . GLU A 1 75  ? 4.300   13.129  7.792   1.00 18.55 ? 450 GLU A CD  1 
ATOM   606  O  OE1 . GLU A 1 75  ? 3.442   12.807  8.634   1.00 18.75 ? 450 GLU A OE1 1 
ATOM   607  O  OE2 . GLU A 1 75  ? 4.652   14.314  7.599   1.00 23.16 ? 450 GLU A OE2 1 
ATOM   608  N  N   A SER A 1 76  ? 7.458   9.278   7.531   0.50 13.27 ? 451 SER A N   1 
ATOM   609  N  N   B SER A 1 76  ? 7.495   9.281   7.512   0.50 13.56 ? 451 SER A N   1 
ATOM   610  C  CA  A SER A 1 76  ? 8.903   9.391   7.638   0.50 13.65 ? 451 SER A CA  1 
ATOM   611  C  CA  B SER A 1 76  ? 8.952   9.439   7.580   0.50 14.18 ? 451 SER A CA  1 
ATOM   612  C  C   A SER A 1 76  ? 9.597   8.652   6.496   0.50 13.42 ? 451 SER A C   1 
ATOM   613  C  C   B SER A 1 76  ? 9.639   8.644   6.463   0.50 13.75 ? 451 SER A C   1 
ATOM   614  O  O   A SER A 1 76  ? 10.478  9.201   5.843   0.50 15.15 ? 451 SER A O   1 
ATOM   615  C  CB  A SER A 1 76  ? 9.383   8.831   8.986   0.50 14.09 ? 451 SER A CB  1 
ATOM   616  C  CB  B SER A 1 76  ? 9.454   8.948   8.936   0.50 14.95 ? 451 SER A CB  1 
ATOM   617  O  OG  A SER A 1 76  ? 10.796  8.862   9.064   0.50 14.74 ? 451 SER A OG  1 
ATOM   618  O  OG  B SER A 1 76  ? 9.345   7.538   9.019   0.50 17.19 ? 451 SER A OG  1 
ATOM   619  N  N   . PHE A 1 77  ? 9.177   7.416   6.251   1.00 12.72 ? 452 PHE A N   1 
ATOM   620  C  CA  . PHE A 1 77  ? 9.757   6.571   5.211   1.00 11.78 ? 452 PHE A CA  1 
ATOM   621  C  C   . PHE A 1 77  ? 9.527   7.098   3.804   1.00 11.55 ? 452 PHE A C   1 
ATOM   622  O  O   . PHE A 1 77  ? 10.416  7.034   2.954   1.00 12.27 ? 452 PHE A O   1 
ATOM   623  C  CB  . PHE A 1 77  ? 9.181   5.151   5.326   1.00 11.61 ? 452 PHE A CB  1 
ATOM   624  C  CG  . PHE A 1 77  ? 9.769   4.167   4.350   1.00 12.55 ? 452 PHE A CG  1 
ATOM   625  C  CD1 . PHE A 1 77  ? 9.267   4.054   3.055   1.00 12.46 ? 452 PHE A CD1 1 
ATOM   626  C  CD2 . PHE A 1 77  ? 10.840  3.361   4.725   1.00 14.04 ? 452 PHE A CD2 1 
ATOM   627  C  CE1 . PHE A 1 77  ? 9.825   3.155   2.146   1.00 13.18 ? 452 PHE A CE1 1 
ATOM   628  C  CE2 . PHE A 1 77  ? 11.404  2.460   3.827   1.00 15.28 ? 452 PHE A CE2 1 
ATOM   629  C  CZ  . PHE A 1 77  ? 10.896  2.358   2.536   1.00 15.31 ? 452 PHE A CZ  1 
ATOM   630  N  N   . LEU A 1 78  ? 8.334   7.623   3.562   1.00 11.43 ? 453 LEU A N   1 
ATOM   631  C  CA  . LEU A 1 78  ? 7.981   8.112   2.237   1.00 11.69 ? 453 LEU A CA  1 
ATOM   632  C  C   . LEU A 1 78  ? 8.209   9.590   1.951   1.00 13.67 ? 453 LEU A C   1 
ATOM   633  O  O   . LEU A 1 78  ? 8.609   9.948   0.843   1.00 13.23 ? 453 LEU A O   1 
ATOM   634  C  CB  . LEU A 1 78  ? 6.513   7.780   1.955   1.00 12.22 ? 453 LEU A CB  1 
ATOM   635  C  CG  . LEU A 1 78  ? 6.134   6.298   1.908   1.00 11.72 ? 453 LEU A CG  1 
ATOM   636  C  CD1 . LEU A 1 78  ? 4.617   6.165   1.950   1.00 12.27 ? 453 LEU A CD1 1 
ATOM   637  C  CD2 . LEU A 1 78  ? 6.696   5.654   0.641   1.00 12.05 ? 453 LEU A CD2 1 
ATOM   638  N  N   . LEU A 1 79  ? 7.968   10.450  2.936   1.00 14.91 ? 454 LEU A N   1 
ATOM   639  C  CA  . LEU A 1 79  ? 8.097   11.880  2.699   1.00 16.20 ? 454 LEU A CA  1 
ATOM   640  C  C   . LEU A 1 79  ? 9.255   12.644  3.332   1.00 18.77 ? 454 LEU A C   1 
ATOM   641  O  O   . LEU A 1 79  ? 9.434   13.826  3.037   1.00 19.65 ? 454 LEU A O   1 
ATOM   642  C  CB  . LEU A 1 79  ? 6.772   12.560  3.059   1.00 15.10 ? 454 LEU A CB  1 
ATOM   643  C  CG  . LEU A 1 79  ? 5.583   12.136  2.190   1.00 16.27 ? 454 LEU A CG  1 
ATOM   644  C  CD1 . LEU A 1 79  ? 4.283   12.550  2.851   1.00 17.35 ? 454 LEU A CD1 1 
ATOM   645  C  CD2 . LEU A 1 79  ? 5.714   12.755  0.801   1.00 17.07 ? 454 LEU A CD2 1 
ATOM   646  N  N   . LYS A 1 80  ? 10.042  12.003  4.190   1.00 19.90 ? 455 LYS A N   1 
ATOM   647  C  CA  . LYS A 1 80  ? 11.172  12.706  4.796   1.00 24.29 ? 455 LYS A CA  1 
ATOM   648  C  C   . LYS A 1 80  ? 12.173  12.988  3.681   1.00 25.75 ? 455 LYS A C   1 
ATOM   649  O  O   . LYS A 1 80  ? 12.701  14.095  3.560   1.00 27.09 ? 455 LYS A O   1 
ATOM   650  C  CB  . LYS A 1 80  ? 11.824  11.856  5.888   1.00 25.42 ? 455 LYS A CB  1 
ATOM   651  C  CG  . LYS A 1 80  ? 12.910  12.585  6.665   1.00 28.95 ? 455 LYS A CG  1 
ATOM   652  C  CD  . LYS A 1 80  ? 13.447  11.729  7.802   1.00 32.25 ? 455 LYS A CD  1 
ATOM   653  C  CE  . LYS A 1 80  ? 14.452  12.500  8.642   1.00 34.42 ? 455 LYS A CE  1 
ATOM   654  N  NZ  . LYS A 1 80  ? 14.951  11.691  9.791   1.00 37.09 ? 455 LYS A NZ  1 
ATOM   655  N  N   . SER A 1 81  ? 12.422  11.970  2.864   1.00 27.26 ? 456 SER A N   1 
ATOM   656  C  CA  . SER A 1 81  ? 13.328  12.073  1.729   1.00 29.18 ? 456 SER A CA  1 
ATOM   657  C  C   . SER A 1 81  ? 12.653  11.310  0.592   1.00 29.40 ? 456 SER A C   1 
ATOM   658  O  O   . SER A 1 81  ? 12.975  10.153  0.326   1.00 29.97 ? 456 SER A O   1 
ATOM   659  C  CB  . SER A 1 81  ? 14.682  11.440  2.061   1.00 30.03 ? 456 SER A CB  1 
ATOM   660  O  OG  . SER A 1 81  ? 15.606  11.639  1.006   1.00 32.93 ? 456 SER A OG  1 
ATOM   661  N  N   . PRO A 1 82  ? 11.694  11.958  -0.089  1.00 29.97 ? 457 PRO A N   1 
ATOM   662  C  CA  . PRO A 1 82  ? 10.940  11.373  -1.200  1.00 30.49 ? 457 PRO A CA  1 
ATOM   663  C  C   . PRO A 1 82  ? 11.750  10.519  -2.169  1.00 32.46 ? 457 PRO A C   1 
ATOM   664  O  O   . PRO A 1 82  ? 12.863  10.876  -2.556  1.00 31.83 ? 457 PRO A O   1 
ATOM   665  C  CB  . PRO A 1 82  ? 10.332  12.596  -1.875  1.00 29.48 ? 457 PRO A CB  1 
ATOM   666  C  CG  . PRO A 1 82  ? 10.057  13.490  -0.713  1.00 29.52 ? 457 PRO A CG  1 
ATOM   667  C  CD  . PRO A 1 82  ? 11.338  13.379  0.086   1.00 28.72 ? 457 PRO A CD  1 
ATOM   668  N  N   . ILE A 1 83  ? 11.172  9.384   -2.549  1.00 34.15 ? 458 ILE A N   1 
ATOM   669  C  CA  . ILE A 1 83  ? 11.806  8.464   -3.485  1.00 37.58 ? 458 ILE A CA  1 
ATOM   670  C  C   . ILE A 1 83  ? 11.588  9.000   -4.897  1.00 39.17 ? 458 ILE A C   1 
ATOM   671  O  O   . ILE A 1 83  ? 10.483  8.922   -5.433  1.00 40.16 ? 458 ILE A O   1 
ATOM   672  C  CB  . ILE A 1 83  ? 11.194  7.044   -3.386  1.00 37.57 ? 458 ILE A CB  1 
ATOM   673  C  CG1 . ILE A 1 83  ? 11.571  6.391   -2.052  1.00 38.44 ? 458 ILE A CG1 1 
ATOM   674  C  CG2 . ILE A 1 83  ? 11.687  6.182   -4.537  1.00 38.41 ? 458 ILE A CG2 1 
ATOM   675  C  CD1 . ILE A 1 83  ? 10.973  7.056   -0.828  1.00 39.54 ? 458 ILE A CD1 1 
ATOM   676  N  N   . ALA A 1 84  ? 12.644  9.548   -5.489  1.00 41.53 ? 459 ALA A N   1 
ATOM   677  C  CA  . ALA A 1 84  ? 12.564  10.104  -6.835  1.00 43.50 ? 459 ALA A CA  1 
ATOM   678  C  C   . ALA A 1 84  ? 12.956  9.070   -7.887  1.00 44.82 ? 459 ALA A C   1 
ATOM   679  O  O   . ALA A 1 84  ? 13.702  8.132   -7.603  1.00 45.47 ? 459 ALA A O   1 
ATOM   680  C  CB  . ALA A 1 84  ? 13.466  11.328  -6.944  1.00 43.18 ? 459 ALA A CB  1 
ATOM   681  N  N   . PRO A 1 85  ? 12.450  9.229   -9.122  1.00 45.78 ? 460 PRO A N   1 
ATOM   682  C  CA  . PRO A 1 85  ? 12.752  8.305   -10.219 1.00 46.28 ? 460 PRO A CA  1 
ATOM   683  C  C   . PRO A 1 85  ? 14.167  8.495   -10.758 1.00 46.96 ? 460 PRO A C   1 
ATOM   684  O  O   . PRO A 1 85  ? 14.669  9.618   -10.829 1.00 47.70 ? 460 PRO A O   1 
ATOM   685  C  CB  . PRO A 1 85  ? 11.687  8.649   -11.254 1.00 45.81 ? 460 PRO A CB  1 
ATOM   686  C  CG  . PRO A 1 85  ? 11.525  10.122  -11.065 1.00 46.37 ? 460 PRO A CG  1 
ATOM   687  C  CD  . PRO A 1 85  ? 11.480  10.252  -9.555  1.00 45.94 ? 460 PRO A CD  1 
ATOM   688  N  N   . LYS A 1 90  ? 10.493  8.677   -16.023 1.00 25.17 ? 465 LYS A N   1 
ATOM   689  C  CA  . LYS A 1 90  ? 9.893   7.439   -15.540 1.00 23.14 ? 465 LYS A CA  1 
ATOM   690  C  C   . LYS A 1 90  ? 8.956   7.732   -14.371 1.00 21.82 ? 465 LYS A C   1 
ATOM   691  O  O   . LYS A 1 90  ? 8.924   8.850   -13.855 1.00 23.27 ? 465 LYS A O   1 
ATOM   692  C  CB  . LYS A 1 90  ? 10.992  6.456   -15.125 1.00 24.93 ? 465 LYS A CB  1 
ATOM   693  C  CG  . LYS A 1 90  ? 12.005  6.197   -16.236 1.00 28.55 ? 465 LYS A CG  1 
ATOM   694  C  CD  . LYS A 1 90  ? 13.031  5.137   -15.865 1.00 30.68 ? 465 LYS A CD  1 
ATOM   695  C  CE  . LYS A 1 90  ? 12.421  3.745   -15.837 1.00 31.50 ? 465 LYS A CE  1 
ATOM   696  N  NZ  . LYS A 1 90  ? 13.464  2.700   -15.633 1.00 33.62 ? 465 LYS A NZ  1 
ATOM   697  N  N   . ARG A 1 91  ? 8.198   6.725   -13.952 1.00 17.67 ? 466 ARG A N   1 
ATOM   698  C  CA  . ARG A 1 91  ? 7.236   6.893   -12.868 1.00 15.42 ? 466 ARG A CA  1 
ATOM   699  C  C   . ARG A 1 91  ? 7.611   6.222   -11.560 1.00 13.39 ? 466 ARG A C   1 
ATOM   700  O  O   . ARG A 1 91  ? 8.367   5.252   -11.534 1.00 13.52 ? 466 ARG A O   1 
ATOM   701  C  CB  . ARG A 1 91  ? 5.880   6.309   -13.260 1.00 15.06 ? 466 ARG A CB  1 
ATOM   702  C  CG  . ARG A 1 91  ? 5.267   6.805   -14.546 1.00 14.94 ? 466 ARG A CG  1 
ATOM   703  C  CD  . ARG A 1 91  ? 3.979   6.031   -14.787 1.00 14.65 ? 466 ARG A CD  1 
ATOM   704  N  NE  . ARG A 1 91  ? 3.308   6.391   -16.030 1.00 14.22 ? 466 ARG A NE  1 
ATOM   705  C  CZ  . ARG A 1 91  ? 2.044   6.792   -16.098 1.00 13.52 ? 466 ARG A CZ  1 
ATOM   706  N  NH1 . ARG A 1 91  ? 1.319   6.886   -14.993 1.00 11.92 ? 466 ARG A NH1 1 
ATOM   707  N  NH2 . ARG A 1 91  ? 1.502   7.097   -17.271 1.00 14.80 ? 466 ARG A NH2 1 
ATOM   708  N  N   . VAL A 1 92  ? 7.055   6.759   -10.478 1.00 11.95 ? 467 VAL A N   1 
ATOM   709  C  CA  . VAL A 1 92  ? 7.206   6.181   -9.152  1.00 11.24 ? 467 VAL A CA  1 
ATOM   710  C  C   . VAL A 1 92  ? 5.753   5.901   -8.781  1.00 9.84  ? 467 VAL A C   1 
ATOM   711  O  O   . VAL A 1 92  ? 4.887   6.758   -8.968  1.00 10.73 ? 467 VAL A O   1 
ATOM   712  C  CB  . VAL A 1 92  ? 7.817   7.161   -8.135  1.00 11.76 ? 467 VAL A CB  1 
ATOM   713  C  CG1 . VAL A 1 92  ? 7.750   6.552   -6.735  1.00 13.31 ? 467 VAL A CG1 1 
ATOM   714  C  CG2 . VAL A 1 92  ? 9.268   7.453   -8.504  1.00 15.95 ? 467 VAL A CG2 1 
ATOM   715  N  N   . ILE A 1 93  ? 5.483   4.700   -8.280  1.00 8.97  ? 468 ILE A N   1 
ATOM   716  C  CA  . ILE A 1 93  ? 4.124   4.307   -7.916  1.00 7.95  ? 468 ILE A CA  1 
ATOM   717  C  C   . ILE A 1 93  ? 4.083   3.700   -6.522  1.00 7.30  ? 468 ILE A C   1 
ATOM   718  O  O   . ILE A 1 93  ? 5.009   3.001   -6.117  1.00 8.40  ? 468 ILE A O   1 
ATOM   719  C  CB  . ILE A 1 93  ? 3.577   3.249   -8.912  1.00 7.33  ? 468 ILE A CB  1 
ATOM   720  C  CG1 . ILE A 1 93  ? 3.418   3.867   -10.299 1.00 8.13  ? 468 ILE A CG1 1 
ATOM   721  C  CG2 . ILE A 1 93  ? 2.246   2.692   -8.426  1.00 8.95  ? 468 ILE A CG2 1 
ATOM   722  C  CD1 . ILE A 1 93  ? 2.985   2.872   -11.360 1.00 9.17  ? 468 ILE A CD1 1 
ATOM   723  N  N   . LEU A 1 94  ? 3.015   3.982   -5.782  1.00 8.52  ? 469 LEU A N   1 
ATOM   724  C  CA  . LEU A 1 94  ? 2.853   3.400   -4.457  1.00 8.25  ? 469 LEU A CA  1 
ATOM   725  C  C   . LEU A 1 94  ? 1.621   2.507   -4.479  1.00 8.44  ? 469 LEU A C   1 
ATOM   726  O  O   . LEU A 1 94  ? 0.603   2.858   -5.077  1.00 8.34  ? 469 LEU A O   1 
ATOM   727  C  CB  . LEU A 1 94  ? 2.648   4.479   -3.384  1.00 8.30  ? 469 LEU A CB  1 
ATOM   728  C  CG  . LEU A 1 94  ? 3.742   5.521   -3.140  1.00 8.39  ? 469 LEU A CG  1 
ATOM   729  C  CD1 . LEU A 1 94  ? 3.367   6.358   -1.917  1.00 10.29 ? 469 LEU A CD1 1 
ATOM   730  C  CD2 . LEU A 1 94  ? 5.080   4.835   -2.913  1.00 10.68 ? 469 LEU A CD2 1 
ATOM   731  N  N   A ILE A 1 95  ? 1.725   1.349   -3.838  0.50 7.88  ? 470 ILE A N   1 
ATOM   732  N  N   B ILE A 1 95  ? 1.726   1.340   -3.850  0.50 7.56  ? 470 ILE A N   1 
ATOM   733  C  CA  A ILE A 1 95  ? 0.607   0.418   -3.752  0.50 8.97  ? 470 ILE A CA  1 
ATOM   734  C  CA  B ILE A 1 95  ? 0.601   0.414   -3.760  0.50 8.42  ? 470 ILE A CA  1 
ATOM   735  C  C   A ILE A 1 95  ? 0.368   0.136   -2.276  0.50 9.62  ? 470 ILE A C   1 
ATOM   736  C  C   B ILE A 1 95  ? 0.366   0.136   -2.280  0.50 9.35  ? 470 ILE A C   1 
ATOM   737  O  O   A ILE A 1 95  ? 1.247   -0.384  -1.591  0.50 10.60 ? 470 ILE A O   1 
ATOM   738  O  O   B ILE A 1 95  ? 1.248   -0.382  -1.596  0.50 10.44 ? 470 ILE A O   1 
ATOM   739  C  CB  A ILE A 1 95  ? 0.911   -0.922  -4.463  0.50 9.47  ? 470 ILE A CB  1 
ATOM   740  C  CB  B ILE A 1 95  ? 0.877   -0.946  -4.459  0.50 8.10  ? 470 ILE A CB  1 
ATOM   741  C  CG1 A ILE A 1 95  ? 1.320   -0.677  -5.917  0.50 9.79  ? 470 ILE A CG1 1 
ATOM   742  C  CG1 B ILE A 1 95  ? 1.287   -0.740  -5.919  0.50 7.31  ? 470 ILE A CG1 1 
ATOM   743  C  CG2 A ILE A 1 95  ? -0.315  -1.821  -4.408  0.50 9.99  ? 470 ILE A CG2 1 
ATOM   744  C  CG2 B ILE A 1 95  ? -0.371  -1.813  -4.398  0.50 9.07  ? 470 ILE A CG2 1 
ATOM   745  C  CD1 A ILE A 1 95  ? 0.273   0.023   -6.749  0.50 10.36 ? 470 ILE A CD1 1 
ATOM   746  C  CD1 B ILE A 1 95  ? 2.768   -0.468  -6.109  0.50 5.27  ? 470 ILE A CD1 1 
ATOM   747  N  N   . PHE A 1 96  ? -0.814  0.492   -1.782  1.00 8.19  ? 471 PHE A N   1 
ATOM   748  C  CA  . PHE A 1 96  ? -1.138  0.263   -0.379  1.00 8.94  ? 471 PHE A CA  1 
ATOM   749  C  C   . PHE A 1 96  ? -2.049  -0.942  -0.226  1.00 8.07  ? 471 PHE A C   1 
ATOM   750  O  O   . PHE A 1 96  ? -2.898  -1.196  -1.078  1.00 9.27  ? 471 PHE A O   1 
ATOM   751  C  CB  . PHE A 1 96  ? -1.862  1.466   0.237   1.00 8.50  ? 471 PHE A CB  1 
ATOM   752  C  CG  . PHE A 1 96  ? -1.045  2.722   0.278   1.00 8.27  ? 471 PHE A CG  1 
ATOM   753  C  CD1 . PHE A 1 96  ? -0.963  3.553   -0.836  1.00 8.13  ? 471 PHE A CD1 1 
ATOM   754  C  CD2 . PHE A 1 96  ? -0.369  3.086   1.440   1.00 8.29  ? 471 PHE A CD2 1 
ATOM   755  C  CE1 . PHE A 1 96  ? -0.216  4.729   -0.796  1.00 9.25  ? 471 PHE A CE1 1 
ATOM   756  C  CE2 . PHE A 1 96  ? 0.383   4.260   1.490   1.00 9.20  ? 471 PHE A CE2 1 
ATOM   757  C  CZ  . PHE A 1 96  ? 0.457   5.087   0.366   1.00 9.40  ? 471 PHE A CZ  1 
ATOM   758  N  N   . HIS A 1 97  ? -1.872  -1.687  0.861   1.00 7.58  ? 472 HIS A N   1 
ATOM   759  C  CA  . HIS A 1 97  ? -2.749  -2.818  1.124   1.00 7.37  ? 472 HIS A CA  1 
ATOM   760  C  C   . HIS A 1 97  ? -2.759  -3.146  2.604   1.00 7.57  ? 472 HIS A C   1 
ATOM   761  O  O   . HIS A 1 97  ? -1.887  -2.720  3.359   1.00 8.22  ? 472 HIS A O   1 
ATOM   762  C  CB  . HIS A 1 97  ? -2.334  -4.057  0.302   1.00 7.71  ? 472 HIS A CB  1 
ATOM   763  C  CG  . HIS A 1 97  ? -1.261  -4.893  0.933   1.00 7.94  ? 472 HIS A CG  1 
ATOM   764  N  ND1 . HIS A 1 97  ? -1.506  -5.773  1.967   1.00 7.60  ? 472 HIS A ND1 1 
ATOM   765  C  CD2 . HIS A 1 97  ? 0.060   -5.003  0.654   1.00 8.22  ? 472 HIS A CD2 1 
ATOM   766  C  CE1 . HIS A 1 97  ? -0.384  -6.389  2.295   1.00 9.08  ? 472 HIS A CE1 1 
ATOM   767  N  NE2 . HIS A 1 97  ? 0.582   -5.940  1.513   1.00 9.17  ? 472 HIS A NE2 1 
ATOM   768  N  N   . SER A 1 98  ? -3.789  -3.867  3.024   1.00 8.37  ? 473 SER A N   1 
ATOM   769  C  CA  . SER A 1 98  ? -3.890  -4.307  4.405   1.00 8.98  ? 473 SER A CA  1 
ATOM   770  C  C   . SER A 1 98  ? -4.332  -5.764  4.336   1.00 9.66  ? 473 SER A C   1 
ATOM   771  O  O   . SER A 1 98  ? -3.984  -6.451  3.378   1.00 9.30  ? 473 SER A O   1 
ATOM   772  C  CB  . SER A 1 98  ? -4.862  -3.426  5.213   1.00 9.66  ? 473 SER A CB  1 
ATOM   773  O  OG  . SER A 1 98  ? -5.987  -3.013  4.462   1.00 11.13 ? 473 SER A OG  1 
ATOM   774  N  N   . GLU A 1 99  ? -5.070  -6.262  5.321   1.00 9.61  ? 474 GLU A N   1 
ATOM   775  C  CA  . GLU A 1 99  ? -5.479  -7.663  5.263   1.00 9.32  ? 474 GLU A CA  1 
ATOM   776  C  C   . GLU A 1 99  ? -6.544  -7.876  4.191   1.00 9.85  ? 474 GLU A C   1 
ATOM   777  O  O   . GLU A 1 99  ? -6.445  -8.788  3.368   1.00 9.94  ? 474 GLU A O   1 
ATOM   778  C  CB  . GLU A 1 99  ? -5.998  -8.142  6.624   1.00 7.95  ? 474 GLU A CB  1 
ATOM   779  C  CG  . GLU A 1 99  ? -6.538  -9.571  6.581   1.00 9.33  ? 474 GLU A CG  1 
ATOM   780  C  CD  . GLU A 1 99  ? -6.845  -10.140 7.951   1.00 11.65 ? 474 GLU A CD  1 
ATOM   781  O  OE1 . GLU A 1 99  ? -6.998  -9.359  8.910   1.00 13.17 ? 474 GLU A OE1 1 
ATOM   782  O  OE2 . GLU A 1 99  ? -6.952  -11.379 8.066   1.00 12.96 ? 474 GLU A OE2 1 
ATOM   783  N  N   . PHE A 1 100 ? -7.565  -7.024  4.207   1.00 10.21 ? 475 PHE A N   1 
ATOM   784  C  CA  . PHE A 1 100 ? -8.640  -7.101  3.231   1.00 13.03 ? 475 PHE A CA  1 
ATOM   785  C  C   . PHE A 1 100 ? -8.625  -5.841  2.376   1.00 12.27 ? 475 PHE A C   1 
ATOM   786  O  O   . PHE A 1 100 ? -9.405  -5.724  1.433   1.00 12.45 ? 475 PHE A O   1 
ATOM   787  C  CB  . PHE A 1 100 ? -9.989  -7.194  3.940   1.00 15.29 ? 475 PHE A CB  1 
ATOM   788  C  CG  . PHE A 1 100 ? -10.102 -8.359  4.872   1.00 15.02 ? 475 PHE A CG  1 
ATOM   789  C  CD1 . PHE A 1 100 ? -10.229 -9.650  4.376   1.00 18.34 ? 475 PHE A CD1 1 
ATOM   790  C  CD2 . PHE A 1 100 ? -10.065 -8.169  6.248   1.00 15.50 ? 475 PHE A CD2 1 
ATOM   791  C  CE1 . PHE A 1 100 ? -10.320 -10.739 5.240   1.00 18.25 ? 475 PHE A CE1 1 
ATOM   792  C  CE2 . PHE A 1 100 ? -10.153 -9.250  7.121   1.00 16.43 ? 475 PHE A CE2 1 
ATOM   793  C  CZ  . PHE A 1 100 ? -10.281 -10.536 6.614   1.00 17.69 ? 475 PHE A CZ  1 
ATOM   794  N  N   . SER A 1 101 ? -7.728  -4.913  2.709   1.00 12.22 ? 476 SER A N   1 
ATOM   795  C  CA  . SER A 1 101 ? -7.631  -3.627  2.020   1.00 11.30 ? 476 SER A CA  1 
ATOM   796  C  C   . SER A 1 101 ? -8.995  -2.953  2.079   1.00 12.44 ? 476 SER A C   1 
ATOM   797  O  O   . SER A 1 101 ? -9.436  -2.313  1.123   1.00 12.59 ? 476 SER A O   1 
ATOM   798  C  CB  . SER A 1 101 ? -7.190  -3.802  0.567   1.00 10.44 ? 476 SER A CB  1 
ATOM   799  O  OG  . SER A 1 101 ? -5.783  -3.946  0.483   1.00 9.36  ? 476 SER A OG  1 
ATOM   800  N  N   A SER A 1 102 ? -9.648  -3.119  3.222   0.50 12.70 ? 477 SER A N   1 
ATOM   801  N  N   B SER A 1 102 ? -9.659  -3.083  3.225   0.50 13.27 ? 477 SER A N   1 
ATOM   802  C  CA  A SER A 1 102 ? -10.967 -2.561  3.468   0.50 13.75 ? 477 SER A CA  1 
ATOM   803  C  CA  B SER A 1 102 ? -10.984 -2.495  3.421   0.50 14.79 ? 477 SER A CA  1 
ATOM   804  C  C   A SER A 1 102 ? -10.896 -1.261  4.258   0.50 14.65 ? 477 SER A C   1 
ATOM   805  C  C   B SER A 1 102 ? -10.898 -1.219  4.260   0.50 15.16 ? 477 SER A C   1 
ATOM   806  O  O   A SER A 1 102 ? -11.651 -0.327  3.995   0.50 16.01 ? 477 SER A O   1 
ATOM   807  O  O   B SER A 1 102 ? -11.642 -0.259  4.038   0.50 16.15 ? 477 SER A O   1 
ATOM   808  C  CB  A SER A 1 102 ? -11.821 -3.579  4.235   0.50 13.67 ? 477 SER A CB  1 
ATOM   809  C  CB  B SER A 1 102 ? -11.897 -3.506  4.116   0.50 15.78 ? 477 SER A CB  1 
ATOM   810  O  OG  A SER A 1 102 ? -13.051 -3.014  4.644   0.50 14.92 ? 477 SER A OG  1 
ATOM   811  O  OG  B SER A 1 102 ? -11.441 -3.763  5.430   0.50 19.62 ? 477 SER A OG  1 
ATOM   812  N  N   . GLU A 1 103 ? -9.977  -1.206  5.218   1.00 13.62 ? 478 GLU A N   1 
ATOM   813  C  CA  . GLU A 1 103 ? -9.824  -0.041  6.073   1.00 15.13 ? 478 GLU A CA  1 
ATOM   814  C  C   . GLU A 1 103 ? -8.419  0.533   6.229   1.00 12.05 ? 478 GLU A C   1 
ATOM   815  O  O   . GLU A 1 103 ? -8.173  1.675   5.849   1.00 12.52 ? 478 GLU A O   1 
ATOM   816  C  CB  . GLU A 1 103 ? -10.384 -0.358  7.460   1.00 20.17 ? 478 GLU A CB  1 
ATOM   817  C  CG  . GLU A 1 103 ? -11.893 -0.566  7.493   1.00 27.77 ? 478 GLU A CG  1 
ATOM   818  C  CD  . GLU A 1 103 ? -12.660 0.694   7.130   1.00 32.27 ? 478 GLU A CD  1 
ATOM   819  O  OE1 . GLU A 1 103 ? -12.535 1.696   7.866   1.00 35.67 ? 478 GLU A OE1 1 
ATOM   820  O  OE2 . GLU A 1 103 ? -13.383 0.683   6.110   1.00 36.16 ? 478 GLU A OE2 1 
ATOM   821  N  N   . ARG A 1 104 ? -7.505  -0.243  6.800   1.00 11.81 ? 479 ARG A N   1 
ATOM   822  C  CA  . ARG A 1 104 ? -6.150  0.247   7.032   1.00 9.70  ? 479 ARG A CA  1 
ATOM   823  C  C   . ARG A 1 104 ? -5.397  0.693   5.782   1.00 9.66  ? 479 ARG A C   1 
ATOM   824  O  O   . ARG A 1 104 ? -4.759  1.747   5.794   1.00 10.41 ? 479 ARG A O   1 
ATOM   825  C  CB  . ARG A 1 104 ? -5.341  -0.802  7.806   1.00 10.29 ? 479 ARG A CB  1 
ATOM   826  C  CG  . ARG A 1 104 ? -5.823  -0.966  9.250   1.00 10.25 ? 479 ARG A CG  1 
ATOM   827  C  CD  . ARG A 1 104 ? -5.120  -2.116  9.960   1.00 10.04 ? 479 ARG A CD  1 
ATOM   828  N  NE  . ARG A 1 104 ? -5.424  -3.403  9.339   1.00 8.61  ? 479 ARG A NE  1 
ATOM   829  C  CZ  . ARG A 1 104 ? -4.866  -4.553  9.698   1.00 6.72  ? 479 ARG A CZ  1 
ATOM   830  N  NH1 . ARG A 1 104 ? -3.977  -4.575  10.680  1.00 8.24  ? 479 ARG A NH1 1 
ATOM   831  N  NH2 . ARG A 1 104 ? -5.188  -5.676  9.069   1.00 9.34  ? 479 ARG A NH2 1 
ATOM   832  N  N   . GLY A 1 105 ? -5.473  -0.091  4.709   1.00 9.65  ? 480 GLY A N   1 
ATOM   833  C  CA  . GLY A 1 105 ? -4.785  0.283   3.481   1.00 9.83  ? 480 GLY A CA  1 
ATOM   834  C  C   . GLY A 1 105 ? -5.334  1.579   2.909   1.00 9.73  ? 480 GLY A C   1 
ATOM   835  O  O   . GLY A 1 105 ? -4.577  2.514   2.632   1.00 9.29  ? 480 GLY A O   1 
ATOM   836  N  N   . PRO A 1 106 ? -6.655  1.658   2.698   1.00 10.22 ? 481 PRO A N   1 
ATOM   837  C  CA  . PRO A 1 106 ? -7.267  2.874   2.159   1.00 9.50  ? 481 PRO A CA  1 
ATOM   838  C  C   . PRO A 1 106 ? -6.982  4.097   3.033   1.00 9.65  ? 481 PRO A C   1 
ATOM   839  O  O   . PRO A 1 106 ? -6.705  5.180   2.525   1.00 10.41 ? 481 PRO A O   1 
ATOM   840  C  CB  . PRO A 1 106 ? -8.749  2.521   2.128   1.00 9.82  ? 481 PRO A CB  1 
ATOM   841  C  CG  . PRO A 1 106 ? -8.722  1.061   1.784   1.00 10.85 ? 481 PRO A CG  1 
ATOM   842  C  CD  . PRO A 1 106 ? -7.614  0.537   2.681   1.00 10.76 ? 481 PRO A CD  1 
ATOM   843  N  N   . ARG A 1 107 ? -7.046  3.924   4.349   1.00 10.39 ? 482 ARG A N   1 
ATOM   844  C  CA  . ARG A 1 107 ? -6.798  5.034   5.263   1.00 10.60 ? 482 ARG A CA  1 
ATOM   845  C  C   . ARG A 1 107 ? -5.388  5.598   5.105   1.00 10.92 ? 482 ARG A C   1 
ATOM   846  O  O   . ARG A 1 107 ? -5.200  6.815   5.068   1.00 10.58 ? 482 ARG A O   1 
ATOM   847  C  CB  . ARG A 1 107 ? -7.030  4.588   6.712   1.00 13.69 ? 482 ARG A CB  1 
ATOM   848  C  CG  . ARG A 1 107 ? -6.930  5.709   7.734   1.00 19.28 ? 482 ARG A CG  1 
ATOM   849  C  CD  . ARG A 1 107 ? -7.579  5.319   9.057   1.00 24.43 ? 482 ARG A CD  1 
ATOM   850  N  NE  . ARG A 1 107 ? -6.876  4.235   9.737   1.00 28.71 ? 482 ARG A NE  1 
ATOM   851  C  CZ  . ARG A 1 107 ? -7.436  3.078   10.080  1.00 30.84 ? 482 ARG A CZ  1 
ATOM   852  N  NH1 . ARG A 1 107 ? -6.717  2.151   10.699  1.00 31.13 ? 482 ARG A NH1 1 
ATOM   853  N  NH2 . ARG A 1 107 ? -8.711  2.843   9.799   1.00 32.11 ? 482 ARG A NH2 1 
ATOM   854  N  N   . MET A 1 108 ? -4.395  4.719   5.006   1.00 9.64  ? 483 MET A N   1 
ATOM   855  C  CA  . MET A 1 108 ? -3.021  5.175   4.854   1.00 9.12  ? 483 MET A CA  1 
ATOM   856  C  C   . MET A 1 108 ? -2.827  5.852   3.503   1.00 9.89  ? 483 MET A C   1 
ATOM   857  O  O   . MET A 1 108 ? -2.065  6.812   3.385   1.00 10.05 ? 483 MET A O   1 
ATOM   858  C  CB  . MET A 1 108 ? -2.047  4.002   4.993   1.00 9.37  ? 483 MET A CB  1 
ATOM   859  C  CG  . MET A 1 108 ? -0.591  4.426   5.164   1.00 9.09  ? 483 MET A CG  1 
ATOM   860  S  SD  . MET A 1 108 ? -0.311  5.377   6.680   1.00 10.95 ? 483 MET A SD  1 
ATOM   861  C  CE  . MET A 1 108 ? -0.290  4.053   7.899   1.00 11.87 ? 483 MET A CE  1 
ATOM   862  N  N   . CYS A 1 109 ? -3.516  5.349   2.483   1.00 9.72  ? 484 CYS A N   1 
ATOM   863  C  CA  . CYS A 1 109 ? -3.420  5.923   1.146   1.00 9.49  ? 484 CYS A CA  1 
ATOM   864  C  C   . CYS A 1 109 ? -3.913  7.373   1.178   1.00 9.91  ? 484 CYS A C   1 
ATOM   865  O  O   . CYS A 1 109 ? -3.272  8.272   0.622   1.00 10.92 ? 484 CYS A O   1 
ATOM   866  C  CB  . CYS A 1 109 ? -4.256  5.097   0.164   1.00 8.26  ? 484 CYS A CB  1 
ATOM   867  S  SG  . CYS A 1 109 ? -4.076  5.572   -1.575  1.00 10.75 ? 484 CYS A SG  1 
ATOM   868  N  N   A ARG A 1 110 ? -5.046  7.595   1.836   0.50 10.14 ? 485 ARG A N   1 
ATOM   869  N  N   B ARG A 1 110 ? -5.051  7.603   1.827   0.50 10.16 ? 485 ARG A N   1 
ATOM   870  C  CA  A ARG A 1 110 ? -5.603  8.938   1.934   0.50 10.44 ? 485 ARG A CA  1 
ATOM   871  C  CA  B ARG A 1 110 ? -5.598  8.955   1.920   0.50 10.44 ? 485 ARG A CA  1 
ATOM   872  C  C   A ARG A 1 110 ? -4.697  9.834   2.770   0.50 10.74 ? 485 ARG A C   1 
ATOM   873  C  C   B ARG A 1 110 ? -4.687  9.839   2.766   0.50 10.76 ? 485 ARG A C   1 
ATOM   874  O  O   A ARG A 1 110 ? -4.510  11.008  2.455   0.50 10.09 ? 485 ARG A O   1 
ATOM   875  O  O   B ARG A 1 110 ? -4.491  11.014  2.458   0.50 10.09 ? 485 ARG A O   1 
ATOM   876  C  CB  A ARG A 1 110 ? -7.003  8.901   2.556   0.50 12.19 ? 485 ARG A CB  1 
ATOM   877  C  CB  B ARG A 1 110 ? -7.000  8.941   2.544   0.50 12.18 ? 485 ARG A CB  1 
ATOM   878  C  CG  A ARG A 1 110 ? -8.057  8.207   1.705   0.50 15.42 ? 485 ARG A CG  1 
ATOM   879  C  CG  B ARG A 1 110 ? -8.081  8.259   1.714   0.50 15.49 ? 485 ARG A CG  1 
ATOM   880  C  CD  A ARG A 1 110 ? -9.456  8.622   2.146   0.50 19.41 ? 485 ARG A CD  1 
ATOM   881  C  CD  B ARG A 1 110 ? -9.417  8.298   2.454   0.50 19.05 ? 485 ARG A CD  1 
ATOM   882  N  NE  A ARG A 1 110 ? -10.509 8.022   1.331   0.50 21.35 ? 485 ARG A NE  1 
ATOM   883  N  NE  B ARG A 1 110 ? -10.453 7.493   1.809   0.50 20.81 ? 485 ARG A NE  1 
ATOM   884  C  CZ  A ARG A 1 110 ? -10.930 6.766   1.451   0.50 24.34 ? 485 ARG A CZ  1 
ATOM   885  C  CZ  B ARG A 1 110 ? -10.968 7.744   0.609   0.50 22.71 ? 485 ARG A CZ  1 
ATOM   886  N  NH1 A ARG A 1 110 ? -10.387 5.965   2.357   0.50 26.00 ? 485 ARG A NH1 1 
ATOM   887  N  NH1 B ARG A 1 110 ? -10.549 8.785   -0.095  0.50 23.45 ? 485 ARG A NH1 1 
ATOM   888  N  NH2 A ARG A 1 110 ? -11.895 6.312   0.664   0.50 25.29 ? 485 ARG A NH2 1 
ATOM   889  N  NH2 B ARG A 1 110 ? -11.907 6.948   0.113   0.50 24.66 ? 485 ARG A NH2 1 
ATOM   890  N  N   . PHE A 1 111 ? -4.133  9.271   3.835   1.00 10.45 ? 486 PHE A N   1 
ATOM   891  C  CA  . PHE A 1 111 ? -3.244  10.021  4.717   1.00 9.87  ? 486 PHE A CA  1 
ATOM   892  C  C   . PHE A 1 111 ? -2.014  10.530  3.970   1.00 10.07 ? 486 PHE A C   1 
ATOM   893  O  O   . PHE A 1 111 ? -1.651  11.700  4.072   1.00 9.71  ? 486 PHE A O   1 
ATOM   894  C  CB  . PHE A 1 111 ? -2.791  9.149   5.893   1.00 10.75 ? 486 PHE A CB  1 
ATOM   895  C  CG  . PHE A 1 111 ? -1.690  9.765   6.710   1.00 11.74 ? 486 PHE A CG  1 
ATOM   896  C  CD1 . PHE A 1 111 ? -1.935  10.878  7.512   1.00 12.71 ? 486 PHE A CD1 1 
ATOM   897  C  CD2 . PHE A 1 111 ? -0.395  9.253   6.650   1.00 11.32 ? 486 PHE A CD2 1 
ATOM   898  C  CE1 . PHE A 1 111 ? -0.906  11.469  8.242   1.00 12.65 ? 486 PHE A CE1 1 
ATOM   899  C  CE2 . PHE A 1 111 ? 0.640   9.837   7.375   1.00 13.24 ? 486 PHE A CE2 1 
ATOM   900  C  CZ  . PHE A 1 111 ? 0.385   10.947  8.174   1.00 12.22 ? 486 PHE A CZ  1 
ATOM   901  N  N   . ILE A 1 112 ? -1.368  9.647   3.220   1.00 9.42  ? 487 ILE A N   1 
ATOM   902  C  CA  . ILE A 1 112 ? -0.181  10.045  2.482   1.00 8.98  ? 487 ILE A CA  1 
ATOM   903  C  C   . ILE A 1 112 ? -0.486  11.149  1.471   1.00 9.55  ? 487 ILE A C   1 
ATOM   904  O  O   . ILE A 1 112 ? 0.303   12.081  1.323   1.00 10.42 ? 487 ILE A O   1 
ATOM   905  C  CB  . ILE A 1 112 ? 0.470   8.828   1.785   1.00 9.54  ? 487 ILE A CB  1 
ATOM   906  C  CG1 . ILE A 1 112 ? 1.082   7.899   2.841   1.00 9.06  ? 487 ILE A CG1 1 
ATOM   907  C  CG2 . ILE A 1 112 ? 1.546   9.290   0.805   1.00 9.94  ? 487 ILE A CG2 1 
ATOM   908  C  CD1 . ILE A 1 112 ? 2.158   8.548   3.712   1.00 12.27 ? 487 ILE A CD1 1 
ATOM   909  N  N   . ARG A 1 113 ? -1.630  11.066  0.794   1.00 9.51  ? 488 ARG A N   1 
ATOM   910  C  CA  . ARG A 1 113 ? -1.993  12.099  -0.179  1.00 9.57  ? 488 ARG A CA  1 
ATOM   911  C  C   . ARG A 1 113 ? -2.203  13.425  0.547   1.00 10.62 ? 488 ARG A C   1 
ATOM   912  O  O   . ARG A 1 113 ? -1.810  14.481  0.056   1.00 10.20 ? 488 ARG A O   1 
ATOM   913  C  CB  . ARG A 1 113 ? -3.262  11.702  -0.947  1.00 10.28 ? 488 ARG A CB  1 
ATOM   914  C  CG  . ARG A 1 113 ? -3.776  12.751  -1.941  1.00 9.52  ? 488 ARG A CG  1 
ATOM   915  C  CD  . ARG A 1 113 ? -2.673  13.281  -2.857  1.00 9.90  ? 488 ARG A CD  1 
ATOM   916  N  NE  . ARG A 1 113 ? -1.992  12.235  -3.623  1.00 9.49  ? 488 ARG A NE  1 
ATOM   917  C  CZ  . ARG A 1 113 ? -2.478  11.651  -4.715  1.00 10.61 ? 488 ARG A CZ  1 
ATOM   918  N  NH1 . ARG A 1 113 ? -3.668  11.995  -5.196  1.00 11.54 ? 488 ARG A NH1 1 
ATOM   919  N  NH2 . ARG A 1 113 ? -1.761  10.727  -5.338  1.00 10.41 ? 488 ARG A NH2 1 
ATOM   920  N  N   . GLU A 1 114 ? -2.815  13.364  1.726   1.00 11.44 ? 489 GLU A N   1 
ATOM   921  C  CA  . GLU A 1 114 ? -3.053  14.561  2.529   1.00 13.10 ? 489 GLU A CA  1 
ATOM   922  C  C   . GLU A 1 114 ? -1.725  15.245  2.847   1.00 12.73 ? 489 GLU A C   1 
ATOM   923  O  O   . GLU A 1 114 ? -1.580  16.459  2.682   1.00 13.07 ? 489 GLU A O   1 
ATOM   924  C  CB  . GLU A 1 114 ? -3.757  14.171  3.829   1.00 14.84 ? 489 GLU A CB  1 
ATOM   925  C  CG  . GLU A 1 114 ? -3.944  15.294  4.827   1.00 23.97 ? 489 GLU A CG  1 
ATOM   926  C  CD  . GLU A 1 114 ? -4.387  14.773  6.180   1.00 27.95 ? 489 GLU A CD  1 
ATOM   927  O  OE1 . GLU A 1 114 ? -5.421  14.075  6.236   1.00 30.70 ? 489 GLU A OE1 1 
ATOM   928  O  OE2 . GLU A 1 114 ? -3.697  15.055  7.183   1.00 31.45 ? 489 GLU A OE2 1 
ATOM   929  N  N   . ARG A 1 115 ? -0.756  14.458  3.302   1.00 11.52 ? 490 ARG A N   1 
ATOM   930  C  CA  . ARG A 1 115 ? 0.559   14.985  3.645   1.00 11.53 ? 490 ARG A CA  1 
ATOM   931  C  C   . ARG A 1 115 ? 1.317   15.462  2.409   1.00 12.15 ? 490 ARG A C   1 
ATOM   932  O  O   . ARG A 1 115 ? 1.998   16.489  2.445   1.00 12.83 ? 490 ARG A O   1 
ATOM   933  C  CB  . ARG A 1 115 ? 1.372   13.913  4.381   1.00 13.54 ? 490 ARG A CB  1 
ATOM   934  C  CG  . ARG A 1 115 ? 0.773   13.491  5.720   1.00 15.04 ? 490 ARG A CG  1 
ATOM   935  C  CD  . ARG A 1 115 ? 0.601   14.701  6.627   1.00 18.46 ? 490 ARG A CD  1 
ATOM   936  N  NE  . ARG A 1 115 ? 1.856   15.432  6.767   1.00 21.49 ? 490 ARG A NE  1 
ATOM   937  C  CZ  . ARG A 1 115 ? 1.943   16.746  6.948   1.00 23.46 ? 490 ARG A CZ  1 
ATOM   938  N  NH1 . ARG A 1 115 ? 0.842   17.484  7.013   1.00 22.65 ? 490 ARG A NH1 1 
ATOM   939  N  NH2 . ARG A 1 115 ? 3.132   17.323  7.056   1.00 25.46 ? 490 ARG A NH2 1 
ATOM   940  N  N   . ASP A 1 116 ? 1.195   14.714  1.317   1.00 10.13 ? 491 ASP A N   1 
ATOM   941  C  CA  . ASP A 1 116 ? 1.867   15.057  0.066   1.00 10.19 ? 491 ASP A CA  1 
ATOM   942  C  C   . ASP A 1 116 ? 1.373   16.426  -0.402  1.00 10.31 ? 491 ASP A C   1 
ATOM   943  O  O   . ASP A 1 116 ? 2.166   17.282  -0.801  1.00 10.75 ? 491 ASP A O   1 
ATOM   944  C  CB  . ASP A 1 116 ? 1.548   13.994  -0.986  1.00 9.71  ? 491 ASP A CB  1 
ATOM   945  C  CG  . ASP A 1 116 ? 2.610   13.889  -2.072  1.00 11.08 ? 491 ASP A CG  1 
ATOM   946  O  OD1 . ASP A 1 116 ? 3.503   14.762  -2.159  1.00 10.34 ? 491 ASP A OD1 1 
ATOM   947  O  OD2 . ASP A 1 116 ? 2.540   12.913  -2.849  1.00 9.91  ? 491 ASP A OD2 1 
ATOM   948  N  N   . ARG A 1 117 ? 0.059   16.634  -0.351  1.00 10.98 ? 492 ARG A N   1 
ATOM   949  C  CA  . ARG A 1 117 ? -0.507  17.917  -0.758  1.00 11.84 ? 492 ARG A CA  1 
ATOM   950  C  C   . ARG A 1 117 ? -0.003  19.033  0.156   1.00 13.00 ? 492 ARG A C   1 
ATOM   951  O  O   . ARG A 1 117 ? 0.330   20.127  -0.305  1.00 14.55 ? 492 ARG A O   1 
ATOM   952  C  CB  . ARG A 1 117 ? -2.040  17.884  -0.690  1.00 12.03 ? 492 ARG A CB  1 
ATOM   953  C  CG  . ARG A 1 117 ? -2.733  17.068  -1.772  1.00 11.51 ? 492 ARG A CG  1 
ATOM   954  C  CD  . ARG A 1 117 ? -2.629  17.727  -3.144  1.00 12.18 ? 492 ARG A CD  1 
ATOM   955  N  NE  . ARG A 1 117 ? -3.446  17.011  -4.120  1.00 11.71 ? 492 ARG A NE  1 
ATOM   956  C  CZ  . ARG A 1 117 ? -3.215  16.984  -5.428  1.00 11.09 ? 492 ARG A CZ  1 
ATOM   957  N  NH1 . ARG A 1 117 ? -2.181  17.637  -5.940  1.00 11.41 ? 492 ARG A NH1 1 
ATOM   958  N  NH2 . ARG A 1 117 ? -4.013  16.286  -6.222  1.00 11.57 ? 492 ARG A NH2 1 
ATOM   959  N  N   . ALA A 1 118 ? 0.055   18.744  1.452   1.00 13.40 ? 493 ALA A N   1 
ATOM   960  C  CA  . ALA A 1 118 ? 0.481   19.725  2.446   1.00 12.93 ? 493 ALA A CA  1 
ATOM   961  C  C   . ALA A 1 118 ? 1.912   20.233  2.296   1.00 15.11 ? 493 ALA A C   1 
ATOM   962  O  O   . ALA A 1 118 ? 2.199   21.385  2.636   1.00 16.26 ? 493 ALA A O   1 
ATOM   963  C  CB  . ALA A 1 118 ? 0.282   19.151  3.844   1.00 12.70 ? 493 ALA A CB  1 
ATOM   964  N  N   . VAL A 1 119 ? 2.809   19.390  1.796   1.00 14.58 ? 494 VAL A N   1 
ATOM   965  C  CA  . VAL A 1 119 ? 4.206   19.788  1.636   1.00 16.13 ? 494 VAL A CA  1 
ATOM   966  C  C   . VAL A 1 119 ? 4.579   20.177  0.207   1.00 16.49 ? 494 VAL A C   1 
ATOM   967  O  O   . VAL A 1 119 ? 5.759   20.290  -0.124  1.00 17.83 ? 494 VAL A O   1 
ATOM   968  C  CB  . VAL A 1 119 ? 5.164   18.666  2.098   1.00 17.02 ? 494 VAL A CB  1 
ATOM   969  C  CG1 . VAL A 1 119 ? 4.875   18.304  3.547   1.00 20.04 ? 494 VAL A CG1 1 
ATOM   970  C  CG2 . VAL A 1 119 ? 5.016   17.446  1.201   1.00 16.87 ? 494 VAL A CG2 1 
ATOM   971  N  N   . ASN A 1 120 ? 3.573   20.395  -0.633  1.00 14.96 ? 495 ASN A N   1 
ATOM   972  C  CA  . ASN A 1 120 ? 3.812   20.764  -2.025  1.00 15.05 ? 495 ASN A CA  1 
ATOM   973  C  C   . ASN A 1 120 ? 2.999   21.973  -2.444  1.00 15.15 ? 495 ASN A C   1 
ATOM   974  O  O   . ASN A 1 120 ? 2.027   22.347  -1.788  1.00 14.85 ? 495 ASN A O   1 
ATOM   975  C  CB  . ASN A 1 120 ? 3.431   19.606  -2.956  1.00 14.31 ? 495 ASN A CB  1 
ATOM   976  C  CG  . ASN A 1 120 ? 4.557   18.618  -3.166  1.00 15.55 ? 495 ASN A CG  1 
ATOM   977  O  OD1 . ASN A 1 120 ? 5.539   18.914  -3.845  1.00 17.40 ? 495 ASN A OD1 1 
ATOM   978  N  ND2 . ASN A 1 120 ? 4.419   17.432  -2.583  1.00 13.56 ? 495 ASN A ND2 1 
ATOM   979  N  N   . ASP A 1 121 ? 3.416   22.584  -3.548  1.00 14.59 ? 496 ASP A N   1 
ATOM   980  C  CA  . ASP A 1 121 ? 2.686   23.704  -4.119  1.00 15.23 ? 496 ASP A CA  1 
ATOM   981  C  C   . ASP A 1 121 ? 1.760   23.028  -5.125  1.00 13.09 ? 496 ASP A C   1 
ATOM   982  O  O   . ASP A 1 121 ? 2.222   22.331  -6.032  1.00 14.59 ? 496 ASP A O   1 
ATOM   983  C  CB  . ASP A 1 121 ? 3.626   24.671  -4.844  1.00 17.47 ? 496 ASP A CB  1 
ATOM   984  C  CG  . ASP A 1 121 ? 4.504   25.457  -3.891  1.00 20.64 ? 496 ASP A CG  1 
ATOM   985  O  OD1 . ASP A 1 121 ? 3.956   26.069  -2.953  1.00 21.79 ? 496 ASP A OD1 1 
ATOM   986  O  OD2 . ASP A 1 121 ? 5.736   25.468  -4.087  1.00 23.84 ? 496 ASP A OD2 1 
ATOM   987  N  N   . TYR A 1 122 ? 0.458   23.217  -4.950  1.00 13.10 ? 497 TYR A N   1 
ATOM   988  C  CA  . TYR A 1 122 ? -0.543  22.608  -5.823  1.00 12.93 ? 497 TYR A CA  1 
ATOM   989  C  C   . TYR A 1 122 ? -0.231  22.861  -7.293  1.00 12.56 ? 497 TYR A C   1 
ATOM   990  O  O   . TYR A 1 122 ? 0.146   23.971  -7.669  1.00 13.77 ? 497 TYR A O   1 
ATOM   991  C  CB  . TYR A 1 122 ? -1.928  23.156  -5.463  1.00 13.56 ? 497 TYR A CB  1 
ATOM   992  C  CG  . TYR A 1 122 ? -3.072  22.547  -6.240  1.00 14.82 ? 497 TYR A CG  1 
ATOM   993  C  CD1 . TYR A 1 122 ? -3.501  23.104  -7.445  1.00 16.75 ? 497 TYR A CD1 1 
ATOM   994  C  CD2 . TYR A 1 122 ? -3.728  21.412  -5.767  1.00 17.29 ? 497 TYR A CD2 1 
ATOM   995  C  CE1 . TYR A 1 122 ? -4.560  22.546  -8.161  1.00 17.82 ? 497 TYR A CE1 1 
ATOM   996  C  CE2 . TYR A 1 122 ? -4.786  20.845  -6.476  1.00 17.98 ? 497 TYR A CE2 1 
ATOM   997  C  CZ  . TYR A 1 122 ? -5.194  21.418  -7.669  1.00 18.83 ? 497 TYR A CZ  1 
ATOM   998  O  OH  . TYR A 1 122 ? -6.241  20.859  -8.366  1.00 23.11 ? 497 TYR A OH  1 
ATOM   999  N  N   . PRO A 1 123 ? -0.396  21.840  -8.153  1.00 12.24 ? 498 PRO A N   1 
ATOM   1000 C  CA  . PRO A 1 123 ? -0.842  20.470  -7.871  1.00 11.89 ? 498 PRO A CA  1 
ATOM   1001 C  C   . PRO A 1 123 ? 0.289   19.436  -7.803  1.00 12.66 ? 498 PRO A C   1 
ATOM   1002 O  O   . PRO A 1 123 ? 0.037   18.234  -7.907  1.00 11.18 ? 498 PRO A O   1 
ATOM   1003 C  CB  . PRO A 1 123 ? -1.766  20.192  -9.039  1.00 13.07 ? 498 PRO A CB  1 
ATOM   1004 C  CG  . PRO A 1 123 ? -0.967  20.777  -10.178 1.00 12.86 ? 498 PRO A CG  1 
ATOM   1005 C  CD  . PRO A 1 123 ? -0.439  22.100  -9.606  1.00 12.48 ? 498 PRO A CD  1 
ATOM   1006 N  N   . SER A 1 124 ? 1.526   19.896  -7.640  1.00 11.52 ? 499 SER A N   1 
ATOM   1007 C  CA  . SER A 1 124 ? 2.676   18.996  -7.581  1.00 11.60 ? 499 SER A CA  1 
ATOM   1008 C  C   . SER A 1 124 ? 2.618   18.014  -6.413  1.00 10.82 ? 499 SER A C   1 
ATOM   1009 O  O   . SER A 1 124 ? 2.136   18.347  -5.332  1.00 11.64 ? 499 SER A O   1 
ATOM   1010 C  CB  . SER A 1 124 ? 3.973   19.802  -7.497  1.00 13.68 ? 499 SER A CB  1 
ATOM   1011 O  OG  . SER A 1 124 ? 4.154   20.595  -8.658  1.00 16.13 ? 499 SER A OG  1 
ATOM   1012 N  N   . LEU A 1 125 ? 3.122   16.805  -6.643  1.00 10.50 ? 500 LEU A N   1 
ATOM   1013 C  CA  . LEU A 1 125 ? 3.138   15.762  -5.622  1.00 9.82  ? 500 LEU A CA  1 
ATOM   1014 C  C   . LEU A 1 125 ? 4.363   14.871  -5.779  1.00 9.57  ? 500 LEU A C   1 
ATOM   1015 O  O   . LEU A 1 125 ? 4.884   14.700  -6.884  1.00 11.38 ? 500 LEU A O   1 
ATOM   1016 C  CB  . LEU A 1 125 ? 1.895   14.876  -5.738  1.00 10.01 ? 500 LEU A CB  1 
ATOM   1017 C  CG  . LEU A 1 125 ? 0.497   15.445  -5.497  1.00 9.54  ? 500 LEU A CG  1 
ATOM   1018 C  CD1 . LEU A 1 125 ? -0.533  14.428  -5.971  1.00 10.53 ? 500 LEU A CD1 1 
ATOM   1019 C  CD2 . LEU A 1 125 ? 0.294   15.760  -4.015  1.00 10.67 ? 500 LEU A CD2 1 
ATOM   1020 N  N   . TYR A 1 126 ? 4.817   14.299  -4.670  1.00 10.13 ? 501 TYR A N   1 
ATOM   1021 C  CA  . TYR A 1 126 ? 5.949   13.386  -4.709  1.00 10.05 ? 501 TYR A CA  1 
ATOM   1022 C  C   . TYR A 1 126 ? 5.449   12.010  -5.155  1.00 10.37 ? 501 TYR A C   1 
ATOM   1023 O  O   . TYR A 1 126 ? 6.172   11.263  -5.812  1.00 11.24 ? 501 TYR A O   1 
ATOM   1024 C  CB  . TYR A 1 126 ? 6.597   13.282  -3.325  1.00 11.74 ? 501 TYR A CB  1 
ATOM   1025 C  CG  . TYR A 1 126 ? 7.369   14.518  -2.926  1.00 13.88 ? 501 TYR A CG  1 
ATOM   1026 C  CD1 . TYR A 1 126 ? 8.509   14.903  -3.629  1.00 16.77 ? 501 TYR A CD1 1 
ATOM   1027 C  CD2 . TYR A 1 126 ? 6.957   15.305  -1.854  1.00 16.70 ? 501 TYR A CD2 1 
ATOM   1028 C  CE1 . TYR A 1 126 ? 9.223   16.045  -3.275  1.00 18.95 ? 501 TYR A CE1 1 
ATOM   1029 C  CE2 . TYR A 1 126 ? 7.666   16.453  -1.492  1.00 17.58 ? 501 TYR A CE2 1 
ATOM   1030 C  CZ  . TYR A 1 126 ? 8.795   16.813  -2.207  1.00 19.26 ? 501 TYR A CZ  1 
ATOM   1031 O  OH  . TYR A 1 126 ? 9.506   17.939  -1.855  1.00 23.17 ? 501 TYR A OH  1 
ATOM   1032 N  N   . TYR A 1 127 ? 4.205   11.691  -4.801  1.00 9.86  ? 502 TYR A N   1 
ATOM   1033 C  CA  . TYR A 1 127 ? 3.595   10.405  -5.149  1.00 9.19  ? 502 TYR A CA  1 
ATOM   1034 C  C   . TYR A 1 127 ? 2.222   10.633  -5.774  1.00 9.33  ? 502 TYR A C   1 
ATOM   1035 O  O   . TYR A 1 127 ? 1.192   10.366  -5.163  1.00 9.20  ? 502 TYR A O   1 
ATOM   1036 C  CB  . TYR A 1 127 ? 3.467   9.539   -3.894  1.00 9.12  ? 502 TYR A CB  1 
ATOM   1037 C  CG  . TYR A 1 127 ? 4.798   9.289   -3.227  1.00 8.22  ? 502 TYR A CG  1 
ATOM   1038 C  CD1 . TYR A 1 127 ? 5.744   8.452   -3.820  1.00 9.19  ? 502 TYR A CD1 1 
ATOM   1039 C  CD2 . TYR A 1 127 ? 5.134   9.922   -2.027  1.00 10.10 ? 502 TYR A CD2 1 
ATOM   1040 C  CE1 . TYR A 1 127 ? 6.992   8.248   -3.238  1.00 9.71  ? 502 TYR A CE1 1 
ATOM   1041 C  CE2 . TYR A 1 127 ? 6.384   9.727   -1.438  1.00 10.26 ? 502 TYR A CE2 1 
ATOM   1042 C  CZ  . TYR A 1 127 ? 7.306   8.887   -2.049  1.00 11.47 ? 502 TYR A CZ  1 
ATOM   1043 O  OH  . TYR A 1 127 ? 8.541   8.676   -1.478  1.00 11.77 ? 502 TYR A OH  1 
ATOM   1044 N  N   . PRO A 1 128 ? 2.197   11.122  -7.020  1.00 9.41  ? 503 PRO A N   1 
ATOM   1045 C  CA  . PRO A 1 128 ? 0.946   11.396  -7.732  1.00 9.24  ? 503 PRO A CA  1 
ATOM   1046 C  C   . PRO A 1 128 ? 0.134   10.175  -8.136  1.00 8.13  ? 503 PRO A C   1 
ATOM   1047 O  O   . PRO A 1 128 ? -1.055  10.290  -8.428  1.00 8.86  ? 503 PRO A O   1 
ATOM   1048 C  CB  . PRO A 1 128 ? 1.417   12.186  -8.949  1.00 9.02  ? 503 PRO A CB  1 
ATOM   1049 C  CG  . PRO A 1 128 ? 2.745   11.550  -9.250  1.00 9.52  ? 503 PRO A CG  1 
ATOM   1050 C  CD  . PRO A 1 128 ? 3.365   11.427  -7.869  1.00 9.79  ? 503 PRO A CD  1 
ATOM   1051 N  N   . GLU A 1 129 ? 0.767   9.007   -8.128  1.00 8.49  ? 504 GLU A N   1 
ATOM   1052 C  CA  . GLU A 1 129 ? 0.099   7.784   -8.558  1.00 7.57  ? 504 GLU A CA  1 
ATOM   1053 C  C   . GLU A 1 129 ? 0.120   6.713   -7.480  1.00 7.65  ? 504 GLU A C   1 
ATOM   1054 O  O   . GLU A 1 129 ? 1.162   6.118   -7.191  1.00 8.46  ? 504 GLU A O   1 
ATOM   1055 C  CB  . GLU A 1 129 ? 0.771   7.284   -9.843  1.00 8.85  ? 504 GLU A CB  1 
ATOM   1056 C  CG  . GLU A 1 129 ? 0.091   6.102   -10.504 1.00 8.07  ? 504 GLU A CG  1 
ATOM   1057 C  CD  . GLU A 1 129 ? 0.642   5.819   -11.889 1.00 8.92  ? 504 GLU A CD  1 
ATOM   1058 O  OE1 . GLU A 1 129 ? 1.681   6.415   -12.257 1.00 9.52  ? 504 GLU A OE1 1 
ATOM   1059 O  OE2 . GLU A 1 129 ? 0.038   5.001   -12.609 1.00 8.60  ? 504 GLU A OE2 1 
ATOM   1060 N  N   . MET A 1 130 ? -1.044  6.465   -6.889  1.00 7.58  ? 505 MET A N   1 
ATOM   1061 C  CA  . MET A 1 130 ? -1.148  5.486   -5.815  1.00 7.61  ? 505 MET A CA  1 
ATOM   1062 C  C   . MET A 1 130 ? -2.369  4.598   -6.000  1.00 9.05  ? 505 MET A C   1 
ATOM   1063 O  O   . MET A 1 130 ? -3.428  5.059   -6.437  1.00 10.71 ? 505 MET A O   1 
ATOM   1064 C  CB  . MET A 1 130 ? -1.204  6.213   -4.466  1.00 9.06  ? 505 MET A CB  1 
ATOM   1065 C  CG  . MET A 1 130 ? -0.083  7.243   -4.288  1.00 7.63  ? 505 MET A CG  1 
ATOM   1066 S  SD  . MET A 1 130 ? 0.035   7.958   -2.628  1.00 10.00 ? 505 MET A SD  1 
ATOM   1067 C  CE  . MET A 1 130 ? -1.625  8.597   -2.425  1.00 9.88  ? 505 MET A CE  1 
ATOM   1068 N  N   . TYR A 1 131 ? -2.208  3.320   -5.663  1.00 8.10  ? 506 TYR A N   1 
ATOM   1069 C  CA  . TYR A 1 131 ? -3.272  2.331   -5.804  1.00 8.13  ? 506 TYR A CA  1 
ATOM   1070 C  C   . TYR A 1 131 ? -3.470  1.540   -4.519  1.00 8.54  ? 506 TYR A C   1 
ATOM   1071 O  O   . TYR A 1 131 ? -2.626  1.552   -3.624  1.00 9.54  ? 506 TYR A O   1 
ATOM   1072 C  CB  . TYR A 1 131 ? -2.917  1.320   -6.897  1.00 8.85  ? 506 TYR A CB  1 
ATOM   1073 C  CG  . TYR A 1 131 ? -2.663  1.897   -8.268  1.00 8.67  ? 506 TYR A CG  1 
ATOM   1074 C  CD1 . TYR A 1 131 ? -3.697  2.025   -9.193  1.00 9.69  ? 506 TYR A CD1 1 
ATOM   1075 C  CD2 . TYR A 1 131 ? -1.380  2.291   -8.652  1.00 8.18  ? 506 TYR A CD2 1 
ATOM   1076 C  CE1 . TYR A 1 131 ? -3.463  2.527   -10.471 1.00 9.82  ? 506 TYR A CE1 1 
ATOM   1077 C  CE2 . TYR A 1 131 ? -1.135  2.797   -9.929  1.00 9.38  ? 506 TYR A CE2 1 
ATOM   1078 C  CZ  . TYR A 1 131 ? -2.181  2.909   -10.831 1.00 9.90  ? 506 TYR A CZ  1 
ATOM   1079 O  OH  . TYR A 1 131 ? -1.953  3.394   -12.100 1.00 9.28  ? 506 TYR A OH  1 
ATOM   1080 N  N   . ILE A 1 132 ? -4.596  0.838   -4.461  1.00 8.68  ? 507 ILE A N   1 
ATOM   1081 C  CA  . ILE A 1 132 ? -4.928  -0.040  -3.347  1.00 8.59  ? 507 ILE A CA  1 
ATOM   1082 C  C   . ILE A 1 132 ? -4.968  -1.442  -3.955  1.00 7.87  ? 507 ILE A C   1 
ATOM   1083 O  O   . ILE A 1 132 ? -5.540  -1.634  -5.029  1.00 8.12  ? 507 ILE A O   1 
ATOM   1084 C  CB  . ILE A 1 132 ? -6.340  0.241   -2.776  1.00 9.29  ? 507 ILE A CB  1 
ATOM   1085 C  CG1 . ILE A 1 132 ? -6.440  1.684   -2.278  1.00 10.80 ? 507 ILE A CG1 1 
ATOM   1086 C  CG2 . ILE A 1 132 ? -6.656  -0.767  -1.665  1.00 9.10  ? 507 ILE A CG2 1 
ATOM   1087 C  CD1 . ILE A 1 132 ? -5.522  2.005   -1.131  1.00 11.38 ? 507 ILE A CD1 1 
ATOM   1088 N  N   . LEU A 1 133 ? -4.354  -2.418  -3.289  1.00 7.53  ? 508 LEU A N   1 
ATOM   1089 C  CA  . LEU A 1 133 ? -4.382  -3.789  -3.788  1.00 8.47  ? 508 LEU A CA  1 
ATOM   1090 C  C   . LEU A 1 133 ? -5.726  -4.383  -3.375  1.00 9.25  ? 508 LEU A C   1 
ATOM   1091 O  O   . LEU A 1 133 ? -5.974  -4.617  -2.194  1.00 9.71  ? 508 LEU A O   1 
ATOM   1092 C  CB  . LEU A 1 133 ? -3.238  -4.613  -3.185  1.00 8.81  ? 508 LEU A CB  1 
ATOM   1093 C  CG  . LEU A 1 133 ? -3.237  -6.104  -3.547  1.00 8.76  ? 508 LEU A CG  1 
ATOM   1094 C  CD1 . LEU A 1 133 ? -3.184  -6.277  -5.064  1.00 11.59 ? 508 LEU A CD1 1 
ATOM   1095 C  CD2 . LEU A 1 133 ? -2.044  -6.788  -2.884  1.00 11.65 ? 508 LEU A CD2 1 
ATOM   1096 N  N   . LYS A 1 134 ? -6.592  -4.609  -4.357  1.00 9.61  ? 509 LYS A N   1 
ATOM   1097 C  CA  . LYS A 1 134 ? -7.925  -5.157  -4.120  1.00 11.23 ? 509 LYS A CA  1 
ATOM   1098 C  C   . LYS A 1 134 ? -7.909  -6.503  -3.408  1.00 9.94  ? 509 LYS A C   1 
ATOM   1099 O  O   . LYS A 1 134 ? -7.268  -7.449  -3.866  1.00 11.51 ? 509 LYS A O   1 
ATOM   1100 C  CB  . LYS A 1 134 ? -8.662  -5.297  -5.454  1.00 11.59 ? 509 LYS A CB  1 
ATOM   1101 C  CG  . LYS A 1 134 ? -10.056 -5.906  -5.358  1.00 16.94 ? 509 LYS A CG  1 
ATOM   1102 C  CD  . LYS A 1 134 ? -11.033 -4.982  -4.658  1.00 18.39 ? 509 LYS A CD  1 
ATOM   1103 C  CE  . LYS A 1 134 ? -12.444 -5.560  -4.673  1.00 20.87 ? 509 LYS A CE  1 
ATOM   1104 N  NZ  . LYS A 1 134 ? -12.934 -5.798  -6.061  1.00 22.83 ? 509 LYS A NZ  1 
ATOM   1105 N  N   . GLY A 1 135 ? -8.630  -6.583  -2.294  1.00 10.19 ? 510 GLY A N   1 
ATOM   1106 C  CA  . GLY A 1 135 ? -8.698  -7.825  -1.546  1.00 9.72  ? 510 GLY A CA  1 
ATOM   1107 C  C   . GLY A 1 135 ? -7.593  -7.996  -0.523  1.00 10.28 ? 510 GLY A C   1 
ATOM   1108 O  O   . GLY A 1 135 ? -7.637  -8.916  0.295   1.00 10.80 ? 510 GLY A O   1 
ATOM   1109 N  N   . GLY A 1 136 ? -6.595  -7.119  -0.575  1.00 9.01  ? 511 GLY A N   1 
ATOM   1110 C  CA  . GLY A 1 136 ? -5.497  -7.181  0.375   1.00 11.01 ? 511 GLY A CA  1 
ATOM   1111 C  C   . GLY A 1 136 ? -4.683  -8.457  0.341   1.00 9.70  ? 511 GLY A C   1 
ATOM   1112 O  O   . GLY A 1 136 ? -4.724  -9.213  -0.629  1.00 10.25 ? 511 GLY A O   1 
ATOM   1113 N  N   . TYR A 1 137 ? -3.941  -8.707  1.414   1.00 9.95  ? 512 TYR A N   1 
ATOM   1114 C  CA  . TYR A 1 137 ? -3.114  -9.903  1.484   1.00 8.56  ? 512 TYR A CA  1 
ATOM   1115 C  C   . TYR A 1 137 ? -3.970  -11.166 1.473   1.00 9.27  ? 512 TYR A C   1 
ATOM   1116 O  O   . TYR A 1 137 ? -3.568  -12.189 0.922   1.00 10.54 ? 512 TYR A O   1 
ATOM   1117 C  CB  . TYR A 1 137 ? -2.253  -9.890  2.749   1.00 9.30  ? 512 TYR A CB  1 
ATOM   1118 C  CG  . TYR A 1 137 ? -1.192  -10.968 2.738   1.00 9.12  ? 512 TYR A CG  1 
ATOM   1119 C  CD1 . TYR A 1 137 ? -0.050  -10.834 1.949   1.00 9.74  ? 512 TYR A CD1 1 
ATOM   1120 C  CD2 . TYR A 1 137 ? -1.345  -12.137 3.484   1.00 8.72  ? 512 TYR A CD2 1 
ATOM   1121 C  CE1 . TYR A 1 137 ? 0.916   -11.835 1.901   1.00 8.76  ? 512 TYR A CE1 1 
ATOM   1122 C  CE2 . TYR A 1 137 ? -0.381  -13.151 3.443   1.00 8.61  ? 512 TYR A CE2 1 
ATOM   1123 C  CZ  . TYR A 1 137 ? 0.745   -12.990 2.648   1.00 9.30  ? 512 TYR A CZ  1 
ATOM   1124 O  OH  . TYR A 1 137 ? 1.711   -13.975 2.604   1.00 9.96  ? 512 TYR A OH  1 
ATOM   1125 N  N   . LYS A 1 138 ? -5.152  -11.087 2.077   1.00 10.31 ? 513 LYS A N   1 
ATOM   1126 C  CA  . LYS A 1 138 ? -6.054  -12.232 2.140   1.00 11.76 ? 513 LYS A CA  1 
ATOM   1127 C  C   . LYS A 1 138 ? -6.364  -12.803 0.758   1.00 10.83 ? 513 LYS A C   1 
ATOM   1128 O  O   . LYS A 1 138 ? -6.468  -14.021 0.597   1.00 10.99 ? 513 LYS A O   1 
ATOM   1129 C  CB  . LYS A 1 138 ? -7.350  -11.836 2.863   1.00 12.12 ? 513 LYS A CB  1 
ATOM   1130 C  CG  . LYS A 1 138 ? -8.360  -12.970 3.048   1.00 16.52 ? 513 LYS A CG  1 
ATOM   1131 C  CD  . LYS A 1 138 ? -9.230  -13.158 1.817   1.00 21.11 ? 513 LYS A CD  1 
ATOM   1132 C  CE  . LYS A 1 138 ? -10.312 -14.201 2.057   1.00 24.12 ? 513 LYS A CE  1 
ATOM   1133 N  NZ  . LYS A 1 138 ? -9.733  -15.528 2.406   1.00 29.82 ? 513 LYS A NZ  1 
ATOM   1134 N  N   . GLU A 1 139 ? -6.505  -11.935 -0.241  1.00 9.85  ? 514 GLU A N   1 
ATOM   1135 C  CA  . GLU A 1 139 ? -6.797  -12.394 -1.596  1.00 10.13 ? 514 GLU A CA  1 
ATOM   1136 C  C   . GLU A 1 139 ? -5.544  -12.583 -2.450  1.00 9.94  ? 514 GLU A C   1 
ATOM   1137 O  O   . GLU A 1 139 ? -5.573  -13.300 -3.452  1.00 12.00 ? 514 GLU A O   1 
ATOM   1138 C  CB  . GLU A 1 139 ? -7.742  -11.417 -2.305  1.00 11.38 ? 514 GLU A CB  1 
ATOM   1139 C  CG  . GLU A 1 139 ? -9.145  -11.335 -1.709  1.00 14.81 ? 514 GLU A CG  1 
ATOM   1140 C  CD  . GLU A 1 139 ? -9.857  -12.675 -1.667  1.00 19.96 ? 514 GLU A CD  1 
ATOM   1141 O  OE1 . GLU A 1 139 ? -9.599  -13.526 -2.543  1.00 21.50 ? 514 GLU A OE1 1 
ATOM   1142 O  OE2 . GLU A 1 139 ? -10.693 -12.871 -0.761  1.00 23.40 ? 514 GLU A OE2 1 
ATOM   1143 N  N   . PHE A 1 140 ? -4.445  -11.947 -2.062  1.00 9.40  ? 515 PHE A N   1 
ATOM   1144 C  CA  . PHE A 1 140 ? -3.212  -12.072 -2.833  1.00 8.91  ? 515 PHE A CA  1 
ATOM   1145 C  C   . PHE A 1 140 ? -2.516  -13.409 -2.598  1.00 9.00  ? 515 PHE A C   1 
ATOM   1146 O  O   . PHE A 1 140 ? -2.109  -14.084 -3.543  1.00 9.06  ? 515 PHE A O   1 
ATOM   1147 C  CB  . PHE A 1 140 ? -2.235  -10.947 -2.485  1.00 8.36  ? 515 PHE A CB  1 
ATOM   1148 C  CG  . PHE A 1 140 ? -1.011  -10.931 -3.358  1.00 8.38  ? 515 PHE A CG  1 
ATOM   1149 C  CD1 . PHE A 1 140 ? -1.057  -10.372 -4.632  1.00 9.22  ? 515 PHE A CD1 1 
ATOM   1150 C  CD2 . PHE A 1 140 ? 0.176   -11.518 -2.924  1.00 7.88  ? 515 PHE A CD2 1 
ATOM   1151 C  CE1 . PHE A 1 140 ? 0.061   -10.402 -5.467  1.00 9.60  ? 515 PHE A CE1 1 
ATOM   1152 C  CE2 . PHE A 1 140 ? 1.301   -11.553 -3.752  1.00 9.24  ? 515 PHE A CE2 1 
ATOM   1153 C  CZ  . PHE A 1 140 ? 1.242   -10.993 -5.027  1.00 9.53  ? 515 PHE A CZ  1 
ATOM   1154 N  N   . PHE A 1 141 ? -2.381  -13.785 -1.332  1.00 9.55  ? 516 PHE A N   1 
ATOM   1155 C  CA  . PHE A 1 141 ? -1.714  -15.029 -0.974  1.00 9.56  ? 516 PHE A CA  1 
ATOM   1156 C  C   . PHE A 1 141 ? -2.248  -16.281 -1.683  1.00 9.91  ? 516 PHE A C   1 
ATOM   1157 O  O   . PHE A 1 141 ? -1.467  -17.083 -2.189  1.00 9.74  ? 516 PHE A O   1 
ATOM   1158 C  CB  . PHE A 1 141 ? -1.766  -15.232 0.542   1.00 10.03 ? 516 PHE A CB  1 
ATOM   1159 C  CG  . PHE A 1 141 ? -1.115  -16.502 1.001   1.00 10.57 ? 516 PHE A CG  1 
ATOM   1160 C  CD1 . PHE A 1 141 ? 0.240   -16.731 0.767   1.00 11.48 ? 516 PHE A CD1 1 
ATOM   1161 C  CD2 . PHE A 1 141 ? -1.860  -17.483 1.648   1.00 12.07 ? 516 PHE A CD2 1 
ATOM   1162 C  CE1 . PHE A 1 141 ? 0.843   -17.920 1.171   1.00 12.68 ? 516 PHE A CE1 1 
ATOM   1163 C  CE2 . PHE A 1 141 ? -1.269  -18.675 2.056   1.00 11.87 ? 516 PHE A CE2 1 
ATOM   1164 C  CZ  . PHE A 1 141 ? 0.085   -18.893 1.816   1.00 11.61 ? 516 PHE A CZ  1 
ATOM   1165 N  N   . PRO A 1 142 ? -3.579  -16.475 -1.717  1.00 9.41  ? 517 PRO A N   1 
ATOM   1166 C  CA  . PRO A 1 142 ? -4.121  -17.663 -2.388  1.00 10.33 ? 517 PRO A CA  1 
ATOM   1167 C  C   . PRO A 1 142 ? -3.909  -17.669 -3.899  1.00 10.32 ? 517 PRO A C   1 
ATOM   1168 O  O   . PRO A 1 142 ? -4.065  -18.701 -4.549  1.00 11.09 ? 517 PRO A O   1 
ATOM   1169 C  CB  . PRO A 1 142 ? -5.600  -17.641 -1.998  1.00 11.52 ? 517 PRO A CB  1 
ATOM   1170 C  CG  . PRO A 1 142 ? -5.878  -16.183 -1.789  1.00 12.10 ? 517 PRO A CG  1 
ATOM   1171 C  CD  . PRO A 1 142 ? -4.651  -15.716 -1.047  1.00 11.24 ? 517 PRO A CD  1 
ATOM   1172 N  N   . GLN A 1 143 ? -3.553  -16.517 -4.458  1.00 9.05  ? 518 GLN A N   1 
ATOM   1173 C  CA  . GLN A 1 143 ? -3.311  -16.411 -5.892  1.00 10.62 ? 518 GLN A CA  1 
ATOM   1174 C  C   . GLN A 1 143 ? -1.836  -16.557 -6.254  1.00 9.98  ? 518 GLN A C   1 
ATOM   1175 O  O   . GLN A 1 143 ? -1.493  -17.212 -7.240  1.00 10.16 ? 518 GLN A O   1 
ATOM   1176 C  CB  . GLN A 1 143 ? -3.804  -15.059 -6.413  1.00 12.91 ? 518 GLN A CB  1 
ATOM   1177 C  CG  . GLN A 1 143 ? -5.299  -14.973 -6.624  1.00 15.73 ? 518 GLN A CG  1 
ATOM   1178 C  CD  . GLN A 1 143 ? -5.754  -15.806 -7.803  1.00 18.47 ? 518 GLN A CD  1 
ATOM   1179 O  OE1 . GLN A 1 143 ? -5.329  -15.580 -8.936  1.00 20.25 ? 518 GLN A OE1 1 
ATOM   1180 N  NE2 . GLN A 1 143 ? -6.618  -16.778 -7.543  1.00 21.80 ? 518 GLN A NE2 1 
ATOM   1181 N  N   . HIS A 1 144 ? -0.964  -15.954 -5.450  1.00 9.27  ? 519 HIS A N   1 
ATOM   1182 C  CA  . HIS A 1 144 ? 0.469   -15.977 -5.731  1.00 9.37  ? 519 HIS A CA  1 
ATOM   1183 C  C   . HIS A 1 144 ? 1.323   -16.251 -4.499  1.00 9.00  ? 519 HIS A C   1 
ATOM   1184 O  O   . HIS A 1 144 ? 2.077   -15.387 -4.045  1.00 9.12  ? 519 HIS A O   1 
ATOM   1185 C  CB  . HIS A 1 144 ? 0.868   -14.629 -6.341  1.00 10.12 ? 519 HIS A CB  1 
ATOM   1186 C  CG  . HIS A 1 144 ? 0.108   -14.285 -7.585  1.00 10.33 ? 519 HIS A CG  1 
ATOM   1187 N  ND1 . HIS A 1 144 ? 0.348   -14.900 -8.796  1.00 10.49 ? 519 HIS A ND1 1 
ATOM   1188 C  CD2 . HIS A 1 144 ? -0.900  -13.408 -7.802  1.00 11.90 ? 519 HIS A CD2 1 
ATOM   1189 C  CE1 . HIS A 1 144 ? -0.478  -14.415 -9.704  1.00 12.01 ? 519 HIS A CE1 1 
ATOM   1190 N  NE2 . HIS A 1 144 ? -1.246  -13.508 -9.128  1.00 12.42 ? 519 HIS A NE2 1 
ATOM   1191 N  N   . PRO A 1 145 ? 1.237   -17.468 -3.953  1.00 8.61  ? 520 PRO A N   1 
ATOM   1192 C  CA  . PRO A 1 145 ? 2.030   -17.788 -2.767  1.00 9.22  ? 520 PRO A CA  1 
ATOM   1193 C  C   . PRO A 1 145 ? 3.541   -17.642 -2.919  1.00 9.25  ? 520 PRO A C   1 
ATOM   1194 O  O   . PRO A 1 145 ? 4.223   -17.294 -1.956  1.00 10.50 ? 520 PRO A O   1 
ATOM   1195 C  CB  . PRO A 1 145 ? 1.606   -19.221 -2.439  1.00 9.43  ? 520 PRO A CB  1 
ATOM   1196 C  CG  . PRO A 1 145 ? 1.214   -19.781 -3.781  1.00 8.82  ? 520 PRO A CG  1 
ATOM   1197 C  CD  . PRO A 1 145 ? 0.460   -18.635 -4.407  1.00 9.64  ? 520 PRO A CD  1 
ATOM   1198 N  N   . ASN A 1 146 ? 4.072   -17.890 -4.114  1.00 9.45  ? 521 ASN A N   1 
ATOM   1199 C  CA  . ASN A 1 146 ? 5.517   -17.788 -4.284  1.00 10.04 ? 521 ASN A CA  1 
ATOM   1200 C  C   . ASN A 1 146 ? 6.007   -16.348 -4.393  1.00 10.89 ? 521 ASN A C   1 
ATOM   1201 O  O   . ASN A 1 146 ? 7.202   -16.106 -4.561  1.00 12.67 ? 521 ASN A O   1 
ATOM   1202 C  CB  . ASN A 1 146 ? 5.994   -18.620 -5.480  1.00 10.27 ? 521 ASN A CB  1 
ATOM   1203 C  CG  . ASN A 1 146 ? 7.422   -19.126 -5.303  1.00 11.98 ? 521 ASN A CG  1 
ATOM   1204 O  OD1 . ASN A 1 146 ? 7.940   -19.183 -4.185  1.00 12.77 ? 521 ASN A OD1 1 
ATOM   1205 N  ND2 . ASN A 1 146 ? 8.055   -19.515 -6.403  1.00 11.97 ? 521 ASN A ND2 1 
ATOM   1206 N  N   . PHE A 1 147 ? 5.084   -15.394 -4.308  1.00 9.04  ? 522 PHE A N   1 
ATOM   1207 C  CA  . PHE A 1 147 ? 5.468   -13.985 -4.318  1.00 8.46  ? 522 PHE A CA  1 
ATOM   1208 C  C   . PHE A 1 147 ? 5.324   -13.462 -2.896  1.00 9.32  ? 522 PHE A C   1 
ATOM   1209 O  O   . PHE A 1 147 ? 5.345   -12.256 -2.661  1.00 10.90 ? 522 PHE A O   1 
ATOM   1210 C  CB  . PHE A 1 147 ? 4.596   -13.160 -5.269  1.00 8.02  ? 522 PHE A CB  1 
ATOM   1211 C  CG  . PHE A 1 147 ? 4.983   -13.300 -6.714  1.00 7.53  ? 522 PHE A CG  1 
ATOM   1212 C  CD1 . PHE A 1 147 ? 4.576   -14.404 -7.456  1.00 8.72  ? 522 PHE A CD1 1 
ATOM   1213 C  CD2 . PHE A 1 147 ? 5.784   -12.342 -7.324  1.00 9.76  ? 522 PHE A CD2 1 
ATOM   1214 C  CE1 . PHE A 1 147 ? 4.962   -14.551 -8.788  1.00 8.38  ? 522 PHE A CE1 1 
ATOM   1215 C  CE2 . PHE A 1 147 ? 6.175   -12.479 -8.652  1.00 9.63  ? 522 PHE A CE2 1 
ATOM   1216 C  CZ  . PHE A 1 147 ? 5.765   -13.585 -9.388  1.00 10.07 ? 522 PHE A CZ  1 
ATOM   1217 N  N   . CYS A 1 148 ? 5.186   -14.387 -1.949  1.00 10.10 ? 523 CYS A N   1 
ATOM   1218 C  CA  . CYS A 1 148 ? 5.038   -14.044 -0.535  1.00 9.89  ? 523 CYS A CA  1 
ATOM   1219 C  C   . CYS A 1 148 ? 6.106   -14.733 0.297   1.00 11.15 ? 523 CYS A C   1 
ATOM   1220 O  O   . CYS A 1 148 ? 6.642   -15.769 -0.095  1.00 12.48 ? 523 CYS A O   1 
ATOM   1221 C  CB  . CYS A 1 148 ? 3.671   -14.495 -0.010  1.00 9.51  ? 523 CYS A CB  1 
ATOM   1222 S  SG  . CYS A 1 148 ? 2.254   -13.818 -0.883  1.00 10.48 ? 523 CYS A SG  1 
ATOM   1223 N  N   . GLU A 1 149 ? 6.415   -14.155 1.452   1.00 11.13 ? 524 GLU A N   1 
ATOM   1224 C  CA  . GLU A 1 149 ? 7.389   -14.759 2.342   1.00 14.18 ? 524 GLU A CA  1 
ATOM   1225 C  C   . GLU A 1 149 ? 7.185   -14.269 3.767   1.00 14.71 ? 524 GLU A C   1 
ATOM   1226 O  O   . GLU A 1 149 ? 7.092   -13.070 4.013   1.00 15.09 ? 524 GLU A O   1 
ATOM   1227 C  CB  . GLU A 1 149 ? 8.817   -14.464 1.870   1.00 18.04 ? 524 GLU A CB  1 
ATOM   1228 C  CG  . GLU A 1 149 ? 9.283   -13.036 2.048   1.00 23.42 ? 524 GLU A CG  1 
ATOM   1229 C  CD  . GLU A 1 149 ? 10.659  -12.812 1.451   1.00 27.32 ? 524 GLU A CD  1 
ATOM   1230 O  OE1 . GLU A 1 149 ? 11.527  -13.696 1.610   1.00 30.08 ? 524 GLU A OE1 1 
ATOM   1231 O  OE2 . GLU A 1 149 ? 10.877  -11.750 0.831   1.00 29.93 ? 524 GLU A OE2 1 
ATOM   1232 N  N   . PRO A 1 150 ? 7.018   -15.205 4.713   1.00 14.17 ? 525 PRO A N   1 
ATOM   1233 C  CA  . PRO A 1 150 ? 7.009   -16.643 4.426   1.00 13.99 ? 525 PRO A CA  1 
ATOM   1234 C  C   . PRO A 1 150 ? 5.729   -16.978 3.666   1.00 13.57 ? 525 PRO A C   1 
ATOM   1235 O  O   . PRO A 1 150 ? 4.850   -16.124 3.530   1.00 13.72 ? 525 PRO A O   1 
ATOM   1236 C  CB  . PRO A 1 150 ? 7.045   -17.271 5.818   1.00 16.23 ? 525 PRO A CB  1 
ATOM   1237 C  CG  . PRO A 1 150 ? 6.332   -16.254 6.663   1.00 16.39 ? 525 PRO A CG  1 
ATOM   1238 C  CD  . PRO A 1 150 ? 6.910   -14.954 6.160   1.00 15.56 ? 525 PRO A CD  1 
ATOM   1239 N  N   . GLN A 1 151 ? 5.621   -18.205 3.165   1.00 13.97 ? 526 GLN A N   1 
ATOM   1240 C  CA  . GLN A 1 151 ? 4.427   -18.604 2.432   1.00 14.05 ? 526 GLN A CA  1 
ATOM   1241 C  C   . GLN A 1 151 ? 3.303   -19.002 3.373   1.00 13.95 ? 526 GLN A C   1 
ATOM   1242 O  O   . GLN A 1 151 ? 2.930   -20.170 3.466   1.00 15.54 ? 526 GLN A O   1 
ATOM   1243 C  CB  . GLN A 1 151 ? 4.737   -19.754 1.468   1.00 14.65 ? 526 GLN A CB  1 
ATOM   1244 C  CG  . GLN A 1 151 ? 5.320   -19.280 0.152   1.00 15.97 ? 526 GLN A CG  1 
ATOM   1245 C  CD  . GLN A 1 151 ? 5.413   -20.378 -0.886  1.00 16.93 ? 526 GLN A CD  1 
ATOM   1246 O  OE1 . GLN A 1 151 ? 4.585   -21.290 -0.922  1.00 20.94 ? 526 GLN A OE1 1 
ATOM   1247 N  NE2 . GLN A 1 151 ? 6.410   -20.283 -1.755  1.00 16.01 ? 526 GLN A NE2 1 
ATOM   1248 N  N   . ASP A 1 152 ? 2.764   -18.012 4.073   1.00 12.72 ? 527 ASP A N   1 
ATOM   1249 C  CA  . ASP A 1 152 ? 1.679   -18.253 5.006   1.00 13.15 ? 527 ASP A CA  1 
ATOM   1250 C  C   . ASP A 1 152 ? 0.845   -16.986 5.106   1.00 12.63 ? 527 ASP A C   1 
ATOM   1251 O  O   . ASP A 1 152 ? 1.175   -15.964 4.505   1.00 11.16 ? 527 ASP A O   1 
ATOM   1252 C  CB  . ASP A 1 152 ? 2.231   -18.616 6.386   1.00 15.30 ? 527 ASP A CB  1 
ATOM   1253 C  CG  . ASP A 1 152 ? 1.324   -19.570 7.146   1.00 18.98 ? 527 ASP A CG  1 
ATOM   1254 O  OD1 . ASP A 1 152 ? 0.098   -19.561 6.906   1.00 19.59 ? 527 ASP A OD1 1 
ATOM   1255 O  OD2 . ASP A 1 152 ? 1.842   -20.326 7.996   1.00 24.80 ? 527 ASP A OD2 1 
ATOM   1256 N  N   . TYR A 1 153 ? -0.231  -17.060 5.878   1.00 12.23 ? 528 TYR A N   1 
ATOM   1257 C  CA  . TYR A 1 153 ? -1.127  -15.932 6.066   1.00 12.42 ? 528 TYR A CA  1 
ATOM   1258 C  C   . TYR A 1 153 ? -1.640  -15.920 7.500   1.00 12.64 ? 528 TYR A C   1 
ATOM   1259 O  O   . TYR A 1 153 ? -2.316  -16.851 7.941   1.00 13.10 ? 528 TYR A O   1 
ATOM   1260 C  CB  . TYR A 1 153 ? -2.276  -16.028 5.053   1.00 12.50 ? 528 TYR A CB  1 
ATOM   1261 C  CG  . TYR A 1 153 ? -3.513  -15.208 5.361   1.00 12.10 ? 528 TYR A CG  1 
ATOM   1262 C  CD1 . TYR A 1 153 ? -3.423  -13.919 5.891   1.00 11.86 ? 528 TYR A CD1 1 
ATOM   1263 C  CD2 . TYR A 1 153 ? -4.784  -15.723 5.098   1.00 12.15 ? 528 TYR A CD2 1 
ATOM   1264 C  CE1 . TYR A 1 153 ? -4.573  -13.165 6.151   1.00 11.70 ? 528 TYR A CE1 1 
ATOM   1265 C  CE2 . TYR A 1 153 ? -5.933  -14.984 5.351   1.00 13.24 ? 528 TYR A CE2 1 
ATOM   1266 C  CZ  . TYR A 1 153 ? -5.824  -13.708 5.878   1.00 12.88 ? 528 TYR A CZ  1 
ATOM   1267 O  OH  . TYR A 1 153 ? -6.975  -12.997 6.138   1.00 13.62 ? 528 TYR A OH  1 
ATOM   1268 N  N   . ARG A 1 154 ? -1.291  -14.859 8.223   1.00 11.25 ? 529 ARG A N   1 
ATOM   1269 C  CA  . ARG A 1 154 ? -1.692  -14.689 9.617   1.00 11.21 ? 529 ARG A CA  1 
ATOM   1270 C  C   . ARG A 1 154 ? -2.685  -13.537 9.725   1.00 11.40 ? 529 ARG A C   1 
ATOM   1271 O  O   . ARG A 1 154 ? -2.308  -12.372 9.605   1.00 11.09 ? 529 ARG A O   1 
ATOM   1272 C  CB  . ARG A 1 154 ? -0.460  -14.395 10.481  1.00 11.28 ? 529 ARG A CB  1 
ATOM   1273 C  CG  . ARG A 1 154 ? -0.750  -14.215 11.970  1.00 11.88 ? 529 ARG A CG  1 
ATOM   1274 C  CD  . ARG A 1 154 ? 0.532   -13.911 12.731  1.00 12.01 ? 529 ARG A CD  1 
ATOM   1275 N  NE  . ARG A 1 154 ? 1.413   -15.075 12.805  1.00 12.33 ? 529 ARG A NE  1 
ATOM   1276 C  CZ  . ARG A 1 154 ? 2.725   -15.013 13.008  1.00 14.26 ? 529 ARG A CZ  1 
ATOM   1277 N  NH1 . ARG A 1 154 ? 3.327   -13.840 13.148  1.00 13.17 ? 529 ARG A NH1 1 
ATOM   1278 N  NH2 . ARG A 1 154 ? 3.439   -16.131 13.086  1.00 16.12 ? 529 ARG A NH2 1 
ATOM   1279 N  N   . PRO A 1 155 ? -3.972  -13.850 9.949   1.00 11.42 ? 530 PRO A N   1 
ATOM   1280 C  CA  . PRO A 1 155 ? -5.021  -12.832 10.071  1.00 12.54 ? 530 PRO A CA  1 
ATOM   1281 C  C   . PRO A 1 155 ? -4.828  -11.918 11.274  1.00 12.06 ? 530 PRO A C   1 
ATOM   1282 O  O   . PRO A 1 155 ? -4.212  -12.302 12.264  1.00 11.90 ? 530 PRO A O   1 
ATOM   1283 C  CB  . PRO A 1 155 ? -6.298  -13.659 10.205  1.00 12.68 ? 530 PRO A CB  1 
ATOM   1284 C  CG  . PRO A 1 155 ? -5.967  -14.929 9.476   1.00 13.51 ? 530 PRO A CG  1 
ATOM   1285 C  CD  . PRO A 1 155 ? -4.559  -15.202 9.938   1.00 12.82 ? 530 PRO A CD  1 
ATOM   1286 N  N   . MET A 1 156 ? -5.368  -10.709 11.182  1.00 12.29 ? 531 MET A N   1 
ATOM   1287 C  CA  . MET A 1 156 ? -5.267  -9.758  12.277  1.00 12.47 ? 531 MET A CA  1 
ATOM   1288 C  C   . MET A 1 156 ? -5.914  -10.340 13.534  1.00 13.99 ? 531 MET A C   1 
ATOM   1289 O  O   . MET A 1 156 ? -5.406  -10.161 14.641  1.00 13.80 ? 531 MET A O   1 
ATOM   1290 C  CB  . MET A 1 156 ? -5.965  -8.446  11.903  1.00 13.78 ? 531 MET A CB  1 
ATOM   1291 C  CG  . MET A 1 156 ? -5.908  -7.381  12.988  1.00 13.88 ? 531 MET A CG  1 
ATOM   1292 S  SD  . MET A 1 156 ? -6.880  -5.920  12.565  1.00 14.57 ? 531 MET A SD  1 
ATOM   1293 C  CE  . MET A 1 156 ? -8.521  -6.461  13.013  1.00 16.44 ? 531 MET A CE  1 
ATOM   1294 N  N   A ASN A 1 157 ? -7.020  -11.055 13.351  0.50 14.21 ? 532 ASN A N   1 
ATOM   1295 N  N   B ASN A 1 157 ? -7.029  -11.046 13.360  0.50 14.71 ? 532 ASN A N   1 
ATOM   1296 C  CA  A ASN A 1 157 ? -7.741  -11.636 14.478  0.50 15.02 ? 532 ASN A CA  1 
ATOM   1297 C  CA  B ASN A 1 157 ? -7.735  -11.639 14.495  0.50 15.93 ? 532 ASN A CA  1 
ATOM   1298 C  C   A ASN A 1 157 ? -7.286  -13.042 14.862  0.50 16.00 ? 532 ASN A C   1 
ATOM   1299 C  C   B ASN A 1 157 ? -7.284  -13.047 14.866  0.50 16.46 ? 532 ASN A C   1 
ATOM   1300 O  O   A ASN A 1 157 ? -8.040  -13.785 15.492  0.50 16.54 ? 532 ASN A O   1 
ATOM   1301 O  O   B ASN A 1 157 ? -8.038  -13.798 15.485  0.50 16.83 ? 532 ASN A O   1 
ATOM   1302 C  CB  A ASN A 1 157 ? -9.242  -11.654 14.179  0.50 15.64 ? 532 ASN A CB  1 
ATOM   1303 C  CB  B ASN A 1 157 ? -9.249  -11.658 14.250  0.50 18.10 ? 532 ASN A CB  1 
ATOM   1304 C  CG  A ASN A 1 157 ? -9.626  -12.713 13.162  0.50 16.35 ? 532 ASN A CG  1 
ATOM   1305 C  CG  B ASN A 1 157 ? -9.913  -10.333 14.575  0.50 20.53 ? 532 ASN A CG  1 
ATOM   1306 O  OD1 A ASN A 1 157 ? -8.766  -13.317 12.521  0.50 15.65 ? 532 ASN A OD1 1 
ATOM   1307 O  OD1 B ASN A 1 157 ? -9.429  -9.569  15.409  0.50 21.50 ? 532 ASN A OD1 1 
ATOM   1308 N  ND2 A ASN A 1 157 ? -10.926 -12.940 13.007  0.50 17.57 ? 532 ASN A ND2 1 
ATOM   1309 N  ND2 B ASN A 1 157 ? -11.046 -10.066 13.931  0.50 23.16 ? 532 ASN A ND2 1 
ATOM   1310 N  N   . HIS A 1 158 ? -6.059  -13.406 14.496  1.00 15.16 ? 533 HIS A N   1 
ATOM   1311 C  CA  . HIS A 1 158 ? -5.536  -14.734 14.823  1.00 16.17 ? 533 HIS A CA  1 
ATOM   1312 C  C   . HIS A 1 158 ? -5.625  -14.922 16.340  1.00 17.04 ? 533 HIS A C   1 
ATOM   1313 O  O   . HIS A 1 158 ? -5.162  -14.077 17.104  1.00 15.71 ? 533 HIS A O   1 
ATOM   1314 C  CB  . HIS A 1 158 ? -4.087  -14.873 14.356  1.00 16.60 ? 533 HIS A CB  1 
ATOM   1315 C  CG  . HIS A 1 158 ? -3.558  -16.270 14.442  1.00 17.46 ? 533 HIS A CG  1 
ATOM   1316 N  ND1 . HIS A 1 158 ? -3.332  -16.907 15.644  1.00 17.63 ? 533 HIS A ND1 1 
ATOM   1317 C  CD2 . HIS A 1 158 ? -3.234  -17.162 13.478  1.00 17.97 ? 533 HIS A CD2 1 
ATOM   1318 C  CE1 . HIS A 1 158 ? -2.890  -18.131 15.416  1.00 17.80 ? 533 HIS A CE1 1 
ATOM   1319 N  NE2 . HIS A 1 158 ? -2.822  -18.311 14.108  1.00 18.81 ? 533 HIS A NE2 1 
ATOM   1320 N  N   . GLU A 1 159 ? -6.223  -16.030 16.767  1.00 18.64 ? 534 GLU A N   1 
ATOM   1321 C  CA  . GLU A 1 159 ? -6.408  -16.310 18.192  1.00 20.78 ? 534 GLU A CA  1 
ATOM   1322 C  C   . GLU A 1 159 ? -5.173  -16.242 19.082  1.00 19.53 ? 534 GLU A C   1 
ATOM   1323 O  O   . GLU A 1 159 ? -5.287  -15.957 20.274  1.00 21.18 ? 534 GLU A O   1 
ATOM   1324 C  CB  . GLU A 1 159 ? -7.065  -17.680 18.377  1.00 24.46 ? 534 GLU A CB  1 
ATOM   1325 C  CG  . GLU A 1 159 ? -8.545  -17.719 18.036  1.00 32.14 ? 534 GLU A CG  1 
ATOM   1326 C  CD  . GLU A 1 159 ? -9.156  -19.089 18.273  1.00 35.92 ? 534 GLU A CD  1 
ATOM   1327 O  OE1 . GLU A 1 159 ? -10.382 -19.238 18.084  1.00 38.84 ? 534 GLU A OE1 1 
ATOM   1328 O  OE2 . GLU A 1 159 ? -8.406  -20.018 18.646  1.00 39.00 ? 534 GLU A OE2 1 
ATOM   1329 N  N   . ALA A 1 160 ? -3.999  -16.502 18.521  1.00 17.40 ? 535 ALA A N   1 
ATOM   1330 C  CA  . ALA A 1 160 ? -2.776  -16.488 19.314  1.00 16.62 ? 535 ALA A CA  1 
ATOM   1331 C  C   . ALA A 1 160 ? -2.089  -15.128 19.392  1.00 16.13 ? 535 ALA A C   1 
ATOM   1332 O  O   . ALA A 1 160 ? -1.042  -14.996 20.028  1.00 17.31 ? 535 ALA A O   1 
ATOM   1333 C  CB  . ALA A 1 160 ? -1.801  -17.529 18.777  1.00 16.94 ? 535 ALA A CB  1 
ATOM   1334 N  N   . PHE A 1 161 ? -2.677  -14.115 18.762  1.00 15.04 ? 536 PHE A N   1 
ATOM   1335 C  CA  . PHE A 1 161 ? -2.074  -12.787 18.765  1.00 14.04 ? 536 PHE A CA  1 
ATOM   1336 C  C   . PHE A 1 161 ? -2.981  -11.684 19.299  1.00 15.18 ? 536 PHE A C   1 
ATOM   1337 O  O   . PHE A 1 161 ? -2.833  -10.513 18.936  1.00 14.34 ? 536 PHE A O   1 
ATOM   1338 C  CB  . PHE A 1 161 ? -1.597  -12.438 17.350  1.00 14.18 ? 536 PHE A CB  1 
ATOM   1339 C  CG  . PHE A 1 161 ? -0.475  -13.312 16.870  1.00 13.33 ? 536 PHE A CG  1 
ATOM   1340 C  CD1 . PHE A 1 161 ? -0.729  -14.597 16.397  1.00 14.06 ? 536 PHE A CD1 1 
ATOM   1341 C  CD2 . PHE A 1 161 ? 0.842   -12.877 16.955  1.00 13.17 ? 536 PHE A CD2 1 
ATOM   1342 C  CE1 . PHE A 1 161 ? 0.316   -15.434 16.020  1.00 13.18 ? 536 PHE A CE1 1 
ATOM   1343 C  CE2 . PHE A 1 161 ? 1.896   -13.706 16.582  1.00 13.46 ? 536 PHE A CE2 1 
ATOM   1344 C  CZ  . PHE A 1 161 ? 1.631   -14.988 16.115  1.00 13.99 ? 536 PHE A CZ  1 
ATOM   1345 N  N   . LYS A 1 162 ? -3.907  -12.049 20.178  1.00 14.83 ? 537 LYS A N   1 
ATOM   1346 C  CA  . LYS A 1 162 ? -4.825  -11.071 20.750  1.00 16.24 ? 537 LYS A CA  1 
ATOM   1347 C  C   . LYS A 1 162 ? -4.087  -9.996  21.540  1.00 15.49 ? 537 LYS A C   1 
ATOM   1348 O  O   . LYS A 1 162 ? -4.444  -8.818  21.474  1.00 15.88 ? 537 LYS A O   1 
ATOM   1349 C  CB  . LYS A 1 162 ? -5.849  -11.768 21.647  1.00 17.81 ? 537 LYS A CB  1 
ATOM   1350 C  CG  . LYS A 1 162 ? -6.776  -12.710 20.900  1.00 21.88 ? 537 LYS A CG  1 
ATOM   1351 C  CD  . LYS A 1 162 ? -7.788  -13.345 21.841  1.00 25.00 ? 537 LYS A CD  1 
ATOM   1352 C  CE  . LYS A 1 162 ? -8.715  -14.294 21.099  1.00 27.94 ? 537 LYS A CE  1 
ATOM   1353 N  NZ  . LYS A 1 162 ? -9.723  -14.903 22.013  1.00 31.55 ? 537 LYS A NZ  1 
ATOM   1354 N  N   . ASP A 1 163 ? -3.060  -10.392 22.284  1.00 15.33 ? 538 ASP A N   1 
ATOM   1355 C  CA  . ASP A 1 163 ? -2.296  -9.427  23.069  1.00 16.34 ? 538 ASP A CA  1 
ATOM   1356 C  C   . ASP A 1 163 ? -1.461  -8.535  22.158  1.00 16.01 ? 538 ASP A C   1 
ATOM   1357 O  O   . ASP A 1 163 ? -1.304  -7.340  22.420  1.00 14.90 ? 538 ASP A O   1 
ATOM   1358 C  CB  . ASP A 1 163 ? -1.377  -10.137 24.068  1.00 19.49 ? 538 ASP A CB  1 
ATOM   1359 C  CG  . ASP A 1 163 ? -2.146  -10.925 25.112  1.00 23.89 ? 538 ASP A CG  1 
ATOM   1360 O  OD1 . ASP A 1 163 ? -3.198  -10.433 25.575  1.00 25.71 ? 538 ASP A OD1 1 
ATOM   1361 O  OD2 . ASP A 1 163 ? -1.691  -12.027 25.481  1.00 27.89 ? 538 ASP A OD2 1 
ATOM   1362 N  N   . GLU A 1 164 ? -0.925  -9.117  21.088  1.00 14.51 ? 539 GLU A N   1 
ATOM   1363 C  CA  . GLU A 1 164 ? -0.109  -8.361  20.144  1.00 14.57 ? 539 GLU A CA  1 
ATOM   1364 C  C   . GLU A 1 164 ? -0.934  -7.280  19.454  1.00 13.46 ? 539 GLU A C   1 
ATOM   1365 O  O   . GLU A 1 164 ? -0.429  -6.193  19.167  1.00 12.68 ? 539 GLU A O   1 
ATOM   1366 C  CB  . GLU A 1 164 ? 0.510   -9.293  19.093  1.00 15.66 ? 539 GLU A CB  1 
ATOM   1367 C  CG  . GLU A 1 164 ? 1.705   -10.115 19.586  1.00 19.78 ? 539 GLU A CG  1 
ATOM   1368 C  CD  . GLU A 1 164 ? 1.312   -11.351 20.381  1.00 21.68 ? 539 GLU A CD  1 
ATOM   1369 O  OE1 . GLU A 1 164 ? 0.103   -11.587 20.579  1.00 22.79 ? 539 GLU A OE1 1 
ATOM   1370 O  OE2 . GLU A 1 164 ? 2.225   -12.094 20.806  1.00 26.15 ? 539 GLU A OE2 1 
ATOM   1371 N  N   . LEU A 1 165 ? -2.201  -7.579  19.185  1.00 12.64 ? 540 LEU A N   1 
ATOM   1372 C  CA  . LEU A 1 165 ? -3.085  -6.612  18.546  1.00 12.69 ? 540 LEU A CA  1 
ATOM   1373 C  C   . LEU A 1 165 ? -3.276  -5.412  19.473  1.00 12.78 ? 540 LEU A C   1 
ATOM   1374 O  O   . LEU A 1 165 ? -3.164  -4.263  19.048  1.00 11.83 ? 540 LEU A O   1 
ATOM   1375 C  CB  . LEU A 1 165 ? -4.438  -7.258  18.226  1.00 13.28 ? 540 LEU A CB  1 
ATOM   1376 C  CG  . LEU A 1 165 ? -5.532  -6.362  17.631  1.00 14.90 ? 540 LEU A CG  1 
ATOM   1377 C  CD1 . LEU A 1 165 ? -6.524  -7.211  16.860  1.00 15.14 ? 540 LEU A CD1 1 
ATOM   1378 C  CD2 . LEU A 1 165 ? -6.238  -5.589  18.739  1.00 14.92 ? 540 LEU A CD2 1 
ATOM   1379 N  N   . LYS A 1 166 ? -3.562  -5.683  20.742  1.00 13.21 ? 541 LYS A N   1 
ATOM   1380 C  CA  . LYS A 1 166 ? -3.760  -4.610  21.708  1.00 13.27 ? 541 LYS A CA  1 
ATOM   1381 C  C   . LYS A 1 166 ? -2.493  -3.782  21.879  1.00 13.71 ? 541 LYS A C   1 
ATOM   1382 O  O   . LYS A 1 166 ? -2.540  -2.553  21.901  1.00 12.72 ? 541 LYS A O   1 
ATOM   1383 C  CB  . LYS A 1 166 ? -4.190  -5.188  23.058  1.00 14.62 ? 541 LYS A CB  1 
ATOM   1384 C  CG  . LYS A 1 166 ? -5.581  -5.795  23.045  1.00 17.47 ? 541 LYS A CG  1 
ATOM   1385 C  CD  . LYS A 1 166 ? -5.968  -6.318  24.419  1.00 19.68 ? 541 LYS A CD  1 
ATOM   1386 C  CE  . LYS A 1 166 ? -7.374  -6.891  24.413  1.00 22.49 ? 541 LYS A CE  1 
ATOM   1387 N  NZ  . LYS A 1 166 ? -7.741  -7.447  25.748  1.00 24.97 ? 541 LYS A NZ  1 
ATOM   1388 N  N   . THR A 1 167 ? -1.357  -4.459  21.999  1.00 13.32 ? 542 THR A N   1 
ATOM   1389 C  CA  . THR A 1 167 ? -0.084  -3.774  22.165  1.00 13.19 ? 542 THR A CA  1 
ATOM   1390 C  C   . THR A 1 167 ? 0.162   -2.796  21.024  1.00 12.20 ? 542 THR A C   1 
ATOM   1391 O  O   . THR A 1 167 ? 0.553   -1.650  21.251  1.00 12.75 ? 542 THR A O   1 
ATOM   1392 C  CB  . THR A 1 167 ? 1.081   -4.777  22.220  1.00 14.84 ? 542 THR A CB  1 
ATOM   1393 O  OG1 . THR A 1 167 ? 0.964   -5.571  23.408  1.00 16.16 ? 542 THR A OG1 1 
ATOM   1394 C  CG2 . THR A 1 167 ? 2.419   -4.051  22.225  1.00 16.26 ? 542 THR A CG2 1 
ATOM   1395 N  N   . PHE A 1 168 ? -0.067  -3.241  19.794  1.00 11.39 ? 543 PHE A N   1 
ATOM   1396 C  CA  . PHE A 1 168 ? 0.156   -2.362  18.658  1.00 11.04 ? 543 PHE A CA  1 
ATOM   1397 C  C   . PHE A 1 168 ? -0.792  -1.177  18.613  1.00 11.56 ? 543 PHE A C   1 
ATOM   1398 O  O   . PHE A 1 168 ? -0.367  -0.047  18.380  1.00 11.45 ? 543 PHE A O   1 
ATOM   1399 C  CB  . PHE A 1 168 ? 0.027   -3.101  17.327  1.00 12.45 ? 543 PHE A CB  1 
ATOM   1400 C  CG  . PHE A 1 168 ? 0.243   -2.202  16.142  1.00 12.29 ? 543 PHE A CG  1 
ATOM   1401 C  CD1 . PHE A 1 168 ? 1.530   -1.879  15.730  1.00 15.37 ? 543 PHE A CD1 1 
ATOM   1402 C  CD2 . PHE A 1 168 ? -0.835  -1.590  15.511  1.00 14.19 ? 543 PHE A CD2 1 
ATOM   1403 C  CE1 . PHE A 1 168 ? 1.743   -0.953  14.709  1.00 13.58 ? 543 PHE A CE1 1 
ATOM   1404 C  CE2 . PHE A 1 168 ? -0.630  -0.656  14.483  1.00 15.37 ? 543 PHE A CE2 1 
ATOM   1405 C  CZ  . PHE A 1 168 ? 0.662   -0.341  14.088  1.00 14.73 ? 543 PHE A CZ  1 
ATOM   1406 N  N   . ARG A 1 169 ? -2.079  -1.428  18.820  1.00 11.81 ? 544 ARG A N   1 
ATOM   1407 C  CA  . ARG A 1 169 ? -3.041  -0.341  18.757  1.00 11.70 ? 544 ARG A CA  1 
ATOM   1408 C  C   . ARG A 1 169 ? -2.769  0.791   19.726  1.00 11.95 ? 544 ARG A C   1 
ATOM   1409 O  O   . ARG A 1 169 ? -3.074  1.941   19.427  1.00 12.53 ? 544 ARG A O   1 
ATOM   1410 C  CB  . ARG A 1 169 ? -4.457  -0.866  18.948  1.00 13.92 ? 544 ARG A CB  1 
ATOM   1411 C  CG  . ARG A 1 169 ? -4.913  -1.657  17.744  1.00 14.82 ? 544 ARG A CG  1 
ATOM   1412 C  CD  . ARG A 1 169 ? -6.403  -1.810  17.722  1.00 16.15 ? 544 ARG A CD  1 
ATOM   1413 N  NE  . ARG A 1 169 ? -6.833  -2.528  16.531  1.00 14.67 ? 544 ARG A NE  1 
ATOM   1414 C  CZ  . ARG A 1 169 ? -8.039  -3.060  16.386  1.00 16.71 ? 544 ARG A CZ  1 
ATOM   1415 N  NH1 . ARG A 1 169 ? -8.929  -2.947  17.362  1.00 15.73 ? 544 ARG A NH1 1 
ATOM   1416 N  NH2 . ARG A 1 169 ? -8.347  -3.721  15.278  1.00 16.79 ? 544 ARG A NH2 1 
ATOM   1417 N  N   . LEU A 1 170 ? -2.188  0.479   20.878  1.00 11.08 ? 545 LEU A N   1 
ATOM   1418 C  CA  . LEU A 1 170 ? -1.901  1.527   21.848  1.00 10.64 ? 545 LEU A CA  1 
ATOM   1419 C  C   . LEU A 1 170 ? -0.748  2.422   21.396  1.00 10.79 ? 545 LEU A C   1 
ATOM   1420 O  O   . LEU A 1 170 ? -0.369  3.358   22.099  1.00 10.17 ? 545 LEU A O   1 
ATOM   1421 C  CB  . LEU A 1 170 ? -1.609  0.916   23.223  1.00 10.51 ? 545 LEU A CB  1 
ATOM   1422 C  CG  . LEU A 1 170 ? -2.773  0.112   23.819  1.00 11.14 ? 545 LEU A CG  1 
ATOM   1423 C  CD1 . LEU A 1 170 ? -2.448  -0.273  25.254  1.00 13.23 ? 545 LEU A CD1 1 
ATOM   1424 C  CD2 . LEU A 1 170 ? -4.062  0.931   23.770  1.00 12.68 ? 545 LEU A CD2 1 
ATOM   1425 N  N   . LYS A 1 171 ? -0.206  2.141   20.213  1.00 10.68 ? 546 LYS A N   1 
ATOM   1426 C  CA  . LYS A 1 171 ? 0.882   2.942   19.653  1.00 11.19 ? 546 LYS A CA  1 
ATOM   1427 C  C   . LYS A 1 171 ? 0.369   3.830   18.522  1.00 10.89 ? 546 LYS A C   1 
ATOM   1428 O  O   . LYS A 1 171 ? 1.108   4.669   18.006  1.00 9.87  ? 546 LYS A O   1 
ATOM   1429 C  CB  . LYS A 1 171 ? 1.997   2.048   19.104  1.00 12.18 ? 546 LYS A CB  1 
ATOM   1430 C  CG  . LYS A 1 171 ? 2.726   1.224   20.151  1.00 14.91 ? 546 LYS A CG  1 
ATOM   1431 C  CD  . LYS A 1 171 ? 3.799   0.357   19.506  1.00 18.95 ? 546 LYS A CD  1 
ATOM   1432 C  CE  . LYS A 1 171 ? 4.513   -0.491  20.546  1.00 23.02 ? 546 LYS A CE  1 
ATOM   1433 N  NZ  . LYS A 1 171 ? 5.506   -1.416  19.926  1.00 27.75 ? 546 LYS A NZ  1 
ATOM   1434 N  N   . THR A 1 172 ? -0.889  3.653   18.130  1.00 11.13 ? 547 THR A N   1 
ATOM   1435 C  CA  . THR A 1 172 ? -1.446  4.460   17.044  1.00 10.95 ? 547 THR A CA  1 
ATOM   1436 C  C   . THR A 1 172 ? -1.827  5.865   17.502  1.00 12.48 ? 547 THR A C   1 
ATOM   1437 O  O   . THR A 1 172 ? -1.979  6.125   18.696  1.00 12.72 ? 547 THR A O   1 
ATOM   1438 C  CB  . THR A 1 172 ? -2.678  3.778   16.401  1.00 10.50 ? 547 THR A CB  1 
ATOM   1439 O  OG1 . THR A 1 172 ? -3.729  3.655   17.366  1.00 12.39 ? 547 THR A OG1 1 
ATOM   1440 C  CG2 . THR A 1 172 ? -2.305  2.397   15.885  1.00 11.08 ? 547 THR A CG2 1 
ATOM   1441 N  N   . ARG A 1 173 ? -1.981  6.772   16.545  1.00 12.74 ? 548 ARG A N   1 
ATOM   1442 C  CA  . ARG A 1 173 ? -2.311  8.158   16.850  1.00 14.29 ? 548 ARG A CA  1 
ATOM   1443 C  C   . ARG A 1 173 ? -3.764  8.379   17.240  1.00 14.37 ? 548 ARG A C   1 
ATOM   1444 O  O   . ARG A 1 173 ? -4.079  9.311   17.977  1.00 12.78 ? 548 ARG A O   1 
ATOM   1445 C  CB  . ARG A 1 173 ? -1.971  9.047   15.653  1.00 18.79 ? 548 ARG A CB  1 
ATOM   1446 C  CG  . ARG A 1 173 ? -2.710  8.687   14.373  1.00 25.34 ? 548 ARG A CG  1 
ATOM   1447 C  CD  . ARG A 1 173 ? -3.679  9.788   13.966  1.00 32.32 ? 548 ARG A CD  1 
ATOM   1448 N  NE  . ARG A 1 173 ? -3.094  11.118  14.129  1.00 36.01 ? 548 ARG A NE  1 
ATOM   1449 C  CZ  . ARG A 1 173 ? -1.939  11.503  13.599  1.00 38.48 ? 548 ARG A CZ  1 
ATOM   1450 N  NH1 . ARG A 1 173 ? -1.230  10.659  12.862  1.00 40.98 ? 548 ARG A NH1 1 
ATOM   1451 N  NH2 . ARG A 1 173 ? -1.487  12.732  13.811  1.00 40.70 ? 548 ARG A NH2 1 
ATOM   1452 N  N   . SER A 1 174 ? -4.645  7.519   16.744  1.00 14.58 ? 549 SER A N   1 
ATOM   1453 C  CA  . SER A 1 174 ? -6.066  7.640   17.032  1.00 17.42 ? 549 SER A CA  1 
ATOM   1454 C  C   . SER A 1 174 ? -6.763  6.306   16.831  1.00 18.97 ? 549 SER A C   1 
ATOM   1455 O  O   . SER A 1 174 ? -6.377  5.524   15.966  1.00 19.81 ? 549 SER A O   1 
ATOM   1456 C  CB  . SER A 1 174 ? -6.691  8.688   16.103  1.00 19.40 ? 549 SER A CB  1 
ATOM   1457 O  OG  . SER A 1 174 ? -8.103  8.725   16.236  1.00 23.83 ? 549 SER A OG  1 
ATOM   1458 N  N   . TRP A 1 175 ? -7.785  6.037   17.638  1.00 20.38 ? 550 TRP A N   1 
ATOM   1459 C  CA  . TRP A 1 175 ? -8.532  4.795   17.491  1.00 23.81 ? 550 TRP A CA  1 
ATOM   1460 C  C   . TRP A 1 175 ? -10.031 5.049   17.502  1.00 26.68 ? 550 TRP A C   1 
ATOM   1461 O  O   . TRP A 1 175 ? -10.794 4.125   17.853  1.00 30.46 ? 550 TRP A O   1 
ATOM   1462 C  CB  . TRP A 1 175 ? -8.154  3.800   18.592  1.00 24.00 ? 550 TRP A CB  1 
ATOM   1463 C  CG  . TRP A 1 175 ? -8.091  4.370   19.972  1.00 21.11 ? 550 TRP A CG  1 
ATOM   1464 C  CD1 . TRP A 1 175 ? -9.132  4.839   20.721  1.00 22.30 ? 550 TRP A CD1 1 
ATOM   1465 C  CD2 . TRP A 1 175 ? -6.923  4.494   20.785  1.00 18.13 ? 550 TRP A CD2 1 
ATOM   1466 N  NE1 . TRP A 1 175 ? -8.683  5.243   21.958  1.00 21.32 ? 550 TRP A NE1 1 
ATOM   1467 C  CE2 . TRP A 1 175 ? -7.325  5.042   22.023  1.00 19.14 ? 550 TRP A CE2 1 
ATOM   1468 C  CE3 . TRP A 1 175 ? -5.567  4.194   20.590  1.00 17.76 ? 550 TRP A CE3 1 
ATOM   1469 C  CZ2 . TRP A 1 175 ? -6.428  5.295   23.060  1.00 18.12 ? 550 TRP A CZ2 1 
ATOM   1470 C  CZ3 . TRP A 1 175 ? -4.671  4.446   21.622  1.00 18.28 ? 550 TRP A CZ3 1 
ATOM   1471 C  CH2 . TRP A 1 175 ? -5.107  4.990   22.842  1.00 16.39 ? 550 TRP A CH2 1 
ATOM   1472 O  OXT . TRP A 1 175 ? -10.419 6.175   17.125  1.00 26.60 ? 550 TRP A OXT 1 
HETATM 1473 CL CL  . CL  B 2 .   ? -0.975  5.816   13.598  1.00 11.47 ? 551 CL  A CL  1 
HETATM 1474 CL CL  . CL  C 2 .   ? -13.004 -3.465  -1.888  1.00 20.65 ? 552 CL  A CL  1 
HETATM 1475 S  S   . SO4 D 3 .   ? -8.112  -4.182  6.868   1.00 13.88 ? 553 SO4 A S   1 
HETATM 1476 O  O1  . SO4 D 3 .   ? -9.312  -4.878  7.384   1.00 17.93 ? 553 SO4 A O1  1 
HETATM 1477 O  O2  . SO4 D 3 .   ? -6.950  -5.074  6.995   1.00 14.99 ? 553 SO4 A O2  1 
HETATM 1478 O  O3  . SO4 D 3 .   ? -7.876  -2.969  7.678   1.00 18.12 ? 553 SO4 A O3  1 
HETATM 1479 O  O4  . SO4 D 3 .   ? -8.303  -3.807  5.460   1.00 19.52 ? 553 SO4 A O4  1 
HETATM 1480 O  O   . HOH E 4 .   ? -0.558  5.927   21.005  1.00 9.57  ? 1   HOH A O   1 
HETATM 1481 O  O   . HOH E 4 .   ? 0.194   -12.692 7.000   1.00 9.09  ? 2   HOH A O   1 
HETATM 1482 O  O   . HOH E 4 .   ? 3.295   7.945   -6.982  1.00 10.78 ? 3   HOH A O   1 
HETATM 1483 O  O   . HOH E 4 .   ? 0.375   11.328  -2.448  1.00 9.24  ? 4   HOH A O   1 
HETATM 1484 O  O   . HOH E 4 .   ? -5.762  -4.425  -12.090 1.00 11.61 ? 5   HOH A O   1 
HETATM 1485 O  O   . HOH E 4 .   ? -5.018  -8.989  -3.349  1.00 11.48 ? 6   HOH A O   1 
HETATM 1486 O  O   . HOH E 4 .   ? 2.816   -7.453  2.171   1.00 9.63  ? 7   HOH A O   1 
HETATM 1487 O  O   . HOH E 4 .   ? 3.129   -6.782  16.329  1.00 12.48 ? 8   HOH A O   1 
HETATM 1488 O  O   . HOH E 4 .   ? -5.720  -11.339 -10.183 1.00 12.60 ? 9   HOH A O   1 
HETATM 1489 O  O   . HOH E 4 .   ? 4.453   16.482  -9.328  1.00 14.22 ? 10  HOH A O   1 
HETATM 1490 O  O   . HOH E 4 .   ? -2.265  0.789   9.589   1.00 12.01 ? 11  HOH A O   1 
HETATM 1491 O  O   . HOH E 4 .   ? -3.391  -10.286 8.005   1.00 10.67 ? 12  HOH A O   1 
HETATM 1492 O  O   . HOH E 4 .   ? 1.472   7.770   13.856  1.00 9.50  ? 13  HOH A O   1 
HETATM 1493 O  O   . HOH E 4 .   ? -3.123  8.429   -6.902  1.00 13.35 ? 14  HOH A O   1 
HETATM 1494 O  O   . HOH E 4 .   ? 4.721   10.304  -12.531 1.00 16.74 ? 15  HOH A O   1 
HETATM 1495 O  O   . HOH E 4 .   ? -3.832  2.664   8.202   1.00 15.31 ? 16  HOH A O   1 
HETATM 1496 O  O   . HOH E 4 .   ? 7.357   -3.541  -13.527 1.00 12.88 ? 17  HOH A O   1 
HETATM 1497 O  O   . HOH E 4 .   ? -5.912  13.905  -4.777  1.00 16.94 ? 18  HOH A O   1 
HETATM 1498 O  O   . HOH E 4 .   ? -0.927  10.072  -20.400 1.00 17.09 ? 19  HOH A O   1 
HETATM 1499 O  O   . HOH E 4 .   ? 2.304   -5.850  18.717  1.00 15.82 ? 20  HOH A O   1 
HETATM 1500 O  O   . HOH E 4 .   ? -4.693  10.647  -7.663  1.00 12.02 ? 21  HOH A O   1 
HETATM 1501 O  O   . HOH E 4 .   ? -0.701  21.171  -2.594  1.00 13.59 ? 22  HOH A O   1 
HETATM 1502 O  O   . HOH E 4 .   ? -10.092 -4.267  -1.300  1.00 13.92 ? 23  HOH A O   1 
HETATM 1503 O  O   . HOH E 4 .   ? -6.028  11.811  -9.739  1.00 14.41 ? 24  HOH A O   1 
HETATM 1504 O  O   . HOH E 4 .   ? 3.646   8.077   -11.341 1.00 12.68 ? 25  HOH A O   1 
HETATM 1505 O  O   . HOH E 4 .   ? -8.579  -10.745 10.730  1.00 14.00 ? 26  HOH A O   1 
HETATM 1506 O  O   . HOH E 4 .   ? 9.274   -3.400  6.588   1.00 19.51 ? 27  HOH A O   1 
HETATM 1507 O  O   . HOH E 4 .   ? -3.854  -13.516 -10.243 1.00 14.88 ? 28  HOH A O   1 
HETATM 1508 O  O   . HOH E 4 .   ? 7.317   -4.651  10.838  1.00 17.34 ? 29  HOH A O   1 
HETATM 1509 O  O   . HOH E 4 .   ? -0.258  19.403  -4.712  1.00 11.35 ? 31  HOH A O   1 
HETATM 1510 O  O   . HOH E 4 .   ? -1.628  -19.851 -1.363  1.00 12.14 ? 32  HOH A O   1 
HETATM 1511 O  O   . HOH E 4 .   ? -6.408  12.365  0.963   1.00 15.43 ? 33  HOH A O   1 
HETATM 1512 O  O   . HOH E 4 .   ? 1.853   -0.802  23.516  1.00 15.70 ? 35  HOH A O   1 
HETATM 1513 O  O   . HOH E 4 .   ? -11.635 -1.128  0.085   1.00 16.44 ? 36  HOH A O   1 
HETATM 1514 O  O   . HOH E 4 .   ? 5.004   1.594   11.715  1.00 13.56 ? 38  HOH A O   1 
HETATM 1515 O  O   . HOH E 4 .   ? -5.733  -11.307 17.271  1.00 15.81 ? 39  HOH A O   1 
HETATM 1516 O  O   . HOH E 4 .   ? -6.952  -16.478 1.808   1.00 18.91 ? 40  HOH A O   1 
HETATM 1517 O  O   . HOH E 4 .   ? -10.557 1.474   -8.958  1.00 13.62 ? 41  HOH A O   1 
HETATM 1518 O  O   . HOH E 4 .   ? -8.320  -6.980  9.387   1.00 15.48 ? 42  HOH A O   1 
HETATM 1519 O  O   . HOH E 4 .   ? 6.785   9.796   -10.679 1.00 19.49 ? 43  HOH A O   1 
HETATM 1520 O  O   . HOH E 4 .   ? 10.319  -9.396  1.603   1.00 24.38 ? 46  HOH A O   1 
HETATM 1521 O  O   . HOH E 4 .   ? 5.854   21.511  -4.647  1.00 18.62 ? 47  HOH A O   1 
HETATM 1522 O  O   . HOH E 4 .   ? 1.022   -10.473 -14.193 1.00 19.85 ? 48  HOH A O   1 
HETATM 1523 O  O   . HOH E 4 .   ? -3.459  18.466  2.801   1.00 22.53 ? 49  HOH A O   1 
HETATM 1524 O  O   . HOH E 4 .   ? 9.630   -16.098 -5.677  1.00 21.64 ? 50  HOH A O   1 
HETATM 1525 O  O   . HOH E 4 .   ? 4.684   13.057  -12.105 1.00 20.36 ? 51  HOH A O   1 
HETATM 1526 O  O   . HOH E 4 .   ? -11.798 -7.561  -8.441  1.00 22.44 ? 52  HOH A O   1 
HETATM 1527 O  O   . HOH E 4 .   ? 7.154   0.436   10.383  1.00 20.66 ? 53  HOH A O   1 
HETATM 1528 O  O   . HOH E 4 .   ? 11.702  -3.364  -0.026  1.00 20.66 ? 54  HOH A O   1 
HETATM 1529 O  O   . HOH E 4 .   ? -8.745  -9.257  -5.414  1.00 18.00 ? 55  HOH A O   1 
HETATM 1530 O  O   . HOH E 4 .   ? -7.371  -8.615  20.908  1.00 24.04 ? 56  HOH A O   1 
HETATM 1531 O  O   . HOH E 4 .   ? -6.339  -8.296  -13.505 1.00 27.13 ? 57  HOH A O   1 
HETATM 1532 O  O   . HOH E 4 .   ? -13.353 10.243  -13.305 1.00 16.02 ? 58  HOH A O   1 
HETATM 1533 O  O   . HOH E 4 .   ? -7.864  -14.231 -4.410  1.00 22.21 ? 59  HOH A O   1 
HETATM 1534 O  O   . HOH E 4 .   ? 7.961   -17.677 -1.589  1.00 22.34 ? 60  HOH A O   1 
HETATM 1535 O  O   . HOH E 4 .   ? -2.110  -2.888  -15.972 1.00 20.64 ? 61  HOH A O   1 
HETATM 1536 O  O   . HOH E 4 .   ? 2.166   -8.002  22.834  1.00 27.19 ? 62  HOH A O   1 
HETATM 1537 O  O   . HOH E 4 .   ? -9.827  -12.897 9.552   1.00 26.95 ? 63  HOH A O   1 
HETATM 1538 O  O   . HOH E 4 .   ? -4.062  -20.307 -0.009  1.00 14.29 ? 66  HOH A O   1 
HETATM 1539 O  O   . HOH E 4 .   ? -0.068  -21.906 -0.418  1.00 18.23 ? 68  HOH A O   1 
HETATM 1540 O  O   . HOH E 4 .   ? 10.648  -21.195 -6.401  1.00 15.62 ? 69  HOH A O   1 
HETATM 1541 O  O   . HOH E 4 .   ? -7.107  10.769  -1.256  1.00 19.15 ? 70  HOH A O   1 
HETATM 1542 O  O   . HOH E 4 .   ? 8.188   -2.267  -1.832  1.00 18.69 ? 71  HOH A O   1 
HETATM 1543 O  O   . HOH E 4 .   ? -4.869  8.136   -4.591  1.00 16.35 ? 72  HOH A O   1 
HETATM 1544 O  O   . HOH E 4 .   ? 7.683   6.093   15.286  1.00 19.91 ? 73  HOH A O   1 
HETATM 1545 O  O   . HOH E 4 .   ? -7.275  -5.624  -14.005 1.00 22.43 ? 74  HOH A O   1 
HETATM 1546 O  O   . HOH E 4 .   ? -5.236  -18.576 1.917   1.00 20.47 ? 75  HOH A O   1 
HETATM 1547 O  O   . HOH E 4 .   ? -8.002  -10.270 18.315  1.00 23.51 ? 76  HOH A O   1 
HETATM 1548 O  O   . HOH E 4 .   ? -9.113  -8.202  -7.980  1.00 18.52 ? 77  HOH A O   1 
HETATM 1549 O  O   . HOH E 4 .   ? -5.855  15.127  0.047   1.00 19.59 ? 78  HOH A O   1 
HETATM 1550 O  O   . HOH E 4 .   ? 1.199   10.368  14.204  1.00 19.00 ? 80  HOH A O   1 
HETATM 1551 O  O   . HOH E 4 .   ? 0.783   -2.217  25.657  1.00 19.59 ? 81  HOH A O   1 
HETATM 1552 O  O   . HOH E 4 .   ? -5.871  5.718   -5.531  1.00 22.41 ? 83  HOH A O   1 
HETATM 1553 O  O   . HOH E 4 .   ? -1.408  -12.992 22.367  1.00 24.68 ? 84  HOH A O   1 
HETATM 1554 O  O   . HOH E 4 .   ? -3.278  21.810  -1.988  1.00 25.88 ? 85  HOH A O   1 
HETATM 1555 O  O   . HOH E 4 .   ? 4.538   -1.362  23.567  1.00 19.72 ? 86  HOH A O   1 
HETATM 1556 O  O   . HOH E 4 .   ? 9.447   7.098   11.898  1.00 22.44 ? 87  HOH A O   1 
HETATM 1557 O  O   . HOH E 4 .   ? -2.630  -5.451  -15.491 1.00 23.04 ? 89  HOH A O   1 
HETATM 1558 O  O   . HOH E 4 .   ? 6.997   11.203  10.909  1.00 22.33 ? 90  HOH A O   1 
HETATM 1559 O  O   . HOH E 4 .   ? -3.890  -14.514 22.109  1.00 27.05 ? 91  HOH A O   1 
HETATM 1560 O  O   . HOH E 4 .   ? -5.516  0.139   13.529  1.00 28.25 ? 92  HOH A O   1 
HETATM 1561 O  O   . HOH E 4 .   ? -4.105  4.695   10.011  1.00 21.30 ? 93  HOH A O   1 
HETATM 1562 O  O   . HOH E 4 .   ? 7.735   -20.093 3.608   1.00 27.62 ? 94  HOH A O   1 
HETATM 1563 O  O   . HOH E 4 .   ? -2.360  -18.221 10.293  1.00 23.45 ? 95  HOH A O   1 
HETATM 1564 O  O   . HOH E 4 .   ? -3.558  1.108   12.020  1.00 24.83 ? 96  HOH A O   1 
HETATM 1565 O  O   . HOH E 4 .   ? -1.348  -6.444  25.268  1.00 22.19 ? 97  HOH A O   1 
HETATM 1566 O  O   . HOH E 4 .   ? -6.824  8.807   6.206   1.00 21.76 ? 98  HOH A O   1 
HETATM 1567 O  O   . HOH E 4 .   ? -5.998  -21.401 -1.655  1.00 18.23 ? 99  HOH A O   1 
HETATM 1568 O  O   . HOH E 4 .   ? -5.039  8.840   -1.861  1.00 13.95 ? 100 HOH A O   1 
HETATM 1569 O  O   . HOH E 4 .   ? -2.408  8.565   -22.129 1.00 24.45 ? 101 HOH A O   1 
HETATM 1570 O  O   . HOH E 4 .   ? -5.980  7.816   -16.369 1.00 15.96 ? 102 HOH A O   1 
HETATM 1571 O  O   . HOH E 4 .   ? -1.052  -12.744 -16.568 1.00 27.19 ? 103 HOH A O   1 
HETATM 1572 O  O   . HOH E 4 .   ? 9.542   -4.317  9.141   1.00 27.01 ? 104 HOH A O   1 
HETATM 1573 O  O   . HOH E 4 .   ? 12.107  -11.276 -1.372  1.00 26.59 ? 105 HOH A O   1 
HETATM 1574 O  O   . HOH E 4 .   ? 7.862   2.911   15.089  1.00 25.60 ? 106 HOH A O   1 
HETATM 1575 O  O   . HOH E 4 .   ? 13.359  -4.564  -1.756  1.00 22.38 ? 107 HOH A O   1 
HETATM 1576 O  O   . HOH E 4 .   ? -6.713  9.830   -5.751  1.00 26.85 ? 108 HOH A O   1 
HETATM 1577 O  O   . HOH E 4 .   ? -16.685 5.697   -1.652  1.00 25.96 ? 109 HOH A O   1 
HETATM 1578 O  O   . HOH E 4 .   ? 1.960   -17.295 9.556   1.00 22.73 ? 110 HOH A O   1 
HETATM 1579 O  O   . HOH E 4 .   ? -5.980  15.714  -2.864  1.00 26.12 ? 111 HOH A O   1 
HETATM 1580 O  O   . HOH E 4 .   ? -12.684 2.246   -6.794  1.00 24.12 ? 112 HOH A O   1 
HETATM 1581 O  O   . HOH E 4 .   ? 3.933   -7.235  20.560  1.00 25.40 ? 113 HOH A O   1 
HETATM 1582 O  O   . HOH E 4 .   ? 8.633   4.418   16.925  1.00 48.09 ? 114 HOH A O   1 
HETATM 1583 O  O   . HOH E 4 .   ? -2.059  4.536   -19.220 1.00 24.16 ? 115 HOH A O   1 
HETATM 1584 O  O   . HOH E 4 .   ? 5.189   12.589  12.245  1.00 25.15 ? 116 HOH A O   1 
HETATM 1585 O  O   . HOH E 4 .   ? -4.202  -18.633 7.089   1.00 27.84 ? 117 HOH A O   1 
HETATM 1586 O  O   . HOH E 4 .   ? -9.149  -14.317 7.240   1.00 24.79 ? 118 HOH A O   1 
HETATM 1587 O  O   . HOH E 4 .   ? 7.088   17.530  -5.792  1.00 28.17 ? 119 HOH A O   1 
HETATM 1588 O  O   . HOH E 4 .   ? -2.854  3.725   12.349  1.00 26.56 ? 120 HOH A O   1 
HETATM 1589 O  O   . HOH E 4 .   ? -0.604  24.653  -2.690  1.00 27.23 ? 121 HOH A O   1 
HETATM 1590 O  O   . HOH E 4 .   ? 5.160   -0.493  13.473  1.00 22.98 ? 122 HOH A O   1 
HETATM 1591 O  O   . HOH E 4 .   ? 1.112   26.779  -3.092  1.00 28.36 ? 123 HOH A O   1 
HETATM 1592 O  O   . HOH E 4 .   ? 5.822   -13.219 14.415  1.00 30.48 ? 125 HOH A O   1 
HETATM 1593 O  O   . HOH E 4 .   ? -10.483 3.507   5.363   1.00 27.73 ? 126 HOH A O   1 
HETATM 1594 O  O   . HOH E 4 .   ? -11.563 5.348   -8.808  1.00 27.67 ? 127 HOH A O   1 
HETATM 1595 O  O   . HOH E 4 .   ? 8.753   -13.449 9.277   1.00 27.94 ? 128 HOH A O   1 
HETATM 1596 O  O   . HOH E 4 .   ? -7.148  -18.010 14.844  1.00 26.43 ? 129 HOH A O   1 
HETATM 1597 O  O   . HOH E 4 .   ? -9.008  -10.128 -9.880  1.00 30.20 ? 130 HOH A O   1 
HETATM 1598 O  O   . HOH E 4 .   ? 4.594   18.946  -10.892 1.00 26.91 ? 131 HOH A O   1 
HETATM 1599 O  O   . HOH E 4 .   ? -1.456  -3.812  25.567  1.00 25.21 ? 132 HOH A O   1 
HETATM 1600 O  O   . HOH E 4 .   ? -8.130  10.038  -8.966  1.00 28.36 ? 133 HOH A O   1 
HETATM 1601 O  O   . HOH E 4 .   ? -8.483  -11.984 -6.191  1.00 26.58 ? 134 HOH A O   1 
HETATM 1602 O  O   . HOH E 4 .   ? -5.220  -18.814 10.665  1.00 31.54 ? 135 HOH A O   1 
HETATM 1603 O  O   . HOH E 4 .   ? -5.933  9.251   8.728   1.00 28.39 ? 136 HOH A O   1 
HETATM 1604 O  O   . HOH E 4 .   ? 9.730   4.834   9.019   1.00 35.46 ? 137 HOH A O   1 
HETATM 1605 O  O   . HOH E 4 .   ? 11.557  -18.110 -6.107  1.00 23.11 ? 138 HOH A O   1 
HETATM 1606 O  O   . HOH E 4 .   ? -4.425  -19.589 4.415   1.00 28.08 ? 139 HOH A O   1 
HETATM 1607 O  O   . HOH E 4 .   ? -6.660  14.172  -8.081  1.00 31.91 ? 140 HOH A O   1 
HETATM 1608 O  O   . HOH E 4 .   ? -6.340  2.607   -15.764 1.00 31.89 ? 141 HOH A O   1 
HETATM 1609 O  O   . HOH E 4 .   ? 11.036  -5.046  2.713   1.00 34.31 ? 142 HOH A O   1 
HETATM 1610 O  O   . HOH E 4 .   ? 8.895   11.132  -5.410  1.00 33.39 ? 143 HOH A O   1 
HETATM 1611 O  O   . HOH E 4 .   ? -9.600  -4.395  -14.884 1.00 31.53 ? 144 HOH A O   1 
HETATM 1612 O  O   . HOH E 4 .   ? -10.498 -9.534  1.119   1.00 31.81 ? 145 HOH A O   1 
HETATM 1613 O  O   . HOH E 4 .   ? 13.009  0.466   -14.439 1.00 37.16 ? 146 HOH A O   1 
HETATM 1614 O  O   . HOH E 4 .   ? -11.690 -7.057  0.840   1.00 29.85 ? 147 HOH A O   1 
HETATM 1615 O  O   . HOH E 4 .   ? 7.219   -2.300  12.555  1.00 27.06 ? 148 HOH A O   1 
HETATM 1616 O  O   . HOH E 4 .   ? -9.530  -6.768  20.878  1.00 30.56 ? 149 HOH A O   1 
HETATM 1617 O  O   . HOH E 4 .   ? -8.315  -17.132 4.111   1.00 27.50 ? 150 HOH A O   1 
HETATM 1618 O  O   . HOH E 4 .   ? -5.420  20.195  -1.726  1.00 34.77 ? 151 HOH A O   1 
HETATM 1619 O  O   . HOH E 4 .   ? 0.459   11.804  11.470  1.00 37.99 ? 152 HOH A O   1 
HETATM 1620 O  O   . HOH E 4 .   ? 7.048   11.347  -8.407  1.00 33.54 ? 153 HOH A O   1 
HETATM 1621 O  O   . HOH E 4 .   ? 5.190   -8.692  16.585  1.00 35.02 ? 154 HOH A O   1 
HETATM 1622 O  O   . HOH E 4 .   ? 12.025  9.356   3.267   1.00 32.77 ? 155 HOH A O   1 
HETATM 1623 O  O   . HOH E 4 .   ? -14.719 2.038   -8.464  1.00 36.17 ? 156 HOH A O   1 
HETATM 1624 O  O   . HOH E 4 .   ? -2.029  -20.948 13.186  1.00 35.48 ? 157 HOH A O   1 
HETATM 1625 O  O   . HOH E 4 .   ? 4.079   6.380   -18.853 1.00 32.00 ? 158 HOH A O   1 
HETATM 1626 O  O   . HOH E 4 .   ? -8.425  0.767   -15.881 1.00 35.44 ? 159 HOH A O   1 
HETATM 1627 O  O   . HOH E 4 .   ? 3.701   -3.308  18.025  1.00 28.75 ? 160 HOH A O   1 
HETATM 1628 O  O   . HOH E 4 .   ? -13.719 -4.612  -11.316 1.00 35.52 ? 161 HOH A O   1 
HETATM 1629 O  O   . HOH E 4 .   ? 8.338   -6.952  11.910  1.00 28.90 ? 162 HOH A O   1 
HETATM 1630 O  O   . HOH E 4 .   ? -9.009  -15.814 11.862  1.00 34.12 ? 163 HOH A O   1 
HETATM 1631 O  O   . HOH E 4 .   ? 0.052   -17.682 11.503  1.00 31.97 ? 164 HOH A O   1 
HETATM 1632 O  O   . HOH E 4 .   ? -2.448  -22.608 1.332   1.00 30.61 ? 165 HOH A O   1 
HETATM 1633 O  O   . HOH E 4 .   ? 8.750   12.452  9.224   1.00 29.71 ? 166 HOH A O   1 
HETATM 1634 O  O   . HOH E 4 .   ? -11.047 3.044   -11.244 1.00 35.76 ? 167 HOH A O   1 
HETATM 1635 O  O   . HOH E 4 .   ? 8.824   9.703   12.792  1.00 34.08 ? 168 HOH A O   1 
HETATM 1636 O  O   . HOH E 4 .   ? -11.287 -9.285  -4.312  1.00 33.93 ? 169 HOH A O   1 
HETATM 1637 O  O   . HOH E 4 .   ? -6.156  1.694   15.911  1.00 40.94 ? 170 HOH A O   1 
HETATM 1638 O  O   . HOH E 4 .   ? -9.431  8.316   5.831   1.00 32.42 ? 171 HOH A O   1 
HETATM 1639 O  O   . HOH E 4 .   ? 5.852   -10.852 -16.458 1.00 37.96 ? 172 HOH A O   1 
HETATM 1640 O  O   . HOH E 4 .   ? 6.326   -15.884 13.260  1.00 40.97 ? 174 HOH A O   1 
HETATM 1641 O  O   . HOH E 4 .   ? 3.021   11.605  10.884  1.00 31.72 ? 175 HOH A O   1 
HETATM 1642 O  O   . HOH E 4 .   ? 12.320  -6.089  -16.832 1.00 31.42 ? 176 HOH A O   1 
HETATM 1643 O  O   . HOH E 4 .   ? -6.705  -11.479 -12.877 1.00 33.52 ? 177 HOH A O   1 
HETATM 1644 O  O   . HOH E 4 .   ? -1.821  17.107  6.678   1.00 31.44 ? 178 HOH A O   1 
HETATM 1645 O  O   . HOH E 4 .   ? -5.889  17.471  1.518   1.00 30.58 ? 181 HOH A O   1 
HETATM 1646 O  O   . HOH E 4 .   ? 1.701   -15.155 20.100  1.00 34.70 ? 182 HOH A O   1 
HETATM 1647 O  O   . HOH E 4 .   ? -4.420  6.132   14.042  1.00 26.44 ? 183 HOH A O   1 
HETATM 1648 O  O   . HOH E 4 .   ? -5.429  7.736   12.140  1.00 34.75 ? 184 HOH A O   1 
HETATM 1649 O  O   . HOH E 4 .   ? 16.678  5.106   -13.282 1.00 40.79 ? 185 HOH A O   1 
HETATM 1650 O  O   . HOH E 4 .   ? -8.736  21.734  -8.772  1.00 28.00 ? 186 HOH A O   1 
HETATM 1651 O  O   . HOH E 4 .   ? 9.665   2.401   10.249  1.00 38.44 ? 187 HOH A O   1 
HETATM 1652 O  O   . HOH E 4 .   ? 12.887  5.936   2.758   1.00 32.13 ? 188 HOH A O   1 
HETATM 1653 O  O   . HOH E 4 .   ? -8.955  -17.475 -0.005  1.00 34.26 ? 189 HOH A O   1 
HETATM 1654 O  O   . HOH E 4 .   ? -7.755  7.943   -7.213  1.00 29.19 ? 192 HOH A O   1 
HETATM 1655 O  O   . HOH E 4 .   ? 13.924  7.789   0.997   1.00 43.00 ? 193 HOH A O   1 
HETATM 1656 O  O   . HOH E 4 .   ? -7.748  -12.314 -8.709  1.00 33.32 ? 194 HOH A O   1 
HETATM 1657 O  O   . HOH E 4 .   ? 2.267   14.923  9.968   1.00 37.51 ? 195 HOH A O   1 
HETATM 1658 O  O   . HOH E 4 .   ? -6.663  11.475  5.403   1.00 32.68 ? 196 HOH A O   1 
HETATM 1659 O  O   . HOH E 4 .   ? -8.014  -16.812 -5.091  1.00 30.37 ? 197 HOH A O   1 
HETATM 1660 O  O   . HOH E 4 .   ? 2.520   -22.336 0.538   1.00 42.08 ? 198 HOH A O   1 
HETATM 1661 O  O   . HOH E 4 .   ? 1.335   8.506   -20.209 1.00 37.68 ? 199 HOH A O   1 
HETATM 1662 O  O   . HOH E 4 .   ? 6.470   -16.234 10.638  1.00 33.03 ? 200 HOH A O   1 
HETATM 1663 O  O   . HOH E 4 .   ? 9.168   -21.497 -2.906  1.00 36.61 ? 201 HOH A O   1 
HETATM 1664 O  O   . HOH E 4 .   ? -6.696  7.878   -19.126 1.00 21.09 ? 202 HOH A O   1 
HETATM 1665 O  O   . HOH E 4 .   ? 4.669   -18.079 10.191  1.00 32.59 ? 203 HOH A O   1 
HETATM 1666 O  O   . HOH E 4 .   ? -6.651  -16.958 12.315  1.00 33.11 ? 204 HOH A O   1 
HETATM 1667 O  O   . HOH E 4 .   ? 6.209   -5.006  16.930  1.00 32.71 ? 205 HOH A O   1 
HETATM 1668 O  O   . HOH E 4 .   ? -7.296  -4.971  27.680  1.00 30.56 ? 206 HOH A O   1 
HETATM 1669 O  O   . HOH E 4 .   ? -10.808 -6.844  10.119  1.00 31.85 ? 207 HOH A O   1 
HETATM 1670 O  O   . HOH E 4 .   ? 0.165   23.225  0.261   1.00 33.00 ? 208 HOH A O   1 
HETATM 1671 O  O   . HOH E 4 .   ? -10.305 6.094   4.927   1.00 38.71 ? 209 HOH A O   1 
HETATM 1672 O  O   . HOH E 4 .   ? -5.635  4.811   -17.310 1.00 31.22 ? 210 HOH A O   1 
HETATM 1673 O  O   . HOH E 4 .   ? -8.452  -20.010 -1.106  1.00 30.93 ? 211 HOH A O   1 
HETATM 1674 O  O   . HOH E 4 .   ? 12.973  -13.688 -1.206  1.00 36.16 ? 212 HOH A O   1 
HETATM 1675 O  O   . HOH E 4 .   ? -0.328  -9.210  -16.401 1.00 35.46 ? 213 HOH A O   1 
HETATM 1676 O  O   . HOH E 4 .   ? 13.029  -0.576  -12.227 1.00 32.84 ? 214 HOH A O   1 
HETATM 1677 O  O   . HOH E 4 .   ? 9.091   -10.737 8.270   1.00 33.02 ? 215 HOH A O   1 
HETATM 1678 O  O   . HOH E 4 .   ? 11.122  -6.466  8.649   1.00 35.42 ? 216 HOH A O   1 
HETATM 1679 O  O   . HOH E 4 .   ? 1.254   -18.295 13.653  1.00 34.77 ? 217 HOH A O   1 
HETATM 1680 O  O   . HOH E 4 .   ? -11.280 -4.578  11.274  1.00 38.88 ? 218 HOH A O   1 
HETATM 1681 O  O   . HOH E 4 .   ? -10.627 -9.261  11.178  1.00 35.16 ? 219 HOH A O   1 
HETATM 1682 O  O   . HOH E 4 .   ? -7.663  11.522  -3.867  1.00 34.08 ? 220 HOH A O   1 
HETATM 1683 O  O   . HOH E 4 .   ? -3.038  20.899  1.721   1.00 34.70 ? 221 HOH A O   1 
HETATM 1684 O  O   . HOH E 4 .   ? 9.538   -8.616  10.123  1.00 34.56 ? 222 HOH A O   1 
HETATM 1685 O  O   . HOH E 4 .   ? 12.140  5.521   7.925   1.00 35.74 ? 223 HOH A O   1 
HETATM 1686 O  O   . HOH E 4 .   ? 8.302   19.673  0.051   1.00 33.05 ? 224 HOH A O   1 
HETATM 1687 O  O   . HOH E 4 .   ? 11.206  -7.144  5.842   1.00 37.31 ? 225 HOH A O   1 
HETATM 1688 O  O   . HOH E 4 .   ? -0.279  14.685  10.460  1.00 37.30 ? 226 HOH A O   1 
HETATM 1689 O  O   . HOH E 4 .   ? 11.517  -3.880  5.098   1.00 34.07 ? 227 HOH A O   1 
HETATM 1690 O  O   . HOH E 4 .   ? -12.317 -7.200  -1.754  1.00 36.14 ? 228 HOH A O   1 
HETATM 1691 O  O   . HOH E 4 .   ? 10.861  -0.060  7.251   1.00 42.11 ? 229 HOH A O   1 
HETATM 1692 O  O   . HOH E 4 .   ? 11.176  -10.377 4.505   1.00 37.83 ? 230 HOH A O   1 
HETATM 1693 O  O   . HOH E 4 .   ? -8.851  -2.984  10.377  1.00 35.33 ? 231 HOH A O   1 
HETATM 1694 O  O   . HOH E 4 .   ? 2.198   20.385  7.057   1.00 36.02 ? 232 HOH A O   1 
HETATM 1695 O  O   . HOH E 4 .   ? -3.740  19.009  5.495   1.00 32.48 ? 233 HOH A O   1 
HETATM 1696 O  O   . HOH E 4 .   ? -8.819  -14.295 -10.095 1.00 34.19 ? 234 HOH A O   1 
HETATM 1697 O  O   . HOH E 4 .   ? 9.965   -5.719  13.600  1.00 34.63 ? 235 HOH A O   1 
HETATM 1698 O  O   . HOH E 4 .   ? -8.377  9.946   -19.843 1.00 18.55 ? 236 HOH A O   1 
# 
loop_
_pdbx_poly_seq_scheme.asym_id 
_pdbx_poly_seq_scheme.entity_id 
_pdbx_poly_seq_scheme.seq_id 
_pdbx_poly_seq_scheme.mon_id 
_pdbx_poly_seq_scheme.ndb_seq_num 
_pdbx_poly_seq_scheme.pdb_seq_num 
_pdbx_poly_seq_scheme.auth_seq_num 
_pdbx_poly_seq_scheme.pdb_mon_id 
_pdbx_poly_seq_scheme.auth_mon_id 
_pdbx_poly_seq_scheme.pdb_strand_id 
_pdbx_poly_seq_scheme.pdb_ins_code 
_pdbx_poly_seq_scheme.hetero 
A 1 1   MET 1   376 376 MET MET A . n 
A 1 2   GLU 2   377 377 GLU GLU A . n 
A 1 3   LEU 3   378 378 LEU LEU A . n 
A 1 4   ILE 4   379 379 ILE ILE A . n 
A 1 5   GLY 5   380 380 GLY GLY A . n 
A 1 6   ASP 6   381 381 ASP ASP A . n 
A 1 7   TYR 7   382 382 TYR TYR A . n 
A 1 8   SER 8   383 383 SER SER A . n 
A 1 9   LYS 9   384 384 LYS LYS A . n 
A 1 10  ALA 10  385 385 ALA ALA A . n 
A 1 11  PHE 11  386 386 PHE PHE A . n 
A 1 12  LEU 12  387 387 LEU LEU A . n 
A 1 13  LEU 13  388 388 LEU LEU A . n 
A 1 14  GLN 14  389 389 GLN GLN A . n 
A 1 15  THR 15  390 390 THR THR A . n 
A 1 16  VAL 16  391 391 VAL VAL A . n 
A 1 17  ASP 17  392 392 ASP ASP A . n 
A 1 18  GLY 18  393 393 GLY GLY A . n 
A 1 19  LYS 19  394 394 LYS LYS A . n 
A 1 20  HIS 20  395 395 HIS HIS A . n 
A 1 21  GLN 21  396 396 GLN GLN A . n 
A 1 22  ASP 22  397 397 ASP ASP A . n 
A 1 23  LEU 23  398 398 LEU LEU A . n 
A 1 24  LYS 24  399 399 LYS LYS A . n 
A 1 25  TYR 25  400 400 TYR TYR A . n 
A 1 26  ILE 26  401 401 ILE ILE A . n 
A 1 27  SER 27  402 402 SER SER A . n 
A 1 28  PRO 28  403 403 PRO PRO A . n 
A 1 29  GLU 29  404 404 GLU GLU A . n 
A 1 30  THR 30  405 405 THR THR A . n 
A 1 31  MET 31  406 406 MET MET A . n 
A 1 32  VAL 32  407 407 VAL VAL A . n 
A 1 33  ALA 33  408 408 ALA ALA A . n 
A 1 34  LEU 34  409 409 LEU LEU A . n 
A 1 35  LEU 35  410 410 LEU LEU A . n 
A 1 36  THR 36  411 411 THR THR A . n 
A 1 37  GLY 37  412 412 GLY GLY A . n 
A 1 38  LYS 38  413 413 LYS LYS A . n 
A 1 39  PHE 39  414 414 PHE PHE A . n 
A 1 40  SER 40  415 415 SER SER A . n 
A 1 41  ASN 41  416 416 ASN ASN A . n 
A 1 42  ILE 42  417 417 ILE ILE A . n 
A 1 43  VAL 43  418 418 VAL VAL A . n 
A 1 44  ASP 44  419 419 ASP ASP A . n 
A 1 45  LYS 45  420 420 LYS LYS A . n 
A 1 46  PHE 46  421 421 PHE PHE A . n 
A 1 47  VAL 47  422 422 VAL VAL A . n 
A 1 48  ILE 48  423 423 ILE ILE A . n 
A 1 49  VAL 49  424 424 VAL VAL A . n 
A 1 50  ASP 50  425 425 ASP ASP A . n 
A 1 51  CYS 51  426 426 CYS CYS A . n 
A 1 52  ARG 52  427 427 ARG ARG A . n 
A 1 53  TYR 53  428 428 TYR TYR A . n 
A 1 54  PRO 54  429 429 PRO PRO A . n 
A 1 55  TYR 55  430 430 TYR TYR A . n 
A 1 56  GLU 56  431 431 GLU GLU A . n 
A 1 57  TYR 57  432 432 TYR TYR A . n 
A 1 58  GLU 58  433 433 GLU GLU A . n 
A 1 59  GLY 59  434 434 GLY GLY A . n 
A 1 60  GLY 60  435 435 GLY GLY A . n 
A 1 61  HIS 61  436 436 HIS HIS A . n 
A 1 62  ILE 62  437 437 ILE ILE A . n 
A 1 63  LYS 63  438 438 LYS LYS A . n 
A 1 64  THR 64  439 439 THR THR A . n 
A 1 65  ALA 65  440 440 ALA ALA A . n 
A 1 66  VAL 66  441 441 VAL VAL A . n 
A 1 67  ASN 67  442 442 ASN ASN A . n 
A 1 68  LEU 68  443 443 LEU LEU A . n 
A 1 69  PRO 69  444 444 PRO PRO A . n 
A 1 70  LEU 70  445 445 LEU LEU A . n 
A 1 71  GLU 71  446 446 GLU GLU A . n 
A 1 72  ARG 72  447 447 ARG ARG A . n 
A 1 73  ASP 73  448 448 ASP ASP A . n 
A 1 74  ALA 74  449 449 ALA ALA A . n 
A 1 75  GLU 75  450 450 GLU GLU A . n 
A 1 76  SER 76  451 451 SER SER A . n 
A 1 77  PHE 77  452 452 PHE PHE A . n 
A 1 78  LEU 78  453 453 LEU LEU A . n 
A 1 79  LEU 79  454 454 LEU LEU A . n 
A 1 80  LYS 80  455 455 LYS LYS A . n 
A 1 81  SER 81  456 456 SER SER A . n 
A 1 82  PRO 82  457 457 PRO PRO A . n 
A 1 83  ILE 83  458 458 ILE ILE A . n 
A 1 84  ALA 84  459 459 ALA ALA A . n 
A 1 85  PRO 85  460 460 PRO PRO A . n 
A 1 86  CYS 86  461 ?   ?   ?   A . n 
A 1 87  SER 87  462 ?   ?   ?   A . n 
A 1 88  LEU 88  463 ?   ?   ?   A . n 
A 1 89  ASP 89  464 ?   ?   ?   A . n 
A 1 90  LYS 90  465 465 LYS LYS A . n 
A 1 91  ARG 91  466 466 ARG ARG A . n 
A 1 92  VAL 92  467 467 VAL VAL A . n 
A 1 93  ILE 93  468 468 ILE ILE A . n 
A 1 94  LEU 94  469 469 LEU LEU A . n 
A 1 95  ILE 95  470 470 ILE ILE A . n 
A 1 96  PHE 96  471 471 PHE PHE A . n 
A 1 97  HIS 97  472 472 HIS HIS A . n 
A 1 98  SER 98  473 473 SER SER A . n 
A 1 99  GLU 99  474 474 GLU GLU A . n 
A 1 100 PHE 100 475 475 PHE PHE A . n 
A 1 101 SER 101 476 476 SER SER A . n 
A 1 102 SER 102 477 477 SER SER A . n 
A 1 103 GLU 103 478 478 GLU GLU A . n 
A 1 104 ARG 104 479 479 ARG ARG A . n 
A 1 105 GLY 105 480 480 GLY GLY A . n 
A 1 106 PRO 106 481 481 PRO PRO A . n 
A 1 107 ARG 107 482 482 ARG ARG A . n 
A 1 108 MET 108 483 483 MET MET A . n 
A 1 109 CYS 109 484 484 CYS CYS A . n 
A 1 110 ARG 110 485 485 ARG ARG A . n 
A 1 111 PHE 111 486 486 PHE PHE A . n 
A 1 112 ILE 112 487 487 ILE ILE A . n 
A 1 113 ARG 113 488 488 ARG ARG A . n 
A 1 114 GLU 114 489 489 GLU GLU A . n 
A 1 115 ARG 115 490 490 ARG ARG A . n 
A 1 116 ASP 116 491 491 ASP ASP A . n 
A 1 117 ARG 117 492 492 ARG ARG A . n 
A 1 118 ALA 118 493 493 ALA ALA A . n 
A 1 119 VAL 119 494 494 VAL VAL A . n 
A 1 120 ASN 120 495 495 ASN ASN A . n 
A 1 121 ASP 121 496 496 ASP ASP A . n 
A 1 122 TYR 122 497 497 TYR TYR A . n 
A 1 123 PRO 123 498 498 PRO PRO A . n 
A 1 124 SER 124 499 499 SER SER A . n 
A 1 125 LEU 125 500 500 LEU LEU A . n 
A 1 126 TYR 126 501 501 TYR TYR A . n 
A 1 127 TYR 127 502 502 TYR TYR A . n 
A 1 128 PRO 128 503 503 PRO PRO A . n 
A 1 129 GLU 129 504 504 GLU GLU A . n 
A 1 130 MET 130 505 505 MET MET A . n 
A 1 131 TYR 131 506 506 TYR TYR A . n 
A 1 132 ILE 132 507 507 ILE ILE A . n 
A 1 133 LEU 133 508 508 LEU LEU A . n 
A 1 134 LYS 134 509 509 LYS LYS A . n 
A 1 135 GLY 135 510 510 GLY GLY A . n 
A 1 136 GLY 136 511 511 GLY GLY A . n 
A 1 137 TYR 137 512 512 TYR TYR A . n 
A 1 138 LYS 138 513 513 LYS LYS A . n 
A 1 139 GLU 139 514 514 GLU GLU A . n 
A 1 140 PHE 140 515 515 PHE PHE A . n 
A 1 141 PHE 141 516 516 PHE PHE A . n 
A 1 142 PRO 142 517 517 PRO PRO A . n 
A 1 143 GLN 143 518 518 GLN GLN A . n 
A 1 144 HIS 144 519 519 HIS HIS A . n 
A 1 145 PRO 145 520 520 PRO PRO A . n 
A 1 146 ASN 146 521 521 ASN ASN A . n 
A 1 147 PHE 147 522 522 PHE PHE A . n 
A 1 148 CYS 148 523 523 CYS CYS A . n 
A 1 149 GLU 149 524 524 GLU GLU A . n 
A 1 150 PRO 150 525 525 PRO PRO A . n 
A 1 151 GLN 151 526 526 GLN GLN A . n 
A 1 152 ASP 152 527 527 ASP ASP A . n 
A 1 153 TYR 153 528 528 TYR TYR A . n 
A 1 154 ARG 154 529 529 ARG ARG A . n 
A 1 155 PRO 155 530 530 PRO PRO A . n 
A 1 156 MET 156 531 531 MET MET A . n 
A 1 157 ASN 157 532 532 ASN ASN A . n 
A 1 158 HIS 158 533 533 HIS HIS A . n 
A 1 159 GLU 159 534 534 GLU GLU A . n 
A 1 160 ALA 160 535 535 ALA ALA A . n 
A 1 161 PHE 161 536 536 PHE PHE A . n 
A 1 162 LYS 162 537 537 LYS LYS A . n 
A 1 163 ASP 163 538 538 ASP ASP A . n 
A 1 164 GLU 164 539 539 GLU GLU A . n 
A 1 165 LEU 165 540 540 LEU LEU A . n 
A 1 166 LYS 166 541 541 LYS LYS A . n 
A 1 167 THR 167 542 542 THR THR A . n 
A 1 168 PHE 168 543 543 PHE PHE A . n 
A 1 169 ARG 169 544 544 ARG ARG A . n 
A 1 170 LEU 170 545 545 LEU LEU A . n 
A 1 171 LYS 171 546 546 LYS LYS A . n 
A 1 172 THR 172 547 547 THR THR A . n 
A 1 173 ARG 173 548 548 ARG ARG A . n 
A 1 174 SER 174 549 549 SER SER A . n 
A 1 175 TRP 175 550 550 TRP TRP A . n 
# 
loop_
_pdbx_nonpoly_scheme.asym_id 
_pdbx_nonpoly_scheme.entity_id 
_pdbx_nonpoly_scheme.mon_id 
_pdbx_nonpoly_scheme.ndb_seq_num 
_pdbx_nonpoly_scheme.pdb_seq_num 
_pdbx_nonpoly_scheme.auth_seq_num 
_pdbx_nonpoly_scheme.pdb_mon_id 
_pdbx_nonpoly_scheme.auth_mon_id 
_pdbx_nonpoly_scheme.pdb_strand_id 
_pdbx_nonpoly_scheme.pdb_ins_code 
B 2 CL  1   551 501 CL  CL  A . 
C 2 CL  1   552 502 CL  CL  A . 
D 3 SO4 1   553 401 SO4 SO4 A . 
E 4 HOH 1   1   1   HOH HOH A . 
E 4 HOH 2   2   2   HOH HOH A . 
E 4 HOH 3   3   3   HOH HOH A . 
E 4 HOH 4   4   4   HOH HOH A . 
E 4 HOH 5   5   5   HOH HOH A . 
E 4 HOH 6   6   6   HOH HOH A . 
E 4 HOH 7   7   7   HOH HOH A . 
E 4 HOH 8   8   8   HOH HOH A . 
E 4 HOH 9   9   9   HOH HOH A . 
E 4 HOH 10  10  10  HOH HOH A . 
E 4 HOH 11  11  11  HOH HOH A . 
E 4 HOH 12  12  12  HOH HOH A . 
E 4 HOH 13  13  13  HOH HOH A . 
E 4 HOH 14  14  14  HOH HOH A . 
E 4 HOH 15  15  15  HOH HOH A . 
E 4 HOH 16  16  16  HOH HOH A . 
E 4 HOH 17  17  17  HOH HOH A . 
E 4 HOH 18  18  18  HOH HOH A . 
E 4 HOH 19  19  19  HOH HOH A . 
E 4 HOH 20  20  20  HOH HOH A . 
E 4 HOH 21  21  21  HOH HOH A . 
E 4 HOH 22  22  22  HOH HOH A . 
E 4 HOH 23  23  23  HOH HOH A . 
E 4 HOH 24  24  24  HOH HOH A . 
E 4 HOH 25  25  25  HOH HOH A . 
E 4 HOH 26  26  26  HOH HOH A . 
E 4 HOH 27  27  27  HOH HOH A . 
E 4 HOH 28  28  28  HOH HOH A . 
E 4 HOH 29  29  29  HOH HOH A . 
E 4 HOH 30  31  31  HOH HOH A . 
E 4 HOH 31  32  32  HOH HOH A . 
E 4 HOH 32  33  33  HOH HOH A . 
E 4 HOH 33  35  35  HOH HOH A . 
E 4 HOH 34  36  36  HOH HOH A . 
E 4 HOH 35  38  38  HOH HOH A . 
E 4 HOH 36  39  39  HOH HOH A . 
E 4 HOH 37  40  40  HOH HOH A . 
E 4 HOH 38  41  41  HOH HOH A . 
E 4 HOH 39  42  42  HOH HOH A . 
E 4 HOH 40  43  43  HOH HOH A . 
E 4 HOH 41  46  46  HOH HOH A . 
E 4 HOH 42  47  47  HOH HOH A . 
E 4 HOH 43  48  48  HOH HOH A . 
E 4 HOH 44  49  49  HOH HOH A . 
E 4 HOH 45  50  50  HOH HOH A . 
E 4 HOH 46  51  51  HOH HOH A . 
E 4 HOH 47  52  52  HOH HOH A . 
E 4 HOH 48  53  53  HOH HOH A . 
E 4 HOH 49  54  54  HOH HOH A . 
E 4 HOH 50  55  55  HOH HOH A . 
E 4 HOH 51  56  56  HOH HOH A . 
E 4 HOH 52  57  57  HOH HOH A . 
E 4 HOH 53  58  58  HOH HOH A . 
E 4 HOH 54  59  59  HOH HOH A . 
E 4 HOH 55  60  60  HOH HOH A . 
E 4 HOH 56  61  61  HOH HOH A . 
E 4 HOH 57  62  62  HOH HOH A . 
E 4 HOH 58  63  63  HOH HOH A . 
E 4 HOH 59  66  66  HOH HOH A . 
E 4 HOH 60  68  68  HOH HOH A . 
E 4 HOH 61  69  69  HOH HOH A . 
E 4 HOH 62  70  70  HOH HOH A . 
E 4 HOH 63  71  71  HOH HOH A . 
E 4 HOH 64  72  72  HOH HOH A . 
E 4 HOH 65  73  73  HOH HOH A . 
E 4 HOH 66  74  74  HOH HOH A . 
E 4 HOH 67  75  75  HOH HOH A . 
E 4 HOH 68  76  76  HOH HOH A . 
E 4 HOH 69  77  77  HOH HOH A . 
E 4 HOH 70  78  78  HOH HOH A . 
E 4 HOH 71  80  80  HOH HOH A . 
E 4 HOH 72  81  81  HOH HOH A . 
E 4 HOH 73  83  83  HOH HOH A . 
E 4 HOH 74  84  84  HOH HOH A . 
E 4 HOH 75  85  85  HOH HOH A . 
E 4 HOH 76  86  86  HOH HOH A . 
E 4 HOH 77  87  87  HOH HOH A . 
E 4 HOH 78  89  89  HOH HOH A . 
E 4 HOH 79  90  90  HOH HOH A . 
E 4 HOH 80  91  91  HOH HOH A . 
E 4 HOH 81  92  92  HOH HOH A . 
E 4 HOH 82  93  93  HOH HOH A . 
E 4 HOH 83  94  94  HOH HOH A . 
E 4 HOH 84  95  95  HOH HOH A . 
E 4 HOH 85  96  96  HOH HOH A . 
E 4 HOH 86  97  97  HOH HOH A . 
E 4 HOH 87  98  98  HOH HOH A . 
E 4 HOH 88  99  99  HOH HOH A . 
E 4 HOH 89  100 100 HOH HOH A . 
E 4 HOH 90  101 101 HOH HOH A . 
E 4 HOH 91  102 102 HOH HOH A . 
E 4 HOH 92  103 103 HOH HOH A . 
E 4 HOH 93  104 104 HOH HOH A . 
E 4 HOH 94  105 105 HOH HOH A . 
E 4 HOH 95  106 106 HOH HOH A . 
E 4 HOH 96  107 107 HOH HOH A . 
E 4 HOH 97  108 108 HOH HOH A . 
E 4 HOH 98  109 109 HOH HOH A . 
E 4 HOH 99  110 110 HOH HOH A . 
E 4 HOH 100 111 111 HOH HOH A . 
E 4 HOH 101 112 112 HOH HOH A . 
E 4 HOH 102 113 113 HOH HOH A . 
E 4 HOH 103 114 114 HOH HOH A . 
E 4 HOH 104 115 115 HOH HOH A . 
E 4 HOH 105 116 116 HOH HOH A . 
E 4 HOH 106 117 117 HOH HOH A . 
E 4 HOH 107 118 118 HOH HOH A . 
E 4 HOH 108 119 119 HOH HOH A . 
E 4 HOH 109 120 120 HOH HOH A . 
E 4 HOH 110 121 121 HOH HOH A . 
E 4 HOH 111 122 122 HOH HOH A . 
E 4 HOH 112 123 123 HOH HOH A . 
E 4 HOH 113 125 125 HOH HOH A . 
E 4 HOH 114 126 126 HOH HOH A . 
E 4 HOH 115 127 127 HOH HOH A . 
E 4 HOH 116 128 128 HOH HOH A . 
E 4 HOH 117 129 129 HOH HOH A . 
E 4 HOH 118 130 130 HOH HOH A . 
E 4 HOH 119 131 131 HOH HOH A . 
E 4 HOH 120 132 132 HOH HOH A . 
E 4 HOH 121 133 133 HOH HOH A . 
E 4 HOH 122 134 134 HOH HOH A . 
E 4 HOH 123 135 135 HOH HOH A . 
E 4 HOH 124 136 136 HOH HOH A . 
E 4 HOH 125 137 137 HOH HOH A . 
E 4 HOH 126 138 138 HOH HOH A . 
E 4 HOH 127 139 139 HOH HOH A . 
E 4 HOH 128 140 140 HOH HOH A . 
E 4 HOH 129 141 141 HOH HOH A . 
E 4 HOH 130 142 142 HOH HOH A . 
E 4 HOH 131 143 143 HOH HOH A . 
E 4 HOH 132 144 144 HOH HOH A . 
E 4 HOH 133 145 145 HOH HOH A . 
E 4 HOH 134 146 146 HOH HOH A . 
E 4 HOH 135 147 147 HOH HOH A . 
E 4 HOH 136 148 148 HOH HOH A . 
E 4 HOH 137 149 149 HOH HOH A . 
E 4 HOH 138 150 150 HOH HOH A . 
E 4 HOH 139 151 151 HOH HOH A . 
E 4 HOH 140 152 152 HOH HOH A . 
E 4 HOH 141 153 153 HOH HOH A . 
E 4 HOH 142 154 154 HOH HOH A . 
E 4 HOH 143 155 155 HOH HOH A . 
E 4 HOH 144 156 156 HOH HOH A . 
E 4 HOH 145 157 157 HOH HOH A . 
E 4 HOH 146 158 158 HOH HOH A . 
E 4 HOH 147 159 159 HOH HOH A . 
E 4 HOH 148 160 160 HOH HOH A . 
E 4 HOH 149 161 161 HOH HOH A . 
E 4 HOH 150 162 162 HOH HOH A . 
E 4 HOH 151 163 163 HOH HOH A . 
E 4 HOH 152 164 164 HOH HOH A . 
E 4 HOH 153 165 165 HOH HOH A . 
E 4 HOH 154 166 166 HOH HOH A . 
E 4 HOH 155 167 167 HOH HOH A . 
E 4 HOH 156 168 168 HOH HOH A . 
E 4 HOH 157 169 169 HOH HOH A . 
E 4 HOH 158 170 170 HOH HOH A . 
E 4 HOH 159 171 171 HOH HOH A . 
E 4 HOH 160 172 172 HOH HOH A . 
E 4 HOH 161 174 174 HOH HOH A . 
E 4 HOH 162 175 175 HOH HOH A . 
E 4 HOH 163 176 176 HOH HOH A . 
E 4 HOH 164 177 177 HOH HOH A . 
E 4 HOH 165 178 178 HOH HOH A . 
E 4 HOH 166 181 181 HOH HOH A . 
E 4 HOH 167 182 182 HOH HOH A . 
E 4 HOH 168 183 183 HOH HOH A . 
E 4 HOH 169 184 184 HOH HOH A . 
E 4 HOH 170 185 185 HOH HOH A . 
E 4 HOH 171 186 186 HOH HOH A . 
E 4 HOH 172 187 187 HOH HOH A . 
E 4 HOH 173 188 188 HOH HOH A . 
E 4 HOH 174 189 189 HOH HOH A . 
E 4 HOH 175 192 192 HOH HOH A . 
E 4 HOH 176 193 193 HOH HOH A . 
E 4 HOH 177 194 194 HOH HOH A . 
E 4 HOH 178 195 195 HOH HOH A . 
E 4 HOH 179 196 196 HOH HOH A . 
E 4 HOH 180 197 197 HOH HOH A . 
E 4 HOH 181 198 198 HOH HOH A . 
E 4 HOH 182 199 199 HOH HOH A . 
E 4 HOH 183 200 200 HOH HOH A . 
E 4 HOH 184 201 201 HOH HOH A . 
E 4 HOH 185 202 202 HOH HOH A . 
E 4 HOH 186 203 203 HOH HOH A . 
E 4 HOH 187 204 204 HOH HOH A . 
E 4 HOH 188 205 205 HOH HOH A . 
E 4 HOH 189 206 206 HOH HOH A . 
E 4 HOH 190 207 207 HOH HOH A . 
E 4 HOH 191 208 208 HOH HOH A . 
E 4 HOH 192 209 209 HOH HOH A . 
E 4 HOH 193 210 210 HOH HOH A . 
E 4 HOH 194 211 211 HOH HOH A . 
E 4 HOH 195 212 212 HOH HOH A . 
E 4 HOH 196 213 213 HOH HOH A . 
E 4 HOH 197 214 214 HOH HOH A . 
E 4 HOH 198 215 215 HOH HOH A . 
E 4 HOH 199 216 216 HOH HOH A . 
E 4 HOH 200 217 217 HOH HOH A . 
E 4 HOH 201 218 218 HOH HOH A . 
E 4 HOH 202 219 219 HOH HOH A . 
E 4 HOH 203 220 220 HOH HOH A . 
E 4 HOH 204 221 221 HOH HOH A . 
E 4 HOH 205 222 222 HOH HOH A . 
E 4 HOH 206 223 223 HOH HOH A . 
E 4 HOH 207 224 224 HOH HOH A . 
E 4 HOH 208 225 225 HOH HOH A . 
E 4 HOH 209 226 226 HOH HOH A . 
E 4 HOH 210 227 227 HOH HOH A . 
E 4 HOH 211 228 228 HOH HOH A . 
E 4 HOH 212 229 229 HOH HOH A . 
E 4 HOH 213 230 230 HOH HOH A . 
E 4 HOH 214 231 231 HOH HOH A . 
E 4 HOH 215 232 232 HOH HOH A . 
E 4 HOH 216 233 233 HOH HOH A . 
E 4 HOH 217 234 234 HOH HOH A . 
E 4 HOH 218 235 235 HOH HOH A . 
E 4 HOH 219 236 236 HOH HOH A . 
# 
_pdbx_struct_assembly.id                   1 
_pdbx_struct_assembly.details              author_defined_assembly 
_pdbx_struct_assembly.method_details       ? 
_pdbx_struct_assembly.oligomeric_details   monomeric 
_pdbx_struct_assembly.oligomeric_count     1 
# 
_pdbx_struct_assembly_gen.assembly_id       1 
_pdbx_struct_assembly_gen.oper_expression   1 
_pdbx_struct_assembly_gen.asym_id_list      A,B,C,D,E 
# 
_pdbx_struct_oper_list.id                   1 
_pdbx_struct_oper_list.type                 'identity operation' 
_pdbx_struct_oper_list.name                 1_555 
_pdbx_struct_oper_list.symmetry_operation   x,y,z 
_pdbx_struct_oper_list.matrix[1][1]         1.0000000000 
_pdbx_struct_oper_list.matrix[1][2]         0.0000000000 
_pdbx_struct_oper_list.matrix[1][3]         0.0000000000 
_pdbx_struct_oper_list.vector[1]            0.0000000000 
_pdbx_struct_oper_list.matrix[2][1]         0.0000000000 
_pdbx_struct_oper_list.matrix[2][2]         1.0000000000 
_pdbx_struct_oper_list.matrix[2][3]         0.0000000000 
_pdbx_struct_oper_list.vector[2]            0.0000000000 
_pdbx_struct_oper_list.matrix[3][1]         0.0000000000 
_pdbx_struct_oper_list.matrix[3][2]         0.0000000000 
_pdbx_struct_oper_list.matrix[3][3]         1.0000000000 
_pdbx_struct_oper_list.vector[3]            0.0000000000 
# 
loop_
_pdbx_audit_revision_history.ordinal 
_pdbx_audit_revision_history.data_content_type 
_pdbx_audit_revision_history.major_revision 
_pdbx_audit_revision_history.minor_revision 
_pdbx_audit_revision_history.revision_date 
1 'Structure model' 1 0 2006-01-03 
2 'Structure model' 1 1 2008-04-30 
3 'Structure model' 1 2 2011-07-13 
4 'Structure model' 1 3 2021-10-20 
5 'Structure model' 1 4 2023-08-23 
# 
_pdbx_audit_revision_details.ordinal             1 
_pdbx_audit_revision_details.revision_ordinal    1 
_pdbx_audit_revision_details.data_content_type   'Structure model' 
_pdbx_audit_revision_details.provider            repository 
_pdbx_audit_revision_details.type                'Initial release' 
_pdbx_audit_revision_details.description         ? 
_pdbx_audit_revision_details.details             ? 
# 
loop_
_pdbx_audit_revision_group.ordinal 
_pdbx_audit_revision_group.revision_ordinal 
_pdbx_audit_revision_group.data_content_type 
_pdbx_audit_revision_group.group 
1 2 'Structure model' 'Version format compliance' 
2 3 'Structure model' 'Version format compliance' 
3 4 'Structure model' 'Database references'       
4 4 'Structure model' 'Derived calculations'      
5 5 'Structure model' 'Data collection'           
6 5 'Structure model' 'Refinement description'    
# 
loop_
_pdbx_audit_revision_category.ordinal 
_pdbx_audit_revision_category.revision_ordinal 
_pdbx_audit_revision_category.data_content_type 
_pdbx_audit_revision_category.category 
1 4 'Structure model' database_2                    
2 4 'Structure model' struct_ref_seq_dif            
3 4 'Structure model' struct_site                   
4 5 'Structure model' chem_comp_atom                
5 5 'Structure model' chem_comp_bond                
6 5 'Structure model' pdbx_initial_refinement_model 
# 
loop_
_pdbx_audit_revision_item.ordinal 
_pdbx_audit_revision_item.revision_ordinal 
_pdbx_audit_revision_item.data_content_type 
_pdbx_audit_revision_item.item 
1 4 'Structure model' '_database_2.pdbx_DOI'                
2 4 'Structure model' '_database_2.pdbx_database_accession' 
3 4 'Structure model' '_struct_ref_seq_dif.details'         
4 4 'Structure model' '_struct_site.pdbx_auth_asym_id'      
5 4 'Structure model' '_struct_site.pdbx_auth_comp_id'      
6 4 'Structure model' '_struct_site.pdbx_auth_seq_id'       
# 
loop_
_software.name 
_software.classification 
_software.version 
_software.citation_id 
_software.pdbx_ordinal 
CNS       refinement       1.1 ? 1 
HKL-2000  'data reduction' .   ? 2 
SCALEPACK 'data scaling'   .   ? 3 
CNS       phasing          .   ? 4 
# 
_pdbx_database_remark.id     999 
_pdbx_database_remark.text   
; SEQUENCE
Out of the four isoform sequences generated by alternate 
splicing, the entry belongs to isoform 1
;
# 
loop_
_pdbx_validate_torsion.id 
_pdbx_validate_torsion.PDB_model_num 
_pdbx_validate_torsion.auth_comp_id 
_pdbx_validate_torsion.auth_asym_id 
_pdbx_validate_torsion.auth_seq_id 
_pdbx_validate_torsion.PDB_ins_code 
_pdbx_validate_torsion.label_alt_id 
_pdbx_validate_torsion.phi 
_pdbx_validate_torsion.psi 
1 1 THR A 439 ? ? 77.91   -4.87   
2 1 SER A 473 ? ? -136.00 -149.80 
3 1 GLU A 478 ? ? -129.76 -63.45  
4 1 GLU A 478 ? ? -129.06 -63.45  
# 
loop_
_pdbx_unobs_or_zero_occ_residues.id 
_pdbx_unobs_or_zero_occ_residues.PDB_model_num 
_pdbx_unobs_or_zero_occ_residues.polymer_flag 
_pdbx_unobs_or_zero_occ_residues.occupancy_flag 
_pdbx_unobs_or_zero_occ_residues.auth_asym_id 
_pdbx_unobs_or_zero_occ_residues.auth_comp_id 
_pdbx_unobs_or_zero_occ_residues.auth_seq_id 
_pdbx_unobs_or_zero_occ_residues.PDB_ins_code 
_pdbx_unobs_or_zero_occ_residues.label_asym_id 
_pdbx_unobs_or_zero_occ_residues.label_comp_id 
_pdbx_unobs_or_zero_occ_residues.label_seq_id 
1 1 Y 1 A CYS 461 ? A CYS 86 
2 1 Y 1 A SER 462 ? A SER 87 
3 1 Y 1 A LEU 463 ? A LEU 88 
4 1 Y 1 A ASP 464 ? A ASP 89 
# 
loop_
_chem_comp_atom.comp_id 
_chem_comp_atom.atom_id 
_chem_comp_atom.type_symbol 
_chem_comp_atom.pdbx_aromatic_flag 
_chem_comp_atom.pdbx_stereo_config 
_chem_comp_atom.pdbx_ordinal 
ALA N    N  N N 1   
ALA CA   C  N S 2   
ALA C    C  N N 3   
ALA O    O  N N 4   
ALA CB   C  N N 5   
ALA OXT  O  N N 6   
ALA H    H  N N 7   
ALA H2   H  N N 8   
ALA HA   H  N N 9   
ALA HB1  H  N N 10  
ALA HB2  H  N N 11  
ALA HB3  H  N N 12  
ALA HXT  H  N N 13  
ARG N    N  N N 14  
ARG CA   C  N S 15  
ARG C    C  N N 16  
ARG O    O  N N 17  
ARG CB   C  N N 18  
ARG CG   C  N N 19  
ARG CD   C  N N 20  
ARG NE   N  N N 21  
ARG CZ   C  N N 22  
ARG NH1  N  N N 23  
ARG NH2  N  N N 24  
ARG OXT  O  N N 25  
ARG H    H  N N 26  
ARG H2   H  N N 27  
ARG HA   H  N N 28  
ARG HB2  H  N N 29  
ARG HB3  H  N N 30  
ARG HG2  H  N N 31  
ARG HG3  H  N N 32  
ARG HD2  H  N N 33  
ARG HD3  H  N N 34  
ARG HE   H  N N 35  
ARG HH11 H  N N 36  
ARG HH12 H  N N 37  
ARG HH21 H  N N 38  
ARG HH22 H  N N 39  
ARG HXT  H  N N 40  
ASN N    N  N N 41  
ASN CA   C  N S 42  
ASN C    C  N N 43  
ASN O    O  N N 44  
ASN CB   C  N N 45  
ASN CG   C  N N 46  
ASN OD1  O  N N 47  
ASN ND2  N  N N 48  
ASN OXT  O  N N 49  
ASN H    H  N N 50  
ASN H2   H  N N 51  
ASN HA   H  N N 52  
ASN HB2  H  N N 53  
ASN HB3  H  N N 54  
ASN HD21 H  N N 55  
ASN HD22 H  N N 56  
ASN HXT  H  N N 57  
ASP N    N  N N 58  
ASP CA   C  N S 59  
ASP C    C  N N 60  
ASP O    O  N N 61  
ASP CB   C  N N 62  
ASP CG   C  N N 63  
ASP OD1  O  N N 64  
ASP OD2  O  N N 65  
ASP OXT  O  N N 66  
ASP H    H  N N 67  
ASP H2   H  N N 68  
ASP HA   H  N N 69  
ASP HB2  H  N N 70  
ASP HB3  H  N N 71  
ASP HD2  H  N N 72  
ASP HXT  H  N N 73  
CL  CL   CL N N 74  
CYS N    N  N N 75  
CYS CA   C  N R 76  
CYS C    C  N N 77  
CYS O    O  N N 78  
CYS CB   C  N N 79  
CYS SG   S  N N 80  
CYS OXT  O  N N 81  
CYS H    H  N N 82  
CYS H2   H  N N 83  
CYS HA   H  N N 84  
CYS HB2  H  N N 85  
CYS HB3  H  N N 86  
CYS HG   H  N N 87  
CYS HXT  H  N N 88  
GLN N    N  N N 89  
GLN CA   C  N S 90  
GLN C    C  N N 91  
GLN O    O  N N 92  
GLN CB   C  N N 93  
GLN CG   C  N N 94  
GLN CD   C  N N 95  
GLN OE1  O  N N 96  
GLN NE2  N  N N 97  
GLN OXT  O  N N 98  
GLN H    H  N N 99  
GLN H2   H  N N 100 
GLN HA   H  N N 101 
GLN HB2  H  N N 102 
GLN HB3  H  N N 103 
GLN HG2  H  N N 104 
GLN HG3  H  N N 105 
GLN HE21 H  N N 106 
GLN HE22 H  N N 107 
GLN HXT  H  N N 108 
GLU N    N  N N 109 
GLU CA   C  N S 110 
GLU C    C  N N 111 
GLU O    O  N N 112 
GLU CB   C  N N 113 
GLU CG   C  N N 114 
GLU CD   C  N N 115 
GLU OE1  O  N N 116 
GLU OE2  O  N N 117 
GLU OXT  O  N N 118 
GLU H    H  N N 119 
GLU H2   H  N N 120 
GLU HA   H  N N 121 
GLU HB2  H  N N 122 
GLU HB3  H  N N 123 
GLU HG2  H  N N 124 
GLU HG3  H  N N 125 
GLU HE2  H  N N 126 
GLU HXT  H  N N 127 
GLY N    N  N N 128 
GLY CA   C  N N 129 
GLY C    C  N N 130 
GLY O    O  N N 131 
GLY OXT  O  N N 132 
GLY H    H  N N 133 
GLY H2   H  N N 134 
GLY HA2  H  N N 135 
GLY HA3  H  N N 136 
GLY HXT  H  N N 137 
HIS N    N  N N 138 
HIS CA   C  N S 139 
HIS C    C  N N 140 
HIS O    O  N N 141 
HIS CB   C  N N 142 
HIS CG   C  Y N 143 
HIS ND1  N  Y N 144 
HIS CD2  C  Y N 145 
HIS CE1  C  Y N 146 
HIS NE2  N  Y N 147 
HIS OXT  O  N N 148 
HIS H    H  N N 149 
HIS H2   H  N N 150 
HIS HA   H  N N 151 
HIS HB2  H  N N 152 
HIS HB3  H  N N 153 
HIS HD1  H  N N 154 
HIS HD2  H  N N 155 
HIS HE1  H  N N 156 
HIS HE2  H  N N 157 
HIS HXT  H  N N 158 
HOH O    O  N N 159 
HOH H1   H  N N 160 
HOH H2   H  N N 161 
ILE N    N  N N 162 
ILE CA   C  N S 163 
ILE C    C  N N 164 
ILE O    O  N N 165 
ILE CB   C  N S 166 
ILE CG1  C  N N 167 
ILE CG2  C  N N 168 
ILE CD1  C  N N 169 
ILE OXT  O  N N 170 
ILE H    H  N N 171 
ILE H2   H  N N 172 
ILE HA   H  N N 173 
ILE HB   H  N N 174 
ILE HG12 H  N N 175 
ILE HG13 H  N N 176 
ILE HG21 H  N N 177 
ILE HG22 H  N N 178 
ILE HG23 H  N N 179 
ILE HD11 H  N N 180 
ILE HD12 H  N N 181 
ILE HD13 H  N N 182 
ILE HXT  H  N N 183 
LEU N    N  N N 184 
LEU CA   C  N S 185 
LEU C    C  N N 186 
LEU O    O  N N 187 
LEU CB   C  N N 188 
LEU CG   C  N N 189 
LEU CD1  C  N N 190 
LEU CD2  C  N N 191 
LEU OXT  O  N N 192 
LEU H    H  N N 193 
LEU H2   H  N N 194 
LEU HA   H  N N 195 
LEU HB2  H  N N 196 
LEU HB3  H  N N 197 
LEU HG   H  N N 198 
LEU HD11 H  N N 199 
LEU HD12 H  N N 200 
LEU HD13 H  N N 201 
LEU HD21 H  N N 202 
LEU HD22 H  N N 203 
LEU HD23 H  N N 204 
LEU HXT  H  N N 205 
LYS N    N  N N 206 
LYS CA   C  N S 207 
LYS C    C  N N 208 
LYS O    O  N N 209 
LYS CB   C  N N 210 
LYS CG   C  N N 211 
LYS CD   C  N N 212 
LYS CE   C  N N 213 
LYS NZ   N  N N 214 
LYS OXT  O  N N 215 
LYS H    H  N N 216 
LYS H2   H  N N 217 
LYS HA   H  N N 218 
LYS HB2  H  N N 219 
LYS HB3  H  N N 220 
LYS HG2  H  N N 221 
LYS HG3  H  N N 222 
LYS HD2  H  N N 223 
LYS HD3  H  N N 224 
LYS HE2  H  N N 225 
LYS HE3  H  N N 226 
LYS HZ1  H  N N 227 
LYS HZ2  H  N N 228 
LYS HZ3  H  N N 229 
LYS HXT  H  N N 230 
MET N    N  N N 231 
MET CA   C  N S 232 
MET C    C  N N 233 
MET O    O  N N 234 
MET CB   C  N N 235 
MET CG   C  N N 236 
MET SD   S  N N 237 
MET CE   C  N N 238 
MET OXT  O  N N 239 
MET H    H  N N 240 
MET H2   H  N N 241 
MET HA   H  N N 242 
MET HB2  H  N N 243 
MET HB3  H  N N 244 
MET HG2  H  N N 245 
MET HG3  H  N N 246 
MET HE1  H  N N 247 
MET HE2  H  N N 248 
MET HE3  H  N N 249 
MET HXT  H  N N 250 
PHE N    N  N N 251 
PHE CA   C  N S 252 
PHE C    C  N N 253 
PHE O    O  N N 254 
PHE CB   C  N N 255 
PHE CG   C  Y N 256 
PHE CD1  C  Y N 257 
PHE CD2  C  Y N 258 
PHE CE1  C  Y N 259 
PHE CE2  C  Y N 260 
PHE CZ   C  Y N 261 
PHE OXT  O  N N 262 
PHE H    H  N N 263 
PHE H2   H  N N 264 
PHE HA   H  N N 265 
PHE HB2  H  N N 266 
PHE HB3  H  N N 267 
PHE HD1  H  N N 268 
PHE HD2  H  N N 269 
PHE HE1  H  N N 270 
PHE HE2  H  N N 271 
PHE HZ   H  N N 272 
PHE HXT  H  N N 273 
PRO N    N  N N 274 
PRO CA   C  N S 275 
PRO C    C  N N 276 
PRO O    O  N N 277 
PRO CB   C  N N 278 
PRO CG   C  N N 279 
PRO CD   C  N N 280 
PRO OXT  O  N N 281 
PRO H    H  N N 282 
PRO HA   H  N N 283 
PRO HB2  H  N N 284 
PRO HB3  H  N N 285 
PRO HG2  H  N N 286 
PRO HG3  H  N N 287 
PRO HD2  H  N N 288 
PRO HD3  H  N N 289 
PRO HXT  H  N N 290 
SER N    N  N N 291 
SER CA   C  N S 292 
SER C    C  N N 293 
SER O    O  N N 294 
SER CB   C  N N 295 
SER OG   O  N N 296 
SER OXT  O  N N 297 
SER H    H  N N 298 
SER H2   H  N N 299 
SER HA   H  N N 300 
SER HB2  H  N N 301 
SER HB3  H  N N 302 
SER HG   H  N N 303 
SER HXT  H  N N 304 
SO4 S    S  N N 305 
SO4 O1   O  N N 306 
SO4 O2   O  N N 307 
SO4 O3   O  N N 308 
SO4 O4   O  N N 309 
THR N    N  N N 310 
THR CA   C  N S 311 
THR C    C  N N 312 
THR O    O  N N 313 
THR CB   C  N R 314 
THR OG1  O  N N 315 
THR CG2  C  N N 316 
THR OXT  O  N N 317 
THR H    H  N N 318 
THR H2   H  N N 319 
THR HA   H  N N 320 
THR HB   H  N N 321 
THR HG1  H  N N 322 
THR HG21 H  N N 323 
THR HG22 H  N N 324 
THR HG23 H  N N 325 
THR HXT  H  N N 326 
TRP N    N  N N 327 
TRP CA   C  N S 328 
TRP C    C  N N 329 
TRP O    O  N N 330 
TRP CB   C  N N 331 
TRP CG   C  Y N 332 
TRP CD1  C  Y N 333 
TRP CD2  C  Y N 334 
TRP NE1  N  Y N 335 
TRP CE2  C  Y N 336 
TRP CE3  C  Y N 337 
TRP CZ2  C  Y N 338 
TRP CZ3  C  Y N 339 
TRP CH2  C  Y N 340 
TRP OXT  O  N N 341 
TRP H    H  N N 342 
TRP H2   H  N N 343 
TRP HA   H  N N 344 
TRP HB2  H  N N 345 
TRP HB3  H  N N 346 
TRP HD1  H  N N 347 
TRP HE1  H  N N 348 
TRP HE3  H  N N 349 
TRP HZ2  H  N N 350 
TRP HZ3  H  N N 351 
TRP HH2  H  N N 352 
TRP HXT  H  N N 353 
TYR N    N  N N 354 
TYR CA   C  N S 355 
TYR C    C  N N 356 
TYR O    O  N N 357 
TYR CB   C  N N 358 
TYR CG   C  Y N 359 
TYR CD1  C  Y N 360 
TYR CD2  C  Y N 361 
TYR CE1  C  Y N 362 
TYR CE2  C  Y N 363 
TYR CZ   C  Y N 364 
TYR OH   O  N N 365 
TYR OXT  O  N N 366 
TYR H    H  N N 367 
TYR H2   H  N N 368 
TYR HA   H  N N 369 
TYR HB2  H  N N 370 
TYR HB3  H  N N 371 
TYR HD1  H  N N 372 
TYR HD2  H  N N 373 
TYR HE1  H  N N 374 
TYR HE2  H  N N 375 
TYR HH   H  N N 376 
TYR HXT  H  N N 377 
VAL N    N  N N 378 
VAL CA   C  N S 379 
VAL C    C  N N 380 
VAL O    O  N N 381 
VAL CB   C  N N 382 
VAL CG1  C  N N 383 
VAL CG2  C  N N 384 
VAL OXT  O  N N 385 
VAL H    H  N N 386 
VAL H2   H  N N 387 
VAL HA   H  N N 388 
VAL HB   H  N N 389 
VAL HG11 H  N N 390 
VAL HG12 H  N N 391 
VAL HG13 H  N N 392 
VAL HG21 H  N N 393 
VAL HG22 H  N N 394 
VAL HG23 H  N N 395 
VAL HXT  H  N N 396 
# 
loop_
_chem_comp_bond.comp_id 
_chem_comp_bond.atom_id_1 
_chem_comp_bond.atom_id_2 
_chem_comp_bond.value_order 
_chem_comp_bond.pdbx_aromatic_flag 
_chem_comp_bond.pdbx_stereo_config 
_chem_comp_bond.pdbx_ordinal 
ALA N   CA   sing N N 1   
ALA N   H    sing N N 2   
ALA N   H2   sing N N 3   
ALA CA  C    sing N N 4   
ALA CA  CB   sing N N 5   
ALA CA  HA   sing N N 6   
ALA C   O    doub N N 7   
ALA C   OXT  sing N N 8   
ALA CB  HB1  sing N N 9   
ALA CB  HB2  sing N N 10  
ALA CB  HB3  sing N N 11  
ALA OXT HXT  sing N N 12  
ARG N   CA   sing N N 13  
ARG N   H    sing N N 14  
ARG N   H2   sing N N 15  
ARG CA  C    sing N N 16  
ARG CA  CB   sing N N 17  
ARG CA  HA   sing N N 18  
ARG C   O    doub N N 19  
ARG C   OXT  sing N N 20  
ARG CB  CG   sing N N 21  
ARG CB  HB2  sing N N 22  
ARG CB  HB3  sing N N 23  
ARG CG  CD   sing N N 24  
ARG CG  HG2  sing N N 25  
ARG CG  HG3  sing N N 26  
ARG CD  NE   sing N N 27  
ARG CD  HD2  sing N N 28  
ARG CD  HD3  sing N N 29  
ARG NE  CZ   sing N N 30  
ARG NE  HE   sing N N 31  
ARG CZ  NH1  sing N N 32  
ARG CZ  NH2  doub N N 33  
ARG NH1 HH11 sing N N 34  
ARG NH1 HH12 sing N N 35  
ARG NH2 HH21 sing N N 36  
ARG NH2 HH22 sing N N 37  
ARG OXT HXT  sing N N 38  
ASN N   CA   sing N N 39  
ASN N   H    sing N N 40  
ASN N   H2   sing N N 41  
ASN CA  C    sing N N 42  
ASN CA  CB   sing N N 43  
ASN CA  HA   sing N N 44  
ASN C   O    doub N N 45  
ASN C   OXT  sing N N 46  
ASN CB  CG   sing N N 47  
ASN CB  HB2  sing N N 48  
ASN CB  HB3  sing N N 49  
ASN CG  OD1  doub N N 50  
ASN CG  ND2  sing N N 51  
ASN ND2 HD21 sing N N 52  
ASN ND2 HD22 sing N N 53  
ASN OXT HXT  sing N N 54  
ASP N   CA   sing N N 55  
ASP N   H    sing N N 56  
ASP N   H2   sing N N 57  
ASP CA  C    sing N N 58  
ASP CA  CB   sing N N 59  
ASP CA  HA   sing N N 60  
ASP C   O    doub N N 61  
ASP C   OXT  sing N N 62  
ASP CB  CG   sing N N 63  
ASP CB  HB2  sing N N 64  
ASP CB  HB3  sing N N 65  
ASP CG  OD1  doub N N 66  
ASP CG  OD2  sing N N 67  
ASP OD2 HD2  sing N N 68  
ASP OXT HXT  sing N N 69  
CYS N   CA   sing N N 70  
CYS N   H    sing N N 71  
CYS N   H2   sing N N 72  
CYS CA  C    sing N N 73  
CYS CA  CB   sing N N 74  
CYS CA  HA   sing N N 75  
CYS C   O    doub N N 76  
CYS C   OXT  sing N N 77  
CYS CB  SG   sing N N 78  
CYS CB  HB2  sing N N 79  
CYS CB  HB3  sing N N 80  
CYS SG  HG   sing N N 81  
CYS OXT HXT  sing N N 82  
GLN N   CA   sing N N 83  
GLN N   H    sing N N 84  
GLN N   H2   sing N N 85  
GLN CA  C    sing N N 86  
GLN CA  CB   sing N N 87  
GLN CA  HA   sing N N 88  
GLN C   O    doub N N 89  
GLN C   OXT  sing N N 90  
GLN CB  CG   sing N N 91  
GLN CB  HB2  sing N N 92  
GLN CB  HB3  sing N N 93  
GLN CG  CD   sing N N 94  
GLN CG  HG2  sing N N 95  
GLN CG  HG3  sing N N 96  
GLN CD  OE1  doub N N 97  
GLN CD  NE2  sing N N 98  
GLN NE2 HE21 sing N N 99  
GLN NE2 HE22 sing N N 100 
GLN OXT HXT  sing N N 101 
GLU N   CA   sing N N 102 
GLU N   H    sing N N 103 
GLU N   H2   sing N N 104 
GLU CA  C    sing N N 105 
GLU CA  CB   sing N N 106 
GLU CA  HA   sing N N 107 
GLU C   O    doub N N 108 
GLU C   OXT  sing N N 109 
GLU CB  CG   sing N N 110 
GLU CB  HB2  sing N N 111 
GLU CB  HB3  sing N N 112 
GLU CG  CD   sing N N 113 
GLU CG  HG2  sing N N 114 
GLU CG  HG3  sing N N 115 
GLU CD  OE1  doub N N 116 
GLU CD  OE2  sing N N 117 
GLU OE2 HE2  sing N N 118 
GLU OXT HXT  sing N N 119 
GLY N   CA   sing N N 120 
GLY N   H    sing N N 121 
GLY N   H2   sing N N 122 
GLY CA  C    sing N N 123 
GLY CA  HA2  sing N N 124 
GLY CA  HA3  sing N N 125 
GLY C   O    doub N N 126 
GLY C   OXT  sing N N 127 
GLY OXT HXT  sing N N 128 
HIS N   CA   sing N N 129 
HIS N   H    sing N N 130 
HIS N   H2   sing N N 131 
HIS CA  C    sing N N 132 
HIS CA  CB   sing N N 133 
HIS CA  HA   sing N N 134 
HIS C   O    doub N N 135 
HIS C   OXT  sing N N 136 
HIS CB  CG   sing N N 137 
HIS CB  HB2  sing N N 138 
HIS CB  HB3  sing N N 139 
HIS CG  ND1  sing Y N 140 
HIS CG  CD2  doub Y N 141 
HIS ND1 CE1  doub Y N 142 
HIS ND1 HD1  sing N N 143 
HIS CD2 NE2  sing Y N 144 
HIS CD2 HD2  sing N N 145 
HIS CE1 NE2  sing Y N 146 
HIS CE1 HE1  sing N N 147 
HIS NE2 HE2  sing N N 148 
HIS OXT HXT  sing N N 149 
HOH O   H1   sing N N 150 
HOH O   H2   sing N N 151 
ILE N   CA   sing N N 152 
ILE N   H    sing N N 153 
ILE N   H2   sing N N 154 
ILE CA  C    sing N N 155 
ILE CA  CB   sing N N 156 
ILE CA  HA   sing N N 157 
ILE C   O    doub N N 158 
ILE C   OXT  sing N N 159 
ILE CB  CG1  sing N N 160 
ILE CB  CG2  sing N N 161 
ILE CB  HB   sing N N 162 
ILE CG1 CD1  sing N N 163 
ILE CG1 HG12 sing N N 164 
ILE CG1 HG13 sing N N 165 
ILE CG2 HG21 sing N N 166 
ILE CG2 HG22 sing N N 167 
ILE CG2 HG23 sing N N 168 
ILE CD1 HD11 sing N N 169 
ILE CD1 HD12 sing N N 170 
ILE CD1 HD13 sing N N 171 
ILE OXT HXT  sing N N 172 
LEU N   CA   sing N N 173 
LEU N   H    sing N N 174 
LEU N   H2   sing N N 175 
LEU CA  C    sing N N 176 
LEU CA  CB   sing N N 177 
LEU CA  HA   sing N N 178 
LEU C   O    doub N N 179 
LEU C   OXT  sing N N 180 
LEU CB  CG   sing N N 181 
LEU CB  HB2  sing N N 182 
LEU CB  HB3  sing N N 183 
LEU CG  CD1  sing N N 184 
LEU CG  CD2  sing N N 185 
LEU CG  HG   sing N N 186 
LEU CD1 HD11 sing N N 187 
LEU CD1 HD12 sing N N 188 
LEU CD1 HD13 sing N N 189 
LEU CD2 HD21 sing N N 190 
LEU CD2 HD22 sing N N 191 
LEU CD2 HD23 sing N N 192 
LEU OXT HXT  sing N N 193 
LYS N   CA   sing N N 194 
LYS N   H    sing N N 195 
LYS N   H2   sing N N 196 
LYS CA  C    sing N N 197 
LYS CA  CB   sing N N 198 
LYS CA  HA   sing N N 199 
LYS C   O    doub N N 200 
LYS C   OXT  sing N N 201 
LYS CB  CG   sing N N 202 
LYS CB  HB2  sing N N 203 
LYS CB  HB3  sing N N 204 
LYS CG  CD   sing N N 205 
LYS CG  HG2  sing N N 206 
LYS CG  HG3  sing N N 207 
LYS CD  CE   sing N N 208 
LYS CD  HD2  sing N N 209 
LYS CD  HD3  sing N N 210 
LYS CE  NZ   sing N N 211 
LYS CE  HE2  sing N N 212 
LYS CE  HE3  sing N N 213 
LYS NZ  HZ1  sing N N 214 
LYS NZ  HZ2  sing N N 215 
LYS NZ  HZ3  sing N N 216 
LYS OXT HXT  sing N N 217 
MET N   CA   sing N N 218 
MET N   H    sing N N 219 
MET N   H2   sing N N 220 
MET CA  C    sing N N 221 
MET CA  CB   sing N N 222 
MET CA  HA   sing N N 223 
MET C   O    doub N N 224 
MET C   OXT  sing N N 225 
MET CB  CG   sing N N 226 
MET CB  HB2  sing N N 227 
MET CB  HB3  sing N N 228 
MET CG  SD   sing N N 229 
MET CG  HG2  sing N N 230 
MET CG  HG3  sing N N 231 
MET SD  CE   sing N N 232 
MET CE  HE1  sing N N 233 
MET CE  HE2  sing N N 234 
MET CE  HE3  sing N N 235 
MET OXT HXT  sing N N 236 
PHE N   CA   sing N N 237 
PHE N   H    sing N N 238 
PHE N   H2   sing N N 239 
PHE CA  C    sing N N 240 
PHE CA  CB   sing N N 241 
PHE CA  HA   sing N N 242 
PHE C   O    doub N N 243 
PHE C   OXT  sing N N 244 
PHE CB  CG   sing N N 245 
PHE CB  HB2  sing N N 246 
PHE CB  HB3  sing N N 247 
PHE CG  CD1  doub Y N 248 
PHE CG  CD2  sing Y N 249 
PHE CD1 CE1  sing Y N 250 
PHE CD1 HD1  sing N N 251 
PHE CD2 CE2  doub Y N 252 
PHE CD2 HD2  sing N N 253 
PHE CE1 CZ   doub Y N 254 
PHE CE1 HE1  sing N N 255 
PHE CE2 CZ   sing Y N 256 
PHE CE2 HE2  sing N N 257 
PHE CZ  HZ   sing N N 258 
PHE OXT HXT  sing N N 259 
PRO N   CA   sing N N 260 
PRO N   CD   sing N N 261 
PRO N   H    sing N N 262 
PRO CA  C    sing N N 263 
PRO CA  CB   sing N N 264 
PRO CA  HA   sing N N 265 
PRO C   O    doub N N 266 
PRO C   OXT  sing N N 267 
PRO CB  CG   sing N N 268 
PRO CB  HB2  sing N N 269 
PRO CB  HB3  sing N N 270 
PRO CG  CD   sing N N 271 
PRO CG  HG2  sing N N 272 
PRO CG  HG3  sing N N 273 
PRO CD  HD2  sing N N 274 
PRO CD  HD3  sing N N 275 
PRO OXT HXT  sing N N 276 
SER N   CA   sing N N 277 
SER N   H    sing N N 278 
SER N   H2   sing N N 279 
SER CA  C    sing N N 280 
SER CA  CB   sing N N 281 
SER CA  HA   sing N N 282 
SER C   O    doub N N 283 
SER C   OXT  sing N N 284 
SER CB  OG   sing N N 285 
SER CB  HB2  sing N N 286 
SER CB  HB3  sing N N 287 
SER OG  HG   sing N N 288 
SER OXT HXT  sing N N 289 
SO4 S   O1   doub N N 290 
SO4 S   O2   doub N N 291 
SO4 S   O3   sing N N 292 
SO4 S   O4   sing N N 293 
THR N   CA   sing N N 294 
THR N   H    sing N N 295 
THR N   H2   sing N N 296 
THR CA  C    sing N N 297 
THR CA  CB   sing N N 298 
THR CA  HA   sing N N 299 
THR C   O    doub N N 300 
THR C   OXT  sing N N 301 
THR CB  OG1  sing N N 302 
THR CB  CG2  sing N N 303 
THR CB  HB   sing N N 304 
THR OG1 HG1  sing N N 305 
THR CG2 HG21 sing N N 306 
THR CG2 HG22 sing N N 307 
THR CG2 HG23 sing N N 308 
THR OXT HXT  sing N N 309 
TRP N   CA   sing N N 310 
TRP N   H    sing N N 311 
TRP N   H2   sing N N 312 
TRP CA  C    sing N N 313 
TRP CA  CB   sing N N 314 
TRP CA  HA   sing N N 315 
TRP C   O    doub N N 316 
TRP C   OXT  sing N N 317 
TRP CB  CG   sing N N 318 
TRP CB  HB2  sing N N 319 
TRP CB  HB3  sing N N 320 
TRP CG  CD1  doub Y N 321 
TRP CG  CD2  sing Y N 322 
TRP CD1 NE1  sing Y N 323 
TRP CD1 HD1  sing N N 324 
TRP CD2 CE2  doub Y N 325 
TRP CD2 CE3  sing Y N 326 
TRP NE1 CE2  sing Y N 327 
TRP NE1 HE1  sing N N 328 
TRP CE2 CZ2  sing Y N 329 
TRP CE3 CZ3  doub Y N 330 
TRP CE3 HE3  sing N N 331 
TRP CZ2 CH2  doub Y N 332 
TRP CZ2 HZ2  sing N N 333 
TRP CZ3 CH2  sing Y N 334 
TRP CZ3 HZ3  sing N N 335 
TRP CH2 HH2  sing N N 336 
TRP OXT HXT  sing N N 337 
TYR N   CA   sing N N 338 
TYR N   H    sing N N 339 
TYR N   H2   sing N N 340 
TYR CA  C    sing N N 341 
TYR CA  CB   sing N N 342 
TYR CA  HA   sing N N 343 
TYR C   O    doub N N 344 
TYR C   OXT  sing N N 345 
TYR CB  CG   sing N N 346 
TYR CB  HB2  sing N N 347 
TYR CB  HB3  sing N N 348 
TYR CG  CD1  doub Y N 349 
TYR CG  CD2  sing Y N 350 
TYR CD1 CE1  sing Y N 351 
TYR CD1 HD1  sing N N 352 
TYR CD2 CE2  doub Y N 353 
TYR CD2 HD2  sing N N 354 
TYR CE1 CZ   doub Y N 355 
TYR CE1 HE1  sing N N 356 
TYR CE2 CZ   sing Y N 357 
TYR CE2 HE2  sing N N 358 
TYR CZ  OH   sing N N 359 
TYR OH  HH   sing N N 360 
TYR OXT HXT  sing N N 361 
VAL N   CA   sing N N 362 
VAL N   H    sing N N 363 
VAL N   H2   sing N N 364 
VAL CA  C    sing N N 365 
VAL CA  CB   sing N N 366 
VAL CA  HA   sing N N 367 
VAL C   O    doub N N 368 
VAL C   OXT  sing N N 369 
VAL CB  CG1  sing N N 370 
VAL CB  CG2  sing N N 371 
VAL CB  HB   sing N N 372 
VAL CG1 HG11 sing N N 373 
VAL CG1 HG12 sing N N 374 
VAL CG1 HG13 sing N N 375 
VAL CG2 HG21 sing N N 376 
VAL CG2 HG22 sing N N 377 
VAL CG2 HG23 sing N N 378 
VAL OXT HXT  sing N N 379 
# 
loop_
_pdbx_entity_nonpoly.entity_id 
_pdbx_entity_nonpoly.name 
_pdbx_entity_nonpoly.comp_id 
2 'CHLORIDE ION' CL  
3 'SULFATE ION'  SO4 
4 water          HOH 
# 
_pdbx_initial_refinement_model.id               1 
_pdbx_initial_refinement_model.entity_id_list   ? 
_pdbx_initial_refinement_model.type             'experimental model' 
_pdbx_initial_refinement_model.source_name      PDB 
_pdbx_initial_refinement_model.accession_code   1YMK 
_pdbx_initial_refinement_model.details          'PDB ENTRY 1YMK' 
# 
